data_4L37
#
_entry.id   4L37
#
_cell.length_a   192.750
_cell.length_b   192.750
_cell.length_c   180.820
_cell.angle_alpha   90.00
_cell.angle_beta   90.00
_cell.angle_gamma   120.00
#
_symmetry.space_group_name_H-M   'P 63 2 2'
#
loop_
_entity.id
_entity.type
_entity.pdbx_description
1 polymer 'Silkworm storage protein'
2 polymer Arylphorin
3 branched alpha-D-mannopyranose-(1-3)-[alpha-D-mannopyranose-(1-6)]beta-D-mannopyranose-(1-4)-2-acetamido-2-deoxy-beta-D-glucopyranose-(1-4)-2-acetamido-2-deoxy-beta-D-glucopyranose
4 non-polymer 'SULFATE ION'
5 non-polymer 'SODIUM ION'
6 non-polymer 'THIOCYANATE ION'
7 water water
#
loop_
_entity_poly.entity_id
_entity_poly.type
_entity_poly.pdbx_seq_one_letter_code
_entity_poly.pdbx_strand_id
1 'polypeptide(L)'
;STVPEFKTTPVDAAFVEKQKKILSLFYNVNEISYEAEYYKVAQDFNIEASKDCYTNMKAYENFMMMYKVGFLPKNLEFSI
FYEKMREEAIALFKLFYYAKDFECFYKTACYARVYMNQGMFLYAYYIAIIQRSDTASFVLPAPYEAYPQYFVNMEVKNKM
DYVKMMDGCLDEKICYNYGIIKENEQFVMYANYSNSLTYPNNEDRIAYLTEDVGLNAYYYYFHSHLPFWWNSGKYGAFKE
RRGEIYFFFYQQLLARYYMERLTNGLGKIPEFSWYSPLRTGYLPPFNSFYYPFAQRSNDYELHTEKNYEEIRFLDIYEKT
FFQYLQQGHFKAFDKKIDLHSSKAVNFVGNYWQTNADLFEEDFLQFYQRSYEVNARRVLGAAPKPFNQYTFIPSALDFYQ
TSARDPAFYQLYKRIVQYIIEFKQYQVPYTQEALHFVGLKISDVKVDKMVTFFDHFDFDAFNTVYFSKEELKSSPHGYKV
RQPRLNHKPFTVTIDIKSDVATNAVVKMFLGPKYDENGFPFSLEDNWMNFYELDWFVQKVNPGQSQITRSSTDFAFFKED
SLPMAEIYKLLDQGKIPTDMFNSSDTMPSRLMLPKGTYDGFPFQLFVFVYPYEPTPKESEPFKAVVPDNKPFGYPFDRPV
LPQYFKQPNMFFKKVLVYHEGELFPYLFNIPHYTPDKAQL
;
A
2 'polypeptide(L)'
;SAVPKPSTIKTKNVDAVFVEKQKKILSFFQDVSQLNTDDEYYKIGKDYDIEMNMDNYTNKKAVEEFLKMYRTGFMPKNLE
FSVFYDKMRDEAIALFHLFYYAKDFETFYKTACFARVHLNQGQFLYAFYIAVIQRSDCHGFVVPAPYEVYPKMFMNMEVL
QKIYVTKMQDGLINPEAAAKYGIHKENDYFVYKANYSNAVLYNNEEQRLTYFTEDIGMNAYYYYFHSHLPFWWTSEKYGA
LKERRGEVYFYFYQQLLARYYFERLTNGLGKIPEFSWYSPIKTGYYPLMLTKFTPFAQRPDYYNLHTEENYERVRFLDTY
EKTFVQFLQKDHFEAFGQKIDFHDPKAINFVGNYWQDNADLYGEEVTKDYQRSYEVFARRVLGAAPMPFDKYTFMPSAMD
FYQTSLRDPAFYQLYNRIVEYIVEFKQYLKPYTQDKLYFDGVKITDVKVDKLTTFFENFEFDASNSVYFSKEEIKNNHVH
DVKVRQPRLNHSPFNVNIEVDSNVASDAVVKIFLAPKYDDNGIPLTLEDNWMKFFELDWFTTKLTAGQNKIIRNSNEFVI
FKEDSVPMTEIMKMLDEGKVPFDMSEEFCYMPKRLMLPRGTEGGFPFQLFVFVYPFDNKGKDLAPFESFVLDNKPLGFPL
DRPVVDALFKVPNMYFKDIFIYHEGERFPYKFNIPSYDTQSNVVPKN
;
B
#
# COMPACT_ATOMS: atom_id res chain seq x y z
N PHE A 6 33.97 -15.12 12.65
CA PHE A 6 33.66 -16.57 12.73
C PHE A 6 33.95 -17.14 14.14
N LYS A 7 33.96 -16.25 15.15
CA LYS A 7 34.34 -16.64 16.54
C LYS A 7 33.24 -17.20 17.45
N THR A 8 33.59 -18.25 18.21
CA THR A 8 32.61 -18.98 19.07
C THR A 8 32.95 -18.97 20.57
N THR A 9 32.08 -19.61 21.38
CA THR A 9 32.26 -19.84 22.84
C THR A 9 31.67 -21.21 23.24
N PRO A 10 32.42 -22.01 24.03
CA PRO A 10 31.89 -23.32 24.48
C PRO A 10 30.75 -23.26 25.50
N VAL A 11 30.02 -24.36 25.61
CA VAL A 11 28.70 -24.39 26.20
C VAL A 11 28.38 -25.86 26.50
N ASP A 12 27.79 -26.16 27.65
CA ASP A 12 27.55 -27.58 28.00
C ASP A 12 26.20 -28.07 27.51
N ALA A 13 25.81 -29.26 27.94
CA ALA A 13 24.58 -29.88 27.43
C ALA A 13 23.30 -29.31 28.04
N ALA A 14 23.41 -28.85 29.28
CA ALA A 14 22.28 -28.25 29.96
C ALA A 14 21.96 -26.92 29.26
N PHE A 15 23.01 -26.17 28.92
CA PHE A 15 22.81 -24.95 28.16
C PHE A 15 22.12 -25.31 26.85
N VAL A 16 22.76 -26.18 26.06
CA VAL A 16 22.23 -26.55 24.75
C VAL A 16 20.75 -26.89 24.79
N GLU A 17 20.35 -27.67 25.78
CA GLU A 17 18.99 -28.13 25.84
C GLU A 17 18.06 -26.96 26.16
N LYS A 18 18.49 -26.09 27.07
CA LYS A 18 17.72 -24.90 27.47
C LYS A 18 17.64 -23.90 26.32
N GLN A 19 18.77 -23.72 25.64
CA GLN A 19 18.84 -22.85 24.49
C GLN A 19 17.86 -23.26 23.44
N LYS A 20 17.94 -24.52 23.05
CA LYS A 20 17.06 -25.09 22.02
C LYS A 20 15.61 -24.78 22.41
N LYS A 21 15.29 -24.90 23.70
CA LYS A 21 13.92 -24.63 24.16
C LYS A 21 13.54 -23.19 23.85
N ILE A 22 14.41 -22.25 24.24
CA ILE A 22 14.22 -20.84 23.85
C ILE A 22 13.99 -20.66 22.33
N LEU A 23 14.81 -21.30 21.51
CA LEU A 23 14.70 -21.01 20.08
C LEU A 23 13.51 -21.65 19.45
N SER A 24 12.94 -22.66 20.10
CA SER A 24 11.94 -23.49 19.45
C SER A 24 10.72 -22.67 19.17
N LEU A 25 10.51 -21.59 19.92
CA LEU A 25 9.32 -20.79 19.79
C LEU A 25 9.39 -19.81 18.61
N PHE A 26 10.55 -19.67 17.99
CA PHE A 26 10.70 -18.82 16.80
C PHE A 26 10.48 -19.59 15.48
N TYR A 27 10.03 -20.84 15.56
CA TYR A 27 9.75 -21.63 14.35
C TYR A 27 8.32 -21.47 13.82
N ASN A 28 8.19 -20.82 12.66
CA ASN A 28 6.92 -20.78 11.94
C ASN A 28 5.94 -20.01 12.80
N VAL A 29 6.48 -18.89 13.26
CA VAL A 29 5.88 -17.95 14.16
C VAL A 29 4.46 -17.53 13.75
N ASN A 30 4.18 -17.61 12.46
CA ASN A 30 2.94 -17.12 11.90
C ASN A 30 1.82 -18.19 11.98
N GLU A 31 2.11 -19.35 12.58
CA GLU A 31 1.15 -20.46 12.61
C GLU A 31 1.35 -21.24 13.89
N ILE A 32 0.63 -22.35 14.02
CA ILE A 32 0.81 -23.28 15.14
C ILE A 32 1.02 -24.74 14.65
N SER A 33 2.11 -25.38 15.07
CA SER A 33 2.27 -26.82 14.80
C SER A 33 1.53 -27.58 15.89
N TYR A 34 0.39 -28.18 15.53
CA TYR A 34 -0.39 -28.91 16.52
C TYR A 34 0.37 -30.10 17.10
N GLU A 35 1.43 -30.54 16.40
CA GLU A 35 2.31 -31.58 16.89
C GLU A 35 3.53 -31.11 17.69
N ALA A 36 3.75 -29.81 17.81
CA ALA A 36 4.93 -29.36 18.54
C ALA A 36 4.91 -29.59 20.05
N GLU A 37 6.09 -29.65 20.65
CA GLU A 37 6.21 -29.72 22.10
C GLU A 37 5.66 -28.47 22.78
N TYR A 38 5.98 -27.30 22.25
CA TYR A 38 5.40 -26.10 22.81
C TYR A 38 3.86 -26.16 22.86
N TYR A 39 3.22 -26.80 21.88
CA TYR A 39 1.76 -26.93 21.90
C TYR A 39 1.26 -27.83 23.06
N LYS A 40 1.97 -28.93 23.34
CA LYS A 40 1.59 -29.81 24.45
C LYS A 40 1.74 -29.11 25.80
N VAL A 41 2.87 -28.42 25.98
CA VAL A 41 3.11 -27.60 27.16
C VAL A 41 2.01 -26.55 27.36
N ALA A 42 1.63 -25.86 26.28
CA ALA A 42 0.61 -24.83 26.31
C ALA A 42 -0.71 -25.40 26.69
N GLN A 43 -1.12 -26.48 26.03
CA GLN A 43 -2.34 -27.21 26.43
C GLN A 43 -2.33 -27.62 27.91
N ASP A 44 -1.27 -28.29 28.35
CA ASP A 44 -1.07 -28.64 29.77
C ASP A 44 -1.07 -27.50 30.78
N PHE A 45 -0.74 -26.30 30.35
CA PHE A 45 -0.61 -25.16 31.26
C PHE A 45 -1.96 -24.56 31.64
N ASN A 46 -2.25 -24.56 32.93
CA ASN A 46 -3.48 -23.98 33.36
C ASN A 46 -3.20 -22.61 33.93
N ILE A 47 -3.44 -21.60 33.12
CA ILE A 47 -3.11 -20.26 33.55
C ILE A 47 -3.84 -19.82 34.84
N GLU A 48 -5.11 -20.17 35.02
CA GLU A 48 -5.88 -19.75 36.22
C GLU A 48 -5.39 -20.39 37.50
N ALA A 49 -4.71 -21.54 37.39
CA ALA A 49 -4.20 -22.27 38.56
C ALA A 49 -2.70 -22.08 38.73
N SER A 50 -2.11 -21.09 38.06
CA SER A 50 -0.65 -20.97 38.09
C SER A 50 -0.07 -19.82 38.91
N LYS A 51 -0.92 -19.15 39.67
CA LYS A 51 -0.55 -18.05 40.55
C LYS A 51 0.81 -18.32 41.20
N ASP A 52 1.09 -19.59 41.45
CA ASP A 52 2.30 -19.98 42.18
C ASP A 52 3.53 -20.04 41.29
N CYS A 53 3.36 -19.78 40.00
CA CYS A 53 4.54 -19.77 39.14
C CYS A 53 5.32 -18.45 39.15
N TYR A 54 4.76 -17.43 39.80
CA TYR A 54 5.28 -16.08 39.65
C TYR A 54 5.68 -15.54 40.99
N THR A 55 6.76 -14.75 40.98
CA THR A 55 7.28 -14.14 42.17
C THR A 55 6.56 -12.84 42.51
N ASN A 56 5.65 -12.38 41.66
CA ASN A 56 4.91 -11.15 41.93
C ASN A 56 3.42 -11.39 41.71
N MET A 57 2.68 -11.63 42.78
CA MET A 57 1.30 -11.98 42.63
C MET A 57 0.43 -10.83 42.09
N LYS A 58 0.75 -9.58 42.42
CA LYS A 58 0.01 -8.45 41.85
C LYS A 58 0.09 -8.41 40.30
N ALA A 59 1.25 -8.72 39.72
CA ALA A 59 1.44 -8.78 38.26
C ALA A 59 0.62 -9.87 37.61
N TYR A 60 0.61 -11.04 38.24
CA TYR A 60 -0.22 -12.16 37.79
C TYR A 60 -1.70 -11.80 37.84
N GLU A 61 -2.13 -11.17 38.93
CA GLU A 61 -3.51 -10.78 39.08
C GLU A 61 -3.93 -9.77 38.03
N ASN A 62 -3.00 -8.89 37.70
CA ASN A 62 -3.21 -7.86 36.70
C ASN A 62 -3.42 -8.53 35.36
N PHE A 63 -2.59 -9.53 35.05
CA PHE A 63 -2.64 -10.22 33.78
C PHE A 63 -3.96 -10.95 33.66
N MET A 64 -4.28 -11.73 34.68
CA MET A 64 -5.49 -12.51 34.70
C MET A 64 -6.72 -11.63 34.59
N MET A 65 -6.62 -10.39 35.03
CA MET A 65 -7.74 -9.49 34.90
C MET A 65 -8.00 -9.04 33.45
N MET A 66 -6.96 -8.47 32.84
CA MET A 66 -6.97 -8.10 31.43
C MET A 66 -7.28 -9.32 30.57
N TYR A 67 -6.89 -10.49 31.06
CA TYR A 67 -7.05 -11.70 30.31
C TYR A 67 -8.47 -12.13 30.37
N LYS A 68 -9.08 -12.04 31.54
CA LYS A 68 -10.53 -12.29 31.62
C LYS A 68 -11.36 -11.40 30.69
N VAL A 69 -10.98 -10.14 30.49
CA VAL A 69 -11.65 -9.33 29.48
C VAL A 69 -11.18 -9.60 28.04
N GLY A 70 -9.97 -10.12 27.84
CA GLY A 70 -9.45 -10.39 26.48
C GLY A 70 -8.33 -9.49 25.96
N PHE A 71 -7.47 -10.06 25.11
CA PHE A 71 -6.34 -9.32 24.52
C PHE A 71 -6.57 -9.05 23.05
N LEU A 72 -5.63 -8.29 22.49
CA LEU A 72 -5.49 -8.17 21.05
C LEU A 72 -5.57 -9.56 20.41
N PRO A 73 -6.51 -9.72 19.46
CA PRO A 73 -6.76 -10.97 18.72
C PRO A 73 -5.59 -11.25 17.80
N LYS A 74 -5.39 -12.53 17.46
CA LYS A 74 -4.37 -12.92 16.47
C LYS A 74 -4.64 -12.23 15.14
N ASN A 75 -3.59 -11.99 14.36
CA ASN A 75 -3.76 -11.47 13.00
C ASN A 75 -3.90 -9.96 12.89
N LEU A 76 -4.16 -9.27 13.98
CA LEU A 76 -3.98 -7.83 13.92
C LEU A 76 -2.53 -7.45 14.16
N GLU A 77 -2.14 -6.31 13.63
CA GLU A 77 -0.79 -5.78 13.86
C GLU A 77 -0.66 -5.31 15.30
N PHE A 78 0.44 -5.69 15.96
CA PHE A 78 0.73 -5.20 17.30
C PHE A 78 1.78 -4.08 17.24
N SER A 79 1.53 -2.99 17.98
CA SER A 79 2.52 -1.92 18.06
C SER A 79 2.63 -1.36 19.47
N ILE A 80 3.86 -1.14 19.92
CA ILE A 80 4.10 -0.65 21.27
C ILE A 80 3.60 0.79 21.40
N PHE A 81 3.20 1.40 20.30
CA PHE A 81 2.93 2.85 20.38
C PHE A 81 1.46 3.18 20.70
N TYR A 82 0.64 2.13 20.78
CA TYR A 82 -0.79 2.27 21.06
C TYR A 82 -1.09 1.77 22.45
N GLU A 83 -1.80 2.62 23.19
CA GLU A 83 -2.07 2.41 24.60
C GLU A 83 -2.56 1.02 25.08
N LYS A 84 -3.74 0.57 24.68
CA LYS A 84 -4.22 -0.68 25.22
C LYS A 84 -3.22 -1.78 24.93
N MET A 85 -2.72 -1.86 23.70
CA MET A 85 -1.76 -2.91 23.32
C MET A 85 -0.49 -2.84 24.16
N ARG A 86 -0.05 -1.61 24.44
CA ARG A 86 1.06 -1.43 25.37
C ARG A 86 0.79 -2.05 26.73
N GLU A 87 -0.38 -1.75 27.35
CA GLU A 87 -0.72 -2.29 28.68
C GLU A 87 -0.71 -3.80 28.64
N GLU A 88 -1.22 -4.36 27.56
CA GLU A 88 -1.36 -5.80 27.49
C GLU A 88 0.03 -6.40 27.38
N ALA A 89 0.85 -5.78 26.53
CA ALA A 89 2.17 -6.32 26.25
C ALA A 89 3.06 -6.15 27.45
N ILE A 90 2.90 -5.06 28.17
CA ILE A 90 3.72 -4.87 29.34
C ILE A 90 3.30 -5.95 30.37
N ALA A 91 1.99 -6.15 30.49
CA ALA A 91 1.45 -7.19 31.39
C ALA A 91 2.01 -8.57 31.06
N LEU A 92 1.89 -9.01 29.81
CA LEU A 92 2.51 -10.26 29.37
C LEU A 92 3.98 -10.34 29.75
N PHE A 93 4.69 -9.24 29.53
CA PHE A 93 6.11 -9.19 29.85
C PHE A 93 6.40 -9.36 31.32
N LYS A 94 5.73 -8.59 32.16
CA LYS A 94 5.80 -8.85 33.59
C LYS A 94 5.60 -10.37 33.97
N LEU A 95 4.63 -11.07 33.39
CA LEU A 95 4.51 -12.51 33.67
C LEU A 95 5.77 -13.25 33.25
N PHE A 96 6.32 -12.87 32.12
CA PHE A 96 7.48 -13.57 31.60
C PHE A 96 8.60 -13.32 32.60
N TYR A 97 8.68 -12.07 33.01
CA TYR A 97 9.76 -11.60 33.83
C TYR A 97 9.75 -12.15 35.23
N TYR A 98 8.55 -12.29 35.82
CA TYR A 98 8.39 -12.65 37.23
C TYR A 98 8.17 -14.11 37.42
N ALA A 99 8.02 -14.85 36.35
CA ALA A 99 8.11 -16.30 36.45
C ALA A 99 9.32 -16.69 37.35
N LYS A 100 9.10 -17.58 38.31
CA LYS A 100 10.08 -17.84 39.34
C LYS A 100 11.27 -18.66 38.88
N ASP A 101 11.18 -19.23 37.69
CA ASP A 101 11.94 -20.41 37.31
C ASP A 101 12.06 -20.34 35.81
N PHE A 102 13.02 -21.05 35.23
CA PHE A 102 12.98 -21.21 33.78
C PHE A 102 11.82 -22.11 33.33
N GLU A 103 11.47 -23.10 34.12
CA GLU A 103 10.38 -23.97 33.72
C GLU A 103 9.07 -23.18 33.73
N CYS A 104 8.90 -22.25 34.67
CA CYS A 104 7.67 -21.50 34.67
C CYS A 104 7.69 -20.50 33.54
N PHE A 105 8.86 -19.95 33.25
CA PHE A 105 9.00 -18.96 32.19
C PHE A 105 8.58 -19.56 30.85
N TYR A 106 9.14 -20.75 30.61
CA TYR A 106 8.93 -21.53 29.40
C TYR A 106 7.48 -22.01 29.23
N LYS A 107 6.84 -22.49 30.29
CA LYS A 107 5.45 -22.86 30.16
C LYS A 107 4.64 -21.63 29.75
N THR A 108 4.87 -20.52 30.47
CA THR A 108 4.17 -19.27 30.14
C THR A 108 4.44 -18.83 28.71
N ALA A 109 5.70 -18.90 28.30
CA ALA A 109 6.03 -18.56 26.93
C ALA A 109 5.33 -19.49 25.88
N CYS A 110 5.20 -20.79 26.19
CA CYS A 110 4.51 -21.70 25.30
C CYS A 110 3.03 -21.35 25.24
N TYR A 111 2.48 -20.95 26.39
CA TYR A 111 1.09 -20.51 26.45
C TYR A 111 0.85 -19.29 25.52
N ALA A 112 1.64 -18.25 25.71
CA ALA A 112 1.46 -17.05 24.96
C ALA A 112 1.74 -17.35 23.51
N ARG A 113 2.83 -18.07 23.23
CA ARG A 113 3.10 -18.53 21.85
C ARG A 113 1.85 -19.11 21.18
N VAL A 114 1.05 -19.86 21.91
CA VAL A 114 -0.06 -20.53 21.28
C VAL A 114 -1.33 -19.67 21.26
N TYR A 115 -1.62 -18.97 22.35
CA TYR A 115 -2.93 -18.37 22.49
C TYR A 115 -2.97 -16.88 22.30
N MET A 116 -1.83 -16.24 22.14
CA MET A 116 -1.85 -14.78 22.01
C MET A 116 -1.36 -14.27 20.69
N ASN A 117 -1.67 -13.01 20.42
CA ASN A 117 -1.28 -12.40 19.16
C ASN A 117 0.22 -12.61 18.94
N GLN A 118 0.53 -13.01 17.72
CA GLN A 118 1.89 -13.25 17.29
CA GLN A 118 1.91 -13.27 17.32
C GLN A 118 2.86 -12.11 17.65
N GLY A 119 2.52 -10.89 17.23
CA GLY A 119 3.44 -9.74 17.41
C GLY A 119 3.67 -9.36 18.86
N MET A 120 2.59 -9.34 19.63
CA MET A 120 2.65 -9.10 21.05
C MET A 120 3.59 -10.07 21.69
N PHE A 121 3.33 -11.37 21.51
CA PHE A 121 4.10 -12.40 22.13
C PHE A 121 5.57 -12.28 21.84
N LEU A 122 5.92 -12.13 20.55
CA LEU A 122 7.30 -12.01 20.12
C LEU A 122 7.96 -10.84 20.76
N TYR A 123 7.24 -9.73 20.78
CA TYR A 123 7.70 -8.49 21.38
C TYR A 123 8.13 -8.77 22.83
N ALA A 124 7.24 -9.39 23.61
CA ALA A 124 7.48 -9.50 25.01
C ALA A 124 8.48 -10.59 25.25
N TYR A 125 8.48 -11.60 24.39
CA TYR A 125 9.37 -12.72 24.61
C TYR A 125 10.80 -12.30 24.33
N TYR A 126 11.01 -11.62 23.21
CA TYR A 126 12.32 -11.04 22.94
C TYR A 126 12.77 -10.22 24.14
N ILE A 127 11.91 -9.35 24.65
CA ILE A 127 12.36 -8.48 25.71
C ILE A 127 12.69 -9.30 26.96
N ALA A 128 11.76 -10.16 27.38
CA ALA A 128 11.94 -10.99 28.59
C ALA A 128 13.27 -11.73 28.59
N ILE A 129 13.51 -12.53 27.56
CA ILE A 129 14.81 -13.14 27.39
C ILE A 129 15.95 -12.14 27.59
N ILE A 130 15.88 -10.97 26.99
CA ILE A 130 17.02 -10.07 27.16
C ILE A 130 17.17 -9.65 28.62
N GLN A 131 16.03 -9.52 29.28
CA GLN A 131 15.91 -8.89 30.61
C GLN A 131 16.05 -9.87 31.82
N ARG A 132 15.54 -11.09 31.68
CA ARG A 132 15.56 -12.08 32.77
C ARG A 132 16.97 -12.46 33.12
N SER A 133 17.22 -12.55 34.41
CA SER A 133 18.54 -12.81 34.95
C SER A 133 19.12 -14.12 34.44
N ASP A 134 18.35 -15.21 34.58
CA ASP A 134 18.78 -16.57 34.18
C ASP A 134 18.88 -16.74 32.68
N THR A 135 18.08 -15.94 31.98
CA THR A 135 17.92 -16.15 30.57
C THR A 135 18.87 -15.29 29.72
N ALA A 136 19.32 -14.16 30.27
CA ALA A 136 20.37 -13.34 29.63
C ALA A 136 21.55 -14.28 29.49
N SER A 137 22.50 -13.99 28.61
CA SER A 137 23.54 -15.00 28.38
C SER A 137 23.09 -16.18 27.43
N PHE A 138 21.78 -16.25 27.14
CA PHE A 138 21.28 -17.03 26.01
C PHE A 138 21.10 -16.20 24.75
N VAL A 139 21.21 -16.89 23.63
CA VAL A 139 21.21 -16.25 22.33
C VAL A 139 19.79 -16.18 21.79
N LEU A 140 19.55 -15.12 21.00
CA LEU A 140 18.30 -14.91 20.33
C LEU A 140 18.51 -14.83 18.83
N PRO A 141 17.56 -15.35 18.05
CA PRO A 141 17.66 -15.18 16.58
C PRO A 141 17.61 -13.72 16.26
N ALA A 142 18.24 -13.33 15.16
CA ALA A 142 18.28 -11.96 14.68
C ALA A 142 16.89 -11.39 14.42
N PRO A 143 16.67 -10.12 14.77
CA PRO A 143 15.33 -9.56 14.55
C PRO A 143 14.74 -9.81 13.14
N TYR A 144 15.58 -9.85 12.10
CA TYR A 144 15.07 -10.03 10.75
C TYR A 144 14.67 -11.47 10.42
N GLU A 145 15.07 -12.41 11.26
CA GLU A 145 14.76 -13.81 11.03
C GLU A 145 13.49 -14.12 11.85
N ALA A 146 13.28 -13.33 12.94
CA ALA A 146 12.06 -13.42 13.76
C ALA A 146 10.93 -12.63 13.12
N TYR A 147 11.24 -11.52 12.47
CA TYR A 147 10.20 -10.66 11.90
C TYR A 147 10.45 -10.36 10.41
N PRO A 148 10.59 -11.40 9.57
CA PRO A 148 10.99 -11.09 8.17
C PRO A 148 10.09 -10.04 7.54
N GLN A 149 8.81 -10.07 7.88
CA GLN A 149 7.82 -9.17 7.32
C GLN A 149 8.26 -7.70 7.42
N TYR A 150 9.02 -7.33 8.43
CA TYR A 150 9.52 -5.97 8.55
C TYR A 150 10.85 -5.73 7.91
N PHE A 151 11.51 -6.78 7.47
CA PHE A 151 12.83 -6.60 6.87
C PHE A 151 12.89 -6.95 5.38
N VAL A 152 11.76 -7.28 4.76
CA VAL A 152 11.71 -7.70 3.37
C VAL A 152 10.67 -6.87 2.61
N ASN A 153 11.13 -6.08 1.63
CA ASN A 153 10.28 -5.23 0.78
C ASN A 153 9.28 -6.06 0.03
N MET A 154 8.20 -5.46 -0.44
CA MET A 154 7.09 -6.33 -0.84
C MET A 154 7.23 -7.07 -2.18
N GLU A 155 8.10 -6.60 -3.06
CA GLU A 155 8.43 -7.34 -4.26
C GLU A 155 8.87 -8.76 -3.93
N VAL A 156 9.81 -8.87 -3.01
CA VAL A 156 10.36 -10.17 -2.67
C VAL A 156 9.38 -10.97 -1.87
N LYS A 157 8.73 -10.30 -0.93
CA LYS A 157 7.81 -10.97 -0.04
C LYS A 157 6.77 -11.65 -0.91
N ASN A 158 6.37 -10.96 -1.98
CA ASN A 158 5.37 -11.44 -2.88
C ASN A 158 5.87 -12.58 -3.66
N LYS A 159 7.02 -12.43 -4.32
CA LYS A 159 7.65 -13.52 -5.05
C LYS A 159 7.67 -14.76 -4.17
N MET A 160 7.88 -14.58 -2.86
CA MET A 160 7.93 -15.73 -1.94
C MET A 160 6.58 -16.40 -1.79
N ASP A 161 5.53 -15.59 -1.62
CA ASP A 161 4.18 -16.10 -1.64
C ASP A 161 3.92 -16.96 -2.89
N TYR A 162 4.25 -16.41 -4.05
CA TYR A 162 3.97 -17.08 -5.30
C TYR A 162 4.74 -18.38 -5.36
N VAL A 163 6.04 -18.34 -5.09
CA VAL A 163 6.89 -19.56 -5.10
C VAL A 163 6.37 -20.68 -4.19
N LYS A 164 5.91 -20.33 -3.00
CA LYS A 164 5.32 -21.30 -2.09
C LYS A 164 4.01 -21.85 -2.69
N MET A 165 3.17 -20.98 -3.25
CA MET A 165 1.92 -21.42 -3.90
C MET A 165 2.16 -22.37 -5.07
N MET A 166 3.27 -22.20 -5.80
CA MET A 166 3.56 -23.06 -6.91
C MET A 166 4.46 -24.18 -6.48
N ASP A 167 4.80 -24.24 -5.19
CA ASP A 167 5.66 -25.30 -4.64
C ASP A 167 6.99 -25.45 -5.39
N GLY A 168 7.45 -24.33 -5.93
CA GLY A 168 8.72 -24.28 -6.63
C GLY A 168 8.54 -23.32 -7.76
N CYS A 169 9.29 -23.51 -8.83
CA CYS A 169 9.10 -22.65 -9.98
C CYS A 169 8.38 -23.24 -11.20
N LEU A 170 7.53 -22.43 -11.80
CA LEU A 170 6.92 -22.74 -13.08
C LEU A 170 7.94 -23.47 -13.98
N ASP A 171 8.97 -22.74 -14.40
CA ASP A 171 10.07 -23.25 -15.20
C ASP A 171 11.30 -22.56 -14.63
N GLU A 172 12.26 -23.38 -14.21
CA GLU A 172 13.46 -22.95 -13.53
C GLU A 172 14.26 -21.80 -14.19
N LYS A 173 14.29 -21.75 -15.52
CA LYS A 173 15.03 -20.69 -16.23
C LYS A 173 14.30 -19.36 -16.15
N ILE A 174 12.98 -19.42 -16.19
CA ILE A 174 12.19 -18.22 -16.16
C ILE A 174 12.36 -17.52 -14.80
N CYS A 175 12.40 -18.29 -13.74
CA CYS A 175 12.57 -17.59 -12.51
C CYS A 175 14.01 -17.48 -12.05
N TYR A 176 14.92 -18.01 -12.83
CA TYR A 176 16.27 -17.49 -12.72
C TYR A 176 16.24 -16.03 -13.19
N ASN A 177 15.43 -15.71 -14.19
CA ASN A 177 15.36 -14.34 -14.69
C ASN A 177 14.71 -13.39 -13.71
N TYR A 178 13.81 -13.89 -12.86
CA TYR A 178 13.21 -13.05 -11.83
C TYR A 178 13.99 -13.13 -10.52
N GLY A 179 15.19 -13.69 -10.58
CA GLY A 179 16.14 -13.65 -9.45
C GLY A 179 15.84 -14.69 -8.39
N ILE A 180 15.27 -15.83 -8.80
CA ILE A 180 14.90 -16.89 -7.86
C ILE A 180 15.65 -18.15 -8.19
N ILE A 181 16.24 -18.75 -7.16
CA ILE A 181 17.25 -19.81 -7.33
C ILE A 181 16.94 -20.94 -6.36
N LYS A 182 17.17 -22.19 -6.79
CA LYS A 182 17.27 -23.29 -5.83
C LYS A 182 18.73 -23.57 -5.56
N GLU A 183 19.05 -23.66 -4.28
CA GLU A 183 20.41 -23.86 -3.86
C GLU A 183 20.31 -24.73 -2.63
N ASN A 184 20.69 -25.99 -2.80
CA ASN A 184 20.76 -26.97 -1.71
C ASN A 184 19.41 -27.29 -1.10
N GLU A 185 18.41 -27.46 -1.98
CA GLU A 185 17.06 -27.84 -1.59
C GLU A 185 16.25 -26.68 -0.96
N GLN A 186 16.89 -25.51 -0.84
CA GLN A 186 16.27 -24.30 -0.34
C GLN A 186 16.16 -23.27 -1.45
N PHE A 187 15.25 -22.31 -1.31
CA PHE A 187 15.07 -21.19 -2.26
C PHE A 187 15.94 -20.00 -1.92
N VAL A 188 16.46 -19.29 -2.92
CA VAL A 188 17.14 -18.03 -2.66
C VAL A 188 16.52 -17.01 -3.58
N MET A 189 15.99 -15.92 -3.01
CA MET A 189 15.55 -14.77 -3.81
C MET A 189 16.52 -13.61 -3.62
N TYR A 190 17.04 -13.12 -4.73
CA TYR A 190 17.81 -11.88 -4.78
C TYR A 190 16.85 -10.71 -4.59
N ALA A 191 17.32 -9.72 -3.85
CA ALA A 191 16.49 -8.59 -3.44
C ALA A 191 17.24 -7.29 -3.72
N ASN A 192 16.60 -6.35 -4.40
CA ASN A 192 17.24 -5.06 -4.65
C ASN A 192 16.75 -4.14 -3.58
N TYR A 193 17.37 -2.98 -3.42
CA TYR A 193 16.87 -1.91 -2.53
C TYR A 193 15.80 -1.13 -3.30
N SER A 194 15.16 -0.13 -2.70
CA SER A 194 13.95 0.44 -3.27
C SER A 194 14.13 1.45 -4.39
N ASN A 195 13.15 1.48 -5.28
CA ASN A 195 12.89 2.54 -6.24
C ASN A 195 12.61 3.93 -5.65
N SER A 196 12.41 4.85 -6.58
CA SER A 196 11.86 6.14 -6.30
C SER A 196 10.33 6.07 -6.20
N LEU A 197 9.77 4.87 -6.27
CA LEU A 197 8.34 4.74 -5.99
C LEU A 197 8.15 4.37 -4.55
N THR A 198 9.26 4.24 -3.81
CA THR A 198 9.20 4.12 -2.33
C THR A 198 9.96 5.28 -1.63
N TYR A 199 11.13 5.63 -2.15
CA TYR A 199 11.85 6.86 -1.79
C TYR A 199 11.78 7.89 -2.95
N PRO A 200 10.71 8.72 -2.99
CA PRO A 200 10.46 9.54 -4.20
C PRO A 200 11.19 10.89 -4.23
N ASN A 201 12.48 10.87 -3.91
CA ASN A 201 13.32 12.05 -3.83
C ASN A 201 14.78 11.58 -3.72
N ASN A 202 15.71 12.53 -3.59
CA ASN A 202 17.11 12.23 -3.45
C ASN A 202 17.42 11.21 -2.37
N GLU A 203 16.48 10.98 -1.44
CA GLU A 203 16.77 10.14 -0.27
C GLU A 203 17.06 8.71 -0.73
N ASP A 204 16.50 8.33 -1.85
CA ASP A 204 16.77 7.06 -2.45
C ASP A 204 18.24 6.74 -2.62
N ARG A 205 19.04 7.77 -2.85
CA ARG A 205 20.48 7.53 -3.00
C ARG A 205 20.99 6.63 -1.90
N ILE A 206 20.46 6.75 -0.69
CA ILE A 206 20.94 5.93 0.44
C ILE A 206 20.04 4.78 0.96
N ALA A 207 19.17 4.26 0.10
CA ALA A 207 18.30 3.15 0.53
C ALA A 207 19.14 2.00 1.09
N TYR A 208 20.30 1.76 0.52
CA TYR A 208 21.17 0.67 0.93
C TYR A 208 21.63 0.77 2.39
N LEU A 209 21.60 1.97 2.95
CA LEU A 209 21.82 2.17 4.38
C LEU A 209 20.52 1.96 5.17
N THR A 210 19.49 2.71 4.80
CA THR A 210 18.34 2.79 5.67
C THR A 210 17.41 1.57 5.64
N GLU A 211 17.39 0.85 4.51
CA GLU A 211 16.71 -0.45 4.44
C GLU A 211 17.59 -1.59 4.97
N ASP A 212 18.88 -1.32 5.22
CA ASP A 212 19.81 -2.35 5.68
C ASP A 212 19.29 -3.06 6.92
N VAL A 213 19.15 -4.39 6.81
CA VAL A 213 18.58 -5.23 7.88
C VAL A 213 19.30 -5.14 9.26
N GLY A 214 20.61 -5.03 9.25
CA GLY A 214 21.34 -4.90 10.47
C GLY A 214 21.16 -3.56 11.17
N LEU A 215 21.07 -2.49 10.39
CA LEU A 215 20.84 -1.19 10.98
C LEU A 215 19.54 -1.19 11.70
N ASN A 216 18.50 -1.68 11.03
CA ASN A 216 17.19 -1.76 11.59
C ASN A 216 17.16 -2.64 12.80
N ALA A 217 17.79 -3.81 12.69
CA ALA A 217 17.94 -4.73 13.84
C ALA A 217 18.54 -3.98 15.02
N TYR A 218 19.59 -3.21 14.71
CA TYR A 218 20.32 -2.47 15.72
C TYR A 218 19.39 -1.57 16.52
N TYR A 219 18.55 -0.80 15.82
CA TYR A 219 17.62 0.03 16.54
C TYR A 219 16.64 -0.81 17.38
N TYR A 220 16.13 -1.91 16.81
CA TYR A 220 15.22 -2.79 17.57
C TYR A 220 15.89 -3.33 18.85
N TYR A 221 17.19 -3.60 18.76
CA TYR A 221 17.90 -4.14 19.89
C TYR A 221 18.04 -3.05 20.93
N PHE A 222 18.30 -1.83 20.45
CA PHE A 222 18.36 -0.68 21.36
C PHE A 222 17.09 -0.58 22.18
N HIS A 223 15.94 -0.51 21.51
CA HIS A 223 14.68 -0.46 22.23
C HIS A 223 14.55 -1.59 23.21
N SER A 224 14.88 -2.80 22.77
CA SER A 224 14.58 -3.99 23.57
C SER A 224 15.46 -4.11 24.79
N HIS A 225 16.65 -3.54 24.72
CA HIS A 225 17.52 -3.52 25.87
C HIS A 225 17.06 -2.55 26.98
N LEU A 226 16.37 -1.49 26.62
CA LEU A 226 15.89 -0.57 27.61
C LEU A 226 14.66 0.19 27.12
N PRO A 227 13.49 -0.48 27.16
CA PRO A 227 12.23 0.10 26.65
C PRO A 227 11.86 1.37 27.40
N PHE A 228 11.33 2.33 26.66
CA PHE A 228 10.97 3.58 27.24
C PHE A 228 10.00 3.45 28.38
N TRP A 229 9.27 2.33 28.39
CA TRP A 229 8.17 2.16 29.33
C TRP A 229 8.58 1.44 30.61
N TRP A 230 9.84 1.01 30.66
CA TRP A 230 10.41 0.18 31.74
C TRP A 230 11.27 1.10 32.57
N ASN A 231 11.09 1.11 33.88
CA ASN A 231 12.02 1.84 34.74
C ASN A 231 13.42 1.15 34.75
N SER A 232 14.39 1.84 35.36
CA SER A 232 15.78 1.42 35.39
C SER A 232 16.18 0.50 36.58
N GLY A 233 15.23 0.18 37.46
CA GLY A 233 15.51 -0.53 38.70
C GLY A 233 16.50 -1.67 38.59
N LYS A 234 16.34 -2.46 37.53
CA LYS A 234 17.20 -3.61 37.21
C LYS A 234 18.69 -3.24 37.10
N TYR A 235 18.99 -2.05 36.58
CA TYR A 235 20.37 -1.58 36.33
C TYR A 235 20.93 -0.59 37.40
N GLY A 236 20.23 -0.50 38.54
CA GLY A 236 20.67 0.24 39.70
C GLY A 236 21.21 1.63 39.45
N ALA A 237 22.53 1.75 39.50
CA ALA A 237 23.29 3.02 39.38
C ALA A 237 23.28 3.56 37.97
N PHE A 238 22.98 2.68 37.02
CA PHE A 238 22.74 3.11 35.65
C PHE A 238 21.56 4.09 35.52
N LYS A 239 20.53 3.89 36.34
CA LYS A 239 19.36 4.78 36.41
C LYS A 239 19.82 6.20 36.29
N GLU A 240 20.92 6.53 36.97
CA GLU A 240 21.48 7.88 36.93
C GLU A 240 21.97 8.30 35.52
N ARG A 241 22.38 7.35 34.69
CA ARG A 241 22.97 7.67 33.40
C ARG A 241 22.03 7.48 32.21
N ARG A 242 20.79 7.08 32.46
CA ARG A 242 19.83 6.79 31.40
C ARG A 242 19.61 7.89 30.33
N GLY A 243 19.22 9.09 30.75
CA GLY A 243 19.06 10.19 29.82
C GLY A 243 20.31 10.44 29.00
N GLU A 244 21.48 10.16 29.60
CA GLU A 244 22.75 10.38 28.95
C GLU A 244 22.98 9.40 27.80
N ILE A 245 22.53 8.17 27.97
CA ILE A 245 22.50 7.18 26.89
C ILE A 245 21.67 7.68 25.73
N TYR A 246 20.49 8.17 26.04
CA TYR A 246 19.52 8.62 25.07
C TYR A 246 20.23 9.54 24.11
N PHE A 247 20.81 10.62 24.61
CA PHE A 247 21.54 11.50 23.73
C PHE A 247 22.64 10.80 22.94
N PHE A 248 23.56 10.18 23.63
CA PHE A 248 24.59 9.40 22.97
C PHE A 248 24.05 8.45 21.89
N PHE A 249 22.99 7.67 22.15
CA PHE A 249 22.52 6.76 21.12
C PHE A 249 22.16 7.50 19.84
N TYR A 250 21.26 8.49 19.92
CA TYR A 250 20.84 9.20 18.73
C TYR A 250 21.92 10.10 18.06
N GLN A 251 22.64 10.89 18.88
CA GLN A 251 23.69 11.75 18.41
C GLN A 251 24.61 10.89 17.54
N GLN A 252 25.07 9.84 18.17
CA GLN A 252 25.93 8.85 17.54
C GLN A 252 25.34 8.28 16.22
N LEU A 253 24.06 7.87 16.25
CA LEU A 253 23.44 7.26 15.08
C LEU A 253 23.34 8.26 13.94
N LEU A 254 22.83 9.46 14.26
CA LEU A 254 22.77 10.56 13.30
C LEU A 254 24.13 10.89 12.74
N ALA A 255 25.20 10.91 13.55
CA ALA A 255 26.54 11.08 12.97
C ALA A 255 26.79 10.01 11.89
N ARG A 256 26.58 8.73 12.22
CA ARG A 256 26.80 7.72 11.23
C ARG A 256 25.99 7.96 9.96
N TYR A 257 24.77 8.44 10.14
CA TYR A 257 23.88 8.69 9.03
C TYR A 257 24.31 9.90 8.19
N TYR A 258 24.65 11.00 8.85
CA TYR A 258 25.19 12.16 8.14
C TYR A 258 26.44 11.83 7.32
N MET A 259 27.28 10.90 7.77
CA MET A 259 28.43 10.51 6.94
C MET A 259 27.98 9.88 5.62
N GLU A 260 26.96 9.02 5.65
CA GLU A 260 26.45 8.48 4.41
C GLU A 260 25.97 9.59 3.50
N ARG A 261 25.21 10.53 4.04
CA ARG A 261 24.79 11.66 3.24
C ARG A 261 25.99 12.25 2.53
N LEU A 262 27.03 12.57 3.30
CA LEU A 262 28.22 13.21 2.75
C LEU A 262 28.77 12.53 1.51
N THR A 263 28.95 11.22 1.58
CA THR A 263 29.53 10.54 0.43
C THR A 263 28.52 10.33 -0.71
N ASN A 264 27.26 10.69 -0.49
CA ASN A 264 26.31 10.60 -1.59
C ASN A 264 25.89 12.00 -2.00
N GLY A 265 26.72 12.97 -1.68
CA GLY A 265 26.46 14.38 -2.00
C GLY A 265 25.13 14.97 -1.53
N LEU A 266 24.63 14.49 -0.39
CA LEU A 266 23.30 14.82 0.04
C LEU A 266 23.19 15.99 1.01
N GLY A 267 24.27 16.34 1.71
CA GLY A 267 24.15 17.44 2.72
C GLY A 267 23.19 17.32 3.93
N LYS A 268 23.04 18.42 4.66
CA LYS A 268 22.46 18.38 6.02
C LYS A 268 21.04 17.93 6.08
N ILE A 269 20.74 16.97 6.96
CA ILE A 269 19.35 16.60 7.33
C ILE A 269 18.52 17.88 7.49
N PRO A 270 17.46 18.04 6.71
CA PRO A 270 16.61 19.28 6.75
C PRO A 270 15.74 19.47 8.04
N GLU A 271 15.55 20.74 8.43
CA GLU A 271 14.61 21.08 9.50
C GLU A 271 13.17 21.07 9.00
N PHE A 272 12.23 21.07 9.93
CA PHE A 272 10.82 21.12 9.58
C PHE A 272 10.00 21.81 10.67
N SER A 273 8.69 21.90 10.47
CA SER A 273 7.80 22.60 11.38
C SER A 273 6.41 21.96 11.46
N TRP A 274 5.78 22.00 12.63
CA TRP A 274 4.50 21.35 12.68
C TRP A 274 3.43 22.23 11.96
N TYR A 275 3.78 23.48 11.65
CA TYR A 275 2.80 24.38 11.07
C TYR A 275 2.93 24.42 9.55
N SER A 276 3.75 23.54 8.98
CA SER A 276 4.10 23.60 7.55
C SER A 276 4.13 22.25 6.88
N PRO A 277 4.32 22.23 5.56
CA PRO A 277 4.37 20.86 4.99
C PRO A 277 5.74 20.17 5.04
N LEU A 278 5.75 18.87 5.26
CA LEU A 278 7.04 18.19 5.33
C LEU A 278 7.43 17.82 3.93
N ARG A 279 8.59 18.36 3.47
CA ARG A 279 8.99 18.20 2.04
C ARG A 279 9.15 16.76 1.60
N THR A 280 9.58 15.89 2.48
CA THR A 280 10.26 14.70 2.04
C THR A 280 9.51 13.45 2.46
N GLY A 281 8.83 12.90 1.45
CA GLY A 281 7.89 11.81 1.65
C GLY A 281 8.57 10.48 1.55
N TYR A 282 7.77 9.42 1.78
CA TYR A 282 8.25 8.05 1.84
C TYR A 282 7.04 7.15 1.80
N LEU A 283 7.16 6.09 1.02
CA LEU A 283 6.09 5.18 0.77
C LEU A 283 6.54 3.85 1.26
N PRO A 284 6.09 3.45 2.47
CA PRO A 284 6.64 2.19 3.03
C PRO A 284 6.18 1.02 2.17
N PRO A 285 7.12 0.13 1.76
CA PRO A 285 6.84 -1.05 0.91
C PRO A 285 6.37 -2.27 1.74
N PHE A 286 5.30 -2.08 2.52
CA PHE A 286 4.84 -3.08 3.42
C PHE A 286 3.33 -3.08 3.40
N ASN A 287 2.76 -4.21 3.80
CA ASN A 287 1.34 -4.26 4.13
C ASN A 287 1.04 -5.15 5.34
N SER A 288 0.06 -4.77 6.14
CA SER A 288 -0.39 -5.61 7.23
C SER A 288 -1.50 -6.56 6.75
N PHE A 289 -2.17 -7.24 7.70
CA PHE A 289 -3.29 -8.13 7.46
C PHE A 289 -4.43 -7.37 6.79
N TYR A 290 -4.85 -6.25 7.35
CA TYR A 290 -5.91 -5.44 6.76
C TYR A 290 -5.46 -4.38 5.78
N TYR A 291 -4.33 -3.73 6.04
CA TYR A 291 -3.98 -2.44 5.38
C TYR A 291 -2.63 -2.47 4.69
N PRO A 292 -2.53 -1.78 3.55
CA PRO A 292 -1.21 -1.41 3.10
C PRO A 292 -0.78 -0.35 4.04
N PHE A 293 0.52 -0.26 4.29
CA PHE A 293 1.10 0.79 5.12
C PHE A 293 0.75 2.20 4.67
N ALA A 294 0.75 3.14 5.58
CA ALA A 294 0.41 4.49 5.23
C ALA A 294 1.53 5.12 4.41
N GLN A 295 1.17 5.79 3.30
CA GLN A 295 2.11 6.56 2.50
C GLN A 295 2.15 8.06 2.89
N ARG A 296 3.35 8.64 2.94
CA ARG A 296 3.50 10.08 3.16
C ARG A 296 4.11 10.66 1.92
N SER A 297 3.33 11.37 1.11
CA SER A 297 3.85 11.94 -0.15
C SER A 297 4.75 13.12 0.14
N ASN A 298 5.59 13.48 -0.84
CA ASN A 298 6.36 14.72 -0.71
C ASN A 298 5.43 15.90 -0.44
N ASP A 299 5.87 16.86 0.35
CA ASP A 299 5.08 18.06 0.58
C ASP A 299 3.75 17.78 1.23
N TYR A 300 3.78 16.85 2.18
CA TYR A 300 2.61 16.41 2.92
C TYR A 300 2.30 17.47 3.97
N GLU A 301 1.06 17.92 4.01
CA GLU A 301 0.69 18.94 4.96
C GLU A 301 0.55 18.34 6.35
N LEU A 302 1.42 18.75 7.27
CA LEU A 302 1.39 18.28 8.64
C LEU A 302 0.21 18.89 9.35
N HIS A 303 0.01 20.18 9.10
CA HIS A 303 -1.03 20.96 9.76
C HIS A 303 -2.41 20.80 9.10
N THR A 304 -3.17 19.76 9.46
CA THR A 304 -4.58 19.66 9.09
C THR A 304 -5.47 19.18 10.21
N GLU A 305 -6.77 19.28 9.98
CA GLU A 305 -7.77 18.96 10.95
C GLU A 305 -7.40 17.72 11.77
N LYS A 306 -7.15 16.60 11.11
CA LYS A 306 -6.77 15.38 11.79
C LYS A 306 -5.62 15.49 12.79
N ASN A 307 -4.71 16.41 12.54
CA ASN A 307 -3.51 16.52 13.32
C ASN A 307 -3.45 17.74 14.19
N TYR A 308 -4.47 18.62 14.15
CA TYR A 308 -4.38 19.88 14.90
C TYR A 308 -4.08 19.72 16.40
N GLU A 309 -4.84 18.86 17.07
CA GLU A 309 -4.74 18.78 18.50
C GLU A 309 -3.42 18.16 18.91
N GLU A 310 -2.93 17.22 18.11
CA GLU A 310 -1.60 16.64 18.38
C GLU A 310 -0.48 17.67 18.18
N ILE A 311 -0.65 18.58 17.23
CA ILE A 311 0.36 19.58 16.96
C ILE A 311 0.42 20.56 18.14
N ARG A 312 -0.74 20.88 18.70
CA ARG A 312 -0.82 21.72 19.88
C ARG A 312 0.00 21.06 20.98
N PHE A 313 -0.23 19.76 21.18
CA PHE A 313 0.54 19.03 22.17
C PHE A 313 2.06 19.14 21.92
N LEU A 314 2.48 18.75 20.73
CA LEU A 314 3.87 18.66 20.37
C LEU A 314 4.54 20.01 20.54
N ASP A 315 3.84 21.08 20.11
CA ASP A 315 4.43 22.40 20.09
C ASP A 315 4.74 22.82 21.53
N ILE A 316 3.80 22.60 22.44
CA ILE A 316 4.05 23.07 23.78
C ILE A 316 5.11 22.25 24.45
N TYR A 317 5.10 20.94 24.17
CA TYR A 317 6.13 20.01 24.64
C TYR A 317 7.55 20.54 24.40
N GLU A 318 7.82 21.06 23.20
CA GLU A 318 9.12 21.61 22.91
C GLU A 318 9.26 22.98 23.53
N LYS A 319 8.21 23.78 23.41
CA LYS A 319 8.35 25.10 23.98
C LYS A 319 8.53 25.09 25.49
N THR A 320 8.02 24.07 26.19
CA THR A 320 8.28 24.12 27.63
C THR A 320 9.77 23.85 27.92
N PHE A 321 10.41 23.03 27.06
CA PHE A 321 11.86 22.84 27.14
C PHE A 321 12.59 24.14 26.97
N PHE A 322 12.07 24.98 26.06
CA PHE A 322 12.62 26.33 25.91
C PHE A 322 12.51 27.16 27.22
N GLN A 323 11.44 26.99 28.00
CA GLN A 323 11.18 27.75 29.20
C GLN A 323 12.14 27.29 30.27
N TYR A 324 12.35 25.97 30.32
CA TYR A 324 13.33 25.37 31.21
C TYR A 324 14.72 25.92 30.90
N LEU A 325 15.07 26.08 29.62
CA LEU A 325 16.35 26.70 29.28
C LEU A 325 16.39 28.13 29.72
N GLN A 326 15.27 28.86 29.65
CA GLN A 326 15.29 30.30 29.91
C GLN A 326 15.38 30.57 31.41
N GLN A 327 14.58 29.88 32.23
CA GLN A 327 14.84 29.77 33.68
C GLN A 327 16.10 28.93 33.73
N GLY A 328 16.74 28.75 34.86
CA GLY A 328 17.85 27.78 34.82
C GLY A 328 17.62 26.74 35.89
N HIS A 329 16.79 27.12 36.86
CA HIS A 329 16.45 26.34 38.05
C HIS A 329 14.94 26.43 38.07
N PHE A 330 14.29 25.34 38.35
CA PHE A 330 12.85 25.32 38.23
C PHE A 330 12.42 24.00 38.88
N LYS A 331 11.21 24.02 39.42
CA LYS A 331 10.68 22.85 40.03
C LYS A 331 9.88 22.19 38.90
N ALA A 332 10.15 20.93 38.62
CA ALA A 332 9.51 20.24 37.53
C ALA A 332 9.57 18.78 37.82
N PHE A 333 8.44 18.11 37.60
CA PHE A 333 8.30 16.68 37.86
C PHE A 333 8.69 16.32 39.31
N ASP A 334 8.27 17.15 40.25
CA ASP A 334 8.48 16.88 41.67
C ASP A 334 9.96 16.69 42.02
N LYS A 335 10.80 17.53 41.44
CA LYS A 335 12.22 17.58 41.72
C LYS A 335 12.58 19.04 41.56
N LYS A 336 13.71 19.46 42.10
CA LYS A 336 14.14 20.83 41.91
C LYS A 336 15.42 20.72 41.12
N ILE A 337 15.42 21.23 39.89
CA ILE A 337 16.46 20.82 38.98
C ILE A 337 17.22 21.96 38.34
N ASP A 338 18.54 21.89 38.44
CA ASP A 338 19.41 22.94 38.00
C ASP A 338 20.15 22.38 36.83
N LEU A 339 20.32 23.21 35.81
CA LEU A 339 20.88 22.72 34.59
C LEU A 339 22.39 22.90 34.58
N HIS A 340 22.95 23.38 35.69
CA HIS A 340 24.42 23.36 35.90
C HIS A 340 24.80 22.08 36.67
N SER A 341 23.79 21.42 37.24
CA SER A 341 23.90 20.15 37.93
C SER A 341 24.36 18.95 37.08
N SER A 342 24.97 17.98 37.74
CA SER A 342 25.26 16.71 37.08
C SER A 342 23.99 15.98 36.58
N LYS A 343 23.04 15.77 37.50
CA LYS A 343 21.71 15.20 37.22
C LYS A 343 20.94 15.75 35.99
N ALA A 344 21.34 16.95 35.53
CA ALA A 344 20.70 17.64 34.41
C ALA A 344 20.68 16.80 33.15
N VAL A 345 21.82 16.24 32.82
CA VAL A 345 21.95 15.53 31.55
C VAL A 345 20.92 14.40 31.58
N ASN A 346 20.86 13.69 32.68
CA ASN A 346 19.87 12.66 32.82
C ASN A 346 18.48 13.16 32.65
N PHE A 347 18.14 14.26 33.32
CA PHE A 347 16.78 14.81 33.21
C PHE A 347 16.36 15.08 31.78
N VAL A 348 17.11 15.98 31.15
CA VAL A 348 16.94 16.29 29.76
C VAL A 348 16.57 15.06 28.91
N GLY A 349 17.39 14.00 29.01
CA GLY A 349 17.18 12.79 28.22
C GLY A 349 15.85 12.18 28.51
N ASN A 350 15.58 11.90 29.77
CA ASN A 350 14.30 11.34 30.15
C ASN A 350 13.08 12.19 29.78
N TYR A 351 13.25 13.52 29.76
CA TYR A 351 12.23 14.47 29.35
C TYR A 351 11.82 14.29 27.89
N TRP A 352 12.81 14.18 27.02
CA TRP A 352 12.52 14.03 25.62
C TRP A 352 11.95 12.69 25.26
N GLN A 353 12.26 11.67 26.07
CA GLN A 353 11.80 10.31 25.73
C GLN A 353 10.56 9.98 26.52
N THR A 354 10.14 10.90 27.38
CA THR A 354 9.09 10.60 28.33
C THR A 354 9.20 9.20 28.99
N ASN A 355 10.39 8.86 29.52
CA ASN A 355 10.72 7.58 30.25
C ASN A 355 9.75 7.27 31.32
N ALA A 356 9.70 5.99 31.67
CA ALA A 356 9.12 5.63 32.98
C ALA A 356 9.86 6.39 34.09
N ASP A 357 11.21 6.51 34.01
CA ASP A 357 12.00 7.25 35.04
C ASP A 357 11.66 8.73 35.21
N LEU A 358 11.11 9.40 34.21
CA LEU A 358 10.86 10.81 34.32
C LEU A 358 9.85 11.04 35.38
N PHE A 359 9.01 10.04 35.60
CA PHE A 359 8.02 10.08 36.68
C PHE A 359 8.28 9.19 37.94
N GLU A 360 7.22 8.81 38.62
CA GLU A 360 7.31 7.91 39.77
C GLU A 360 7.64 6.50 39.26
N GLU A 361 7.30 6.27 38.00
CA GLU A 361 6.75 5.00 37.55
C GLU A 361 7.67 3.77 37.48
N ASP A 362 7.19 2.67 38.04
CA ASP A 362 7.81 1.35 37.81
C ASP A 362 7.57 0.96 36.34
N PHE A 363 6.30 1.06 35.93
CA PHE A 363 5.86 0.86 34.55
C PHE A 363 4.99 2.04 34.11
N LEU A 364 5.32 2.64 32.96
CA LEU A 364 4.65 3.84 32.39
C LEU A 364 3.09 3.84 32.40
N GLN A 365 2.49 4.92 32.91
CA GLN A 365 1.03 5.03 32.96
C GLN A 365 0.49 5.43 31.62
N PHE A 366 -0.55 4.73 31.19
CA PHE A 366 -1.22 5.02 29.91
C PHE A 366 -1.33 6.55 29.69
N TYR A 367 -1.74 7.25 30.73
CA TYR A 367 -2.15 8.65 30.62
C TYR A 367 -1.01 9.69 30.54
N GLN A 368 0.25 9.29 30.51
CA GLN A 368 1.33 10.31 30.44
C GLN A 368 1.80 10.51 29.01
N ARG A 369 1.32 11.56 28.36
CA ARG A 369 1.39 11.68 26.92
C ARG A 369 2.86 11.86 26.50
N SER A 370 3.29 11.18 25.45
CA SER A 370 4.70 11.12 25.10
C SER A 370 4.96 11.88 23.81
N TYR A 371 5.92 12.79 23.82
CA TYR A 371 6.26 13.53 22.61
C TYR A 371 6.67 12.59 21.42
N GLU A 372 7.52 11.59 21.65
CA GLU A 372 7.88 10.64 20.60
C GLU A 372 6.71 9.89 20.00
N VAL A 373 5.78 9.47 20.88
CA VAL A 373 4.59 8.75 20.43
C VAL A 373 3.77 9.63 19.48
N ASN A 374 3.45 10.85 19.93
CA ASN A 374 2.72 11.81 19.10
C ASN A 374 3.44 12.27 17.84
N ALA A 375 4.74 12.55 17.94
CA ALA A 375 5.56 12.85 16.79
C ALA A 375 5.43 11.76 15.74
N ARG A 376 5.50 10.49 16.14
CA ARG A 376 5.49 9.42 15.14
C ARG A 376 4.12 9.29 14.49
N ARG A 377 3.09 9.77 15.19
CA ARG A 377 1.76 9.63 14.60
C ARG A 377 1.57 10.67 13.54
N VAL A 378 2.04 11.86 13.83
CA VAL A 378 1.86 12.92 12.88
C VAL A 378 2.73 12.67 11.63
N LEU A 379 4.00 12.30 11.84
CA LEU A 379 4.92 12.12 10.71
C LEU A 379 4.63 10.87 9.91
N GLY A 380 3.99 9.89 10.56
CA GLY A 380 3.61 8.66 9.86
C GLY A 380 2.51 8.83 8.83
N ALA A 381 1.75 9.90 8.97
CA ALA A 381 0.76 10.29 8.00
C ALA A 381 -0.39 9.30 7.81
N ALA A 382 -0.63 8.37 8.74
CA ALA A 382 -1.74 7.45 8.56
C ALA A 382 -3.05 8.10 8.90
N PRO A 383 -4.15 7.52 8.39
CA PRO A 383 -5.52 7.83 8.85
C PRO A 383 -5.60 7.48 10.32
N LYS A 384 -6.57 8.04 11.06
CA LYS A 384 -6.63 7.77 12.50
C LYS A 384 -7.11 6.35 12.74
N PRO A 385 -6.57 5.68 13.77
CA PRO A 385 -6.95 4.27 14.01
C PRO A 385 -8.47 3.98 13.99
N PHE A 386 -8.82 2.82 13.46
CA PHE A 386 -10.21 2.43 13.41
C PHE A 386 -10.82 2.18 14.79
N ASN A 387 -10.21 1.30 15.56
CA ASN A 387 -10.54 1.16 16.97
C ASN A 387 -9.18 0.92 17.65
N GLN A 388 -9.14 0.63 18.94
CA GLN A 388 -7.80 0.56 19.54
C GLN A 388 -7.05 -0.72 19.40
N TYR A 389 -7.59 -1.64 18.61
CA TYR A 389 -6.83 -2.84 18.27
C TYR A 389 -6.50 -2.86 16.79
N THR A 390 -6.96 -1.86 16.06
CA THR A 390 -6.74 -1.86 14.65
C THR A 390 -6.39 -0.43 14.23
N PHE A 391 -5.14 -0.28 13.85
CA PHE A 391 -4.61 1.00 13.38
C PHE A 391 -3.94 0.72 12.03
N ILE A 392 -3.66 1.78 11.25
CA ILE A 392 -3.05 1.70 9.90
C ILE A 392 -1.59 2.01 10.04
N PRO A 393 -0.73 1.00 9.87
CA PRO A 393 0.71 1.08 10.19
C PRO A 393 1.53 1.96 9.29
N SER A 394 2.50 2.66 9.87
CA SER A 394 3.53 3.41 9.12
C SER A 394 4.85 2.74 9.47
N ALA A 395 5.96 3.24 8.97
CA ALA A 395 7.26 2.66 9.30
C ALA A 395 7.65 3.11 10.70
N LEU A 396 7.00 4.17 11.15
CA LEU A 396 7.30 4.77 12.41
C LEU A 396 6.54 4.05 13.51
N ASP A 397 5.76 3.03 13.14
CA ASP A 397 5.11 2.24 14.14
C ASP A 397 5.94 1.11 14.74
N PHE A 398 7.16 0.89 14.26
CA PHE A 398 7.98 -0.25 14.72
C PHE A 398 9.42 0.17 14.75
N TYR A 399 10.14 -0.39 15.72
CA TYR A 399 11.54 -0.13 15.84
C TYR A 399 12.28 -0.92 14.76
N GLN A 400 11.70 -2.03 14.33
CA GLN A 400 12.20 -2.79 13.19
C GLN A 400 12.22 -1.94 11.92
N THR A 401 11.24 -1.04 11.75
CA THR A 401 11.09 -0.30 10.51
C THR A 401 11.38 1.17 10.63
N SER A 402 11.65 1.66 11.83
CA SER A 402 11.74 3.12 11.95
C SER A 402 12.85 3.78 11.12
N ALA A 403 14.04 3.17 11.12
CA ALA A 403 15.22 3.74 10.45
C ALA A 403 15.08 3.82 8.91
N ARG A 404 13.96 3.31 8.40
CA ARG A 404 13.68 3.36 6.97
C ARG A 404 13.09 4.69 6.49
N ASP A 405 12.39 5.39 7.38
CA ASP A 405 11.69 6.61 7.01
C ASP A 405 12.57 7.78 7.27
N PRO A 406 12.82 8.60 6.26
CA PRO A 406 13.71 9.74 6.46
C PRO A 406 13.21 10.64 7.59
N ALA A 407 11.90 10.72 7.74
CA ALA A 407 11.29 11.53 8.79
C ALA A 407 11.73 11.11 10.20
N PHE A 408 12.21 9.88 10.33
CA PHE A 408 12.75 9.38 11.58
C PHE A 408 13.99 10.19 11.92
N TYR A 409 14.94 10.30 10.99
CA TYR A 409 16.15 11.05 11.27
C TYR A 409 15.82 12.50 11.42
N GLN A 410 14.73 12.95 10.79
CA GLN A 410 14.36 14.33 10.96
C GLN A 410 13.86 14.61 12.35
N LEU A 411 13.11 13.67 12.91
CA LEU A 411 12.58 13.81 14.26
C LEU A 411 13.69 13.81 15.27
N TYR A 412 14.50 12.77 15.25
CA TYR A 412 15.53 12.62 16.25
C TYR A 412 16.67 13.66 16.12
N LYS A 413 16.95 14.14 14.90
CA LYS A 413 17.87 15.27 14.79
C LYS A 413 17.26 16.51 15.49
N ARG A 414 15.94 16.63 15.42
CA ARG A 414 15.27 17.78 16.00
C ARG A 414 15.44 17.67 17.53
N ILE A 415 15.26 16.45 18.05
CA ILE A 415 15.42 16.25 19.48
C ILE A 415 16.88 16.57 19.86
N VAL A 416 17.83 15.96 19.14
CA VAL A 416 19.24 16.11 19.46
C VAL A 416 19.66 17.57 19.47
N GLN A 417 19.16 18.35 18.53
CA GLN A 417 19.46 19.75 18.52
C GLN A 417 18.92 20.41 19.77
N TYR A 418 17.78 19.98 20.24
CA TYR A 418 17.21 20.68 21.37
C TYR A 418 18.09 20.47 22.59
N ILE A 419 18.56 19.22 22.77
CA ILE A 419 19.44 18.91 23.87
C ILE A 419 20.77 19.67 23.69
N ILE A 420 21.35 19.68 22.51
CA ILE A 420 22.53 20.54 22.27
C ILE A 420 22.24 22.00 22.66
N GLU A 421 20.98 22.40 22.59
CA GLU A 421 20.69 23.78 22.90
C GLU A 421 20.96 23.92 24.39
N PHE A 422 20.35 23.04 25.19
CA PHE A 422 20.67 22.92 26.62
C PHE A 422 22.16 22.75 26.94
N LYS A 423 22.90 22.03 26.11
CA LYS A 423 24.30 21.76 26.36
C LYS A 423 25.18 23.03 26.48
N GLN A 424 24.58 24.19 26.21
CA GLN A 424 25.23 25.46 26.44
C GLN A 424 25.42 25.68 27.94
N TYR A 425 24.58 25.08 28.72
CA TYR A 425 24.66 25.19 30.17
C TYR A 425 25.76 24.33 30.76
N GLN A 426 26.37 23.49 29.97
CA GLN A 426 27.45 22.70 30.52
C GLN A 426 28.79 23.44 30.42
N VAL A 427 29.72 23.07 31.28
CA VAL A 427 30.97 23.80 31.31
C VAL A 427 31.97 23.13 30.38
N PRO A 428 32.44 23.87 29.37
CA PRO A 428 33.38 23.30 28.40
C PRO A 428 34.67 22.90 29.09
N TYR A 429 35.17 21.72 28.72
CA TYR A 429 36.45 21.19 29.20
C TYR A 429 37.59 22.20 29.08
N THR A 430 38.28 22.45 30.19
CA THR A 430 39.46 23.32 30.21
C THR A 430 40.69 22.62 29.64
N GLN A 431 41.79 23.36 29.61
CA GLN A 431 43.04 22.85 29.04
C GLN A 431 43.65 21.72 29.85
N GLU A 432 43.90 21.94 31.14
CA GLU A 432 44.55 20.89 31.93
C GLU A 432 43.62 19.70 32.12
N ALA A 433 42.32 20.01 32.08
CA ALA A 433 41.29 18.97 32.06
C ALA A 433 41.57 17.90 30.98
N LEU A 434 41.87 18.35 29.76
CA LEU A 434 42.10 17.44 28.64
C LEU A 434 43.57 17.01 28.52
N HIS A 435 44.47 17.85 29.01
CA HIS A 435 45.90 17.61 28.85
C HIS A 435 46.37 16.42 29.64
N PHE A 436 46.86 15.40 28.96
CA PHE A 436 47.48 14.25 29.62
C PHE A 436 48.96 14.53 29.89
N VAL A 437 49.30 14.71 31.16
CA VAL A 437 50.68 15.07 31.51
C VAL A 437 51.68 13.96 31.22
N GLY A 438 52.73 14.32 30.46
CA GLY A 438 53.85 13.43 30.12
C GLY A 438 53.48 12.33 29.16
N LEU A 439 52.52 12.61 28.27
CA LEU A 439 52.04 11.65 27.26
C LEU A 439 51.68 12.40 25.97
N LYS A 440 52.26 11.93 24.87
CA LYS A 440 52.15 12.54 23.56
C LYS A 440 51.90 11.46 22.51
N ILE A 441 50.96 11.70 21.61
CA ILE A 441 50.86 10.87 20.39
C ILE A 441 51.79 11.50 19.34
N SER A 442 52.77 10.75 18.87
CA SER A 442 53.73 11.37 17.94
C SER A 442 53.25 11.22 16.54
N ASP A 443 52.62 10.07 16.27
CA ASP A 443 52.06 9.78 14.95
C ASP A 443 50.88 8.79 14.98
N VAL A 444 49.99 8.91 14.00
CA VAL A 444 48.99 7.88 13.76
C VAL A 444 49.03 7.40 12.31
N LYS A 445 48.76 6.12 12.11
CA LYS A 445 48.97 5.48 10.84
C LYS A 445 47.85 4.50 10.64
N VAL A 446 47.13 4.59 9.52
CA VAL A 446 46.08 3.63 9.22
C VAL A 446 46.31 2.86 7.94
N ASP A 447 45.85 1.62 7.92
CA ASP A 447 45.81 0.78 6.72
C ASP A 447 44.81 1.36 5.77
N LYS A 448 44.71 0.81 4.57
CA LYS A 448 43.75 1.32 3.61
C LYS A 448 42.32 1.03 4.01
N MET A 449 41.52 2.07 4.05
CA MET A 449 40.13 1.95 4.37
C MET A 449 39.27 1.83 3.10
N VAL A 450 38.70 0.63 2.91
CA VAL A 450 37.97 0.25 1.70
C VAL A 450 36.56 -0.28 1.95
N THR A 451 35.55 0.42 1.48
CA THR A 451 34.21 -0.18 1.52
C THR A 451 33.95 -1.00 0.27
N PHE A 452 32.94 -1.87 0.33
CA PHE A 452 32.54 -2.66 -0.84
C PHE A 452 31.25 -3.33 -0.51
N PHE A 453 30.63 -3.97 -1.49
CA PHE A 453 29.37 -4.69 -1.31
C PHE A 453 29.51 -6.23 -1.39
N ASP A 454 28.63 -6.95 -0.70
CA ASP A 454 28.75 -8.38 -0.45
C ASP A 454 27.33 -8.85 -0.45
N HIS A 455 27.02 -10.00 -1.05
CA HIS A 455 25.67 -10.56 -0.86
C HIS A 455 25.57 -11.07 0.52
N PHE A 456 24.38 -11.05 1.10
CA PHE A 456 24.17 -11.54 2.45
C PHE A 456 22.84 -12.28 2.53
N ASP A 457 22.81 -13.40 3.24
CA ASP A 457 21.64 -14.28 3.27
C ASP A 457 20.97 -14.27 4.62
N PHE A 458 19.64 -14.37 4.63
CA PHE A 458 18.94 -14.73 5.84
C PHE A 458 17.63 -15.44 5.50
N ASP A 459 17.13 -16.24 6.43
CA ASP A 459 15.96 -17.01 6.14
C ASP A 459 14.70 -16.27 6.53
N ALA A 460 13.80 -16.06 5.56
CA ALA A 460 12.63 -15.28 5.75
C ALA A 460 11.43 -16.19 5.96
N PHE A 461 11.70 -17.46 6.25
CA PHE A 461 10.59 -18.40 6.31
C PHE A 461 9.45 -17.98 7.27
N ASN A 462 9.73 -17.16 8.28
CA ASN A 462 8.69 -16.83 9.23
C ASN A 462 7.59 -15.99 8.63
N THR A 463 7.73 -15.54 7.39
CA THR A 463 6.62 -14.79 6.78
C THR A 463 5.98 -15.54 5.64
N VAL A 464 6.29 -16.81 5.57
CA VAL A 464 5.81 -17.72 4.54
C VAL A 464 4.96 -18.78 5.22
N TYR A 465 3.87 -19.20 4.58
CA TYR A 465 2.95 -20.20 5.22
C TYR A 465 3.12 -21.67 4.79
N PHE A 466 3.07 -22.59 5.74
CA PHE A 466 3.26 -24.02 5.44
C PHE A 466 2.06 -24.87 5.78
N SER A 467 1.96 -26.04 5.15
CA SER A 467 0.82 -26.94 5.34
C SER A 467 0.89 -27.67 6.67
N LYS A 468 -0.26 -28.12 7.15
CA LYS A 468 -0.36 -28.96 8.35
C LYS A 468 0.80 -29.99 8.42
N GLU A 469 1.03 -30.68 7.31
CA GLU A 469 2.11 -31.65 7.20
C GLU A 469 3.50 -31.04 7.30
N GLU A 470 3.73 -29.97 6.55
CA GLU A 470 5.04 -29.33 6.45
C GLU A 470 5.51 -28.79 7.79
N LEU A 471 4.58 -28.26 8.56
CA LEU A 471 4.89 -27.65 9.85
C LEU A 471 5.53 -28.64 10.82
N LYS A 472 5.20 -29.92 10.69
CA LYS A 472 5.80 -31.00 11.50
C LYS A 472 7.33 -31.02 11.40
N SER A 473 7.89 -30.58 10.28
CA SER A 473 9.33 -30.64 10.09
C SER A 473 10.05 -29.36 10.47
N SER A 474 9.30 -28.38 10.97
CA SER A 474 9.86 -27.07 11.31
C SER A 474 10.53 -26.51 10.08
N PRO A 475 9.75 -26.31 8.99
CA PRO A 475 10.22 -25.99 7.64
C PRO A 475 10.79 -24.57 7.52
N HIS A 476 11.87 -24.40 6.79
CA HIS A 476 12.50 -23.09 6.67
C HIS A 476 13.23 -22.91 5.32
N GLY A 477 12.60 -23.27 4.21
CA GLY A 477 13.28 -23.14 2.90
C GLY A 477 13.78 -21.78 2.36
N TYR A 478 13.30 -20.65 2.87
CA TYR A 478 13.12 -19.44 2.06
C TYR A 478 14.05 -18.29 2.36
N LYS A 479 15.07 -18.09 1.54
CA LYS A 479 16.14 -17.14 1.85
C LYS A 479 16.23 -15.86 1.01
N VAL A 480 16.70 -14.78 1.63
CA VAL A 480 16.82 -13.52 0.96
C VAL A 480 18.30 -13.17 0.87
N ARG A 481 18.77 -13.03 -0.36
CA ARG A 481 20.15 -12.67 -0.58
C ARG A 481 20.13 -11.28 -1.15
N GLN A 482 20.84 -10.39 -0.48
CA GLN A 482 20.85 -8.97 -0.79
C GLN A 482 22.24 -8.43 -0.54
N PRO A 483 22.74 -7.54 -1.42
CA PRO A 483 24.05 -6.90 -1.21
C PRO A 483 24.01 -5.90 -0.04
N ARG A 484 24.96 -5.99 0.86
CA ARG A 484 24.93 -5.12 2.02
C ARG A 484 26.29 -4.47 2.00
N LEU A 485 26.37 -3.26 2.59
CA LEU A 485 27.61 -2.54 2.75
C LEU A 485 28.59 -3.42 3.54
N ASN A 486 29.86 -3.09 3.48
CA ASN A 486 30.92 -3.85 4.11
C ASN A 486 32.26 -3.19 3.84
N HIS A 487 33.26 -3.49 4.66
CA HIS A 487 34.58 -2.91 4.48
C HIS A 487 35.59 -4.02 4.78
N LYS A 488 36.83 -3.79 4.38
CA LYS A 488 37.93 -4.72 4.62
C LYS A 488 38.50 -4.42 5.99
N PRO A 489 39.14 -5.43 6.65
CA PRO A 489 39.69 -5.11 7.98
C PRO A 489 40.88 -4.21 7.79
N PHE A 490 41.09 -3.26 8.70
CA PHE A 490 42.27 -2.40 8.65
C PHE A 490 42.81 -2.21 10.05
N THR A 491 44.10 -1.87 10.15
CA THR A 491 44.65 -1.57 11.46
C THR A 491 45.14 -0.13 11.58
N VAL A 492 44.99 0.40 12.79
CA VAL A 492 45.43 1.74 13.10
C VAL A 492 46.66 1.50 13.96
N THR A 493 47.77 2.16 13.66
CA THR A 493 48.86 2.07 14.60
C THR A 493 49.17 3.45 15.13
N ILE A 494 49.38 3.50 16.45
CA ILE A 494 49.54 4.74 17.21
C ILE A 494 50.93 4.83 17.83
N ASP A 495 51.65 5.89 17.50
CA ASP A 495 53.00 6.11 18.06
C ASP A 495 52.97 7.05 19.30
N ILE A 496 53.38 6.49 20.43
CA ILE A 496 53.26 7.15 21.73
C ILE A 496 54.60 7.41 22.44
N LYS A 497 54.74 8.57 23.07
CA LYS A 497 55.89 8.83 23.91
C LYS A 497 55.43 9.24 25.31
N SER A 498 55.85 8.45 26.30
CA SER A 498 55.44 8.68 27.71
C SER A 498 56.59 8.83 28.69
N ASP A 499 56.48 9.81 29.60
CA ASP A 499 57.47 10.05 30.68
C ASP A 499 57.50 8.94 31.69
N VAL A 500 56.41 8.18 31.76
CA VAL A 500 56.13 7.38 32.93
C VAL A 500 55.30 6.19 32.57
N ALA A 501 55.30 5.16 33.41
CA ALA A 501 54.33 4.11 33.23
C ALA A 501 53.03 4.60 33.83
N THR A 502 51.95 4.54 33.04
CA THR A 502 50.57 4.83 33.47
C THR A 502 49.64 3.82 32.84
N ASN A 503 48.37 3.93 33.18
CA ASN A 503 47.34 3.24 32.48
C ASN A 503 46.54 4.30 31.76
N ALA A 504 46.27 4.03 30.49
CA ALA A 504 45.60 5.01 29.65
C ALA A 504 44.35 4.42 29.00
N VAL A 505 43.33 5.25 28.84
CA VAL A 505 42.27 4.87 27.94
C VAL A 505 42.60 5.41 26.55
N VAL A 506 42.51 4.56 25.53
CA VAL A 506 42.65 4.97 24.11
C VAL A 506 41.31 4.93 23.38
N LYS A 507 40.82 6.12 23.04
CA LYS A 507 39.57 6.26 22.30
C LYS A 507 39.88 6.74 20.90
N MET A 508 39.23 6.16 19.90
CA MET A 508 39.34 6.75 18.58
C MET A 508 37.96 6.86 17.89
N PHE A 509 37.68 8.05 17.32
CA PHE A 509 36.40 8.42 16.68
C PHE A 509 36.57 8.65 15.18
N LEU A 510 35.47 8.68 14.43
CA LEU A 510 35.50 9.03 12.99
C LEU A 510 34.46 10.08 12.70
N GLY A 511 34.85 11.08 11.93
CA GLY A 511 33.93 12.18 11.60
C GLY A 511 34.26 12.87 10.29
N PRO A 512 33.51 13.91 9.94
CA PRO A 512 33.69 14.57 8.64
C PRO A 512 34.90 15.51 8.54
N LYS A 513 35.37 15.74 7.32
CA LYS A 513 36.52 16.60 7.09
C LYS A 513 36.01 17.92 6.54
N TYR A 514 35.20 17.84 5.48
CA TYR A 514 34.70 19.04 4.81
C TYR A 514 33.17 19.22 4.80
N ASP A 515 32.73 20.49 4.88
CA ASP A 515 31.40 20.97 4.41
C ASP A 515 30.98 20.35 3.12
N GLU A 516 29.74 20.62 2.79
CA GLU A 516 29.27 20.45 1.42
C GLU A 516 29.86 21.53 0.49
N ASN A 517 30.51 22.52 1.08
CA ASN A 517 31.13 23.62 0.34
C ASN A 517 32.64 23.42 0.10
N GLY A 518 33.17 22.29 0.57
CA GLY A 518 34.58 22.01 0.43
C GLY A 518 35.44 22.74 1.45
N PHE A 519 34.80 23.31 2.49
CA PHE A 519 35.50 23.95 3.61
C PHE A 519 35.75 23.00 4.78
N PRO A 520 36.92 23.13 5.40
CA PRO A 520 37.18 22.36 6.60
C PRO A 520 36.13 22.67 7.66
N PHE A 521 35.52 21.66 8.25
CA PHE A 521 34.66 21.86 9.42
C PHE A 521 35.51 22.35 10.57
N SER A 522 35.06 23.38 11.29
CA SER A 522 35.72 23.68 12.57
C SER A 522 35.16 22.81 13.73
N LEU A 523 35.98 22.49 14.73
CA LEU A 523 35.47 21.65 15.80
C LEU A 523 34.25 22.18 16.52
N GLU A 524 34.14 23.49 16.75
CA GLU A 524 32.95 24.07 17.43
C GLU A 524 31.70 23.60 16.72
N ASP A 525 31.74 23.42 15.40
CA ASP A 525 30.59 22.90 14.68
C ASP A 525 30.65 21.42 14.34
N ASN A 526 31.75 20.74 14.60
CA ASN A 526 31.87 19.36 14.12
C ASN A 526 31.71 18.31 15.18
N TRP A 527 31.76 18.72 16.43
CA TRP A 527 31.84 17.70 17.48
C TRP A 527 30.69 16.70 17.49
N MET A 528 29.47 17.13 17.24
CA MET A 528 28.34 16.21 17.20
C MET A 528 28.41 15.30 16.00
N ASN A 529 29.33 15.53 15.06
CA ASN A 529 29.29 14.74 13.84
C ASN A 529 30.24 13.59 13.89
N PHE A 530 30.99 13.45 14.98
CA PHE A 530 31.93 12.34 15.14
C PHE A 530 31.28 11.15 15.83
N TYR A 531 31.49 9.93 15.32
CA TYR A 531 31.05 8.75 16.02
C TYR A 531 32.24 7.91 16.50
N GLU A 532 32.10 7.37 17.72
CA GLU A 532 33.08 6.52 18.40
C GLU A 532 33.26 5.23 17.61
N LEU A 533 34.49 4.85 17.35
CA LEU A 533 34.72 3.56 16.70
C LEU A 533 35.10 2.57 17.77
N ASP A 534 35.78 3.04 18.82
CA ASP A 534 36.48 2.12 19.72
C ASP A 534 37.09 2.83 20.90
N TRP A 535 37.25 2.10 22.00
CA TRP A 535 37.98 2.52 23.19
C TRP A 535 38.64 1.28 23.80
N PHE A 536 39.77 1.48 24.50
CA PHE A 536 40.34 0.40 25.29
C PHE A 536 41.37 0.94 26.28
N VAL A 537 41.90 0.03 27.11
CA VAL A 537 42.84 0.36 28.16
C VAL A 537 44.23 -0.30 27.91
N GLN A 538 45.27 0.51 27.81
CA GLN A 538 46.62 0.01 27.63
C GLN A 538 47.43 0.34 28.85
N LYS A 539 48.23 -0.62 29.32
CA LYS A 539 49.31 -0.30 30.23
C LYS A 539 50.37 0.38 29.34
N VAL A 540 50.77 1.59 29.67
CA VAL A 540 51.67 2.36 28.84
C VAL A 540 52.99 2.49 29.55
N ASN A 541 54.04 2.07 28.85
CA ASN A 541 55.38 2.13 29.36
C ASN A 541 56.05 3.44 29.07
N PRO A 542 56.97 3.86 29.95
CA PRO A 542 57.73 5.07 29.67
C PRO A 542 58.68 4.84 28.50
N GLY A 543 58.94 5.90 27.76
CA GLY A 543 59.70 5.80 26.52
C GLY A 543 58.77 5.77 25.33
N GLN A 544 59.30 5.32 24.20
CA GLN A 544 58.50 5.27 22.98
C GLN A 544 57.90 3.90 22.75
N SER A 545 56.62 3.89 22.41
CA SER A 545 55.90 2.65 22.15
C SER A 545 55.03 2.84 20.94
N GLN A 546 54.56 1.74 20.39
CA GLN A 546 53.62 1.79 19.31
C GLN A 546 52.44 0.85 19.64
N ILE A 547 51.23 1.40 19.76
CA ILE A 547 50.02 0.57 19.92
C ILE A 547 49.39 0.26 18.57
N THR A 548 49.21 -1.02 18.25
CA THR A 548 48.37 -1.38 17.07
C THR A 548 46.93 -1.78 17.45
N ARG A 549 45.97 -1.44 16.62
CA ARG A 549 44.59 -1.87 16.86
C ARG A 549 43.90 -2.27 15.57
N SER A 550 43.32 -3.46 15.55
CA SER A 550 42.68 -3.95 14.35
C SER A 550 41.22 -3.61 14.36
N SER A 551 40.67 -3.26 13.21
CA SER A 551 39.26 -2.94 13.06
C SER A 551 38.38 -4.09 13.59
N THR A 552 38.93 -5.29 13.56
CA THR A 552 38.28 -6.48 14.07
C THR A 552 37.96 -6.41 15.57
N ASP A 553 38.80 -5.71 16.32
CA ASP A 553 38.70 -5.62 17.79
C ASP A 553 37.97 -4.35 18.28
N PHE A 554 37.43 -3.55 17.36
CA PHE A 554 36.82 -2.30 17.77
C PHE A 554 35.64 -2.57 18.70
N ALA A 555 35.58 -1.82 19.80
CA ALA A 555 34.61 -2.08 20.87
C ALA A 555 33.14 -1.92 20.47
N PHE A 556 32.86 -1.04 19.50
CA PHE A 556 31.50 -0.65 19.14
C PHE A 556 30.83 -1.41 17.97
N PHE A 557 31.53 -2.41 17.43
CA PHE A 557 31.02 -3.12 16.27
C PHE A 557 31.07 -4.62 16.46
N LYS A 558 30.21 -5.31 15.73
CA LYS A 558 30.11 -6.77 15.86
C LYS A 558 30.04 -7.49 14.51
N GLU A 559 30.34 -8.79 14.55
CA GLU A 559 30.06 -9.69 13.43
C GLU A 559 28.58 -9.87 13.17
N ASP A 560 28.23 -10.23 11.95
CA ASP A 560 26.86 -10.52 11.61
C ASP A 560 26.31 -11.65 12.48
N SER A 561 24.99 -11.66 12.66
CA SER A 561 24.35 -12.79 13.31
C SER A 561 24.40 -14.02 12.41
N LEU A 562 24.43 -15.19 13.04
CA LEU A 562 24.30 -16.42 12.29
C LEU A 562 22.82 -16.68 12.21
N PRO A 563 22.36 -17.29 11.11
CA PRO A 563 21.01 -17.80 11.03
C PRO A 563 20.78 -18.83 12.11
N MET A 564 19.52 -18.96 12.49
CA MET A 564 19.07 -19.91 13.44
C MET A 564 19.52 -21.35 13.08
N ALA A 565 19.59 -21.66 11.79
CA ALA A 565 20.04 -22.99 11.36
C ALA A 565 21.45 -23.20 11.83
N GLU A 566 22.30 -22.20 11.63
CA GLU A 566 23.72 -22.28 11.94
C GLU A 566 23.99 -22.26 13.44
N ILE A 567 23.08 -21.61 14.17
CA ILE A 567 23.13 -21.61 15.63
C ILE A 567 22.94 -23.06 16.13
N TYR A 568 21.90 -23.73 15.65
CA TYR A 568 21.64 -25.12 15.98
C TYR A 568 22.80 -26.05 15.59
N LYS A 569 23.34 -25.85 14.40
CA LYS A 569 24.48 -26.64 13.97
C LYS A 569 25.66 -26.43 14.89
N LEU A 570 25.73 -25.26 15.53
CA LEU A 570 26.81 -25.01 16.49
C LEU A 570 26.54 -25.58 17.87
N LEU A 571 25.28 -25.79 18.20
CA LEU A 571 24.95 -26.26 19.51
C LEU A 571 25.23 -27.74 19.49
N ASP A 572 25.02 -28.32 18.31
CA ASP A 572 25.19 -29.74 18.17
C ASP A 572 26.60 -30.16 18.51
N GLN A 573 27.53 -29.24 18.34
CA GLN A 573 28.89 -29.40 18.79
C GLN A 573 29.24 -28.43 19.94
N GLY A 574 28.31 -28.27 20.88
CA GLY A 574 28.56 -27.50 22.11
C GLY A 574 29.21 -26.11 22.00
N LYS A 575 28.68 -25.25 21.11
CA LYS A 575 29.17 -23.87 20.95
C LYS A 575 28.06 -22.85 20.69
N ILE A 576 28.39 -21.58 20.94
CA ILE A 576 27.55 -20.46 20.48
C ILE A 576 28.37 -19.31 19.84
N PRO A 577 27.78 -18.55 18.89
CA PRO A 577 28.52 -17.46 18.25
C PRO A 577 28.73 -16.38 19.29
N THR A 578 29.98 -16.09 19.57
CA THR A 578 30.26 -15.33 20.77
C THR A 578 29.85 -13.84 20.72
N ASP A 579 29.71 -13.29 19.51
CA ASP A 579 29.12 -11.95 19.39
C ASP A 579 27.65 -11.94 19.67
N MET A 580 26.95 -12.98 19.26
CA MET A 580 25.52 -13.08 19.56
C MET A 580 25.34 -13.25 21.05
N PHE A 581 26.41 -13.65 21.72
CA PHE A 581 26.40 -13.90 23.15
C PHE A 581 26.67 -12.63 23.97
N ASN A 582 27.89 -12.09 23.82
CA ASN A 582 28.45 -10.95 24.59
C ASN A 582 27.80 -9.63 24.14
N SER A 583 27.61 -9.43 22.83
CA SER A 583 27.18 -8.13 22.33
C SER A 583 26.28 -8.14 21.08
N SER A 584 25.01 -8.52 21.28
CA SER A 584 24.00 -8.47 20.23
C SER A 584 23.47 -7.03 19.96
N ASP A 585 23.77 -6.07 20.83
CA ASP A 585 23.13 -4.76 20.81
C ASP A 585 24.01 -3.67 20.19
N THR A 586 25.12 -4.01 19.52
CA THR A 586 25.97 -2.98 18.85
C THR A 586 25.83 -2.94 17.32
N MET A 587 26.35 -1.88 16.71
CA MET A 587 26.33 -1.76 15.25
C MET A 587 27.11 -2.91 14.60
N PRO A 588 26.58 -3.47 13.50
CA PRO A 588 27.28 -4.47 12.68
C PRO A 588 28.54 -3.87 12.14
N SER A 589 29.58 -4.66 11.98
CA SER A 589 30.83 -4.06 11.54
C SER A 589 30.82 -3.69 10.08
N ARG A 590 30.01 -4.41 9.31
CA ARG A 590 29.69 -4.09 7.94
C ARG A 590 29.58 -2.59 7.73
N LEU A 591 28.81 -1.92 8.60
CA LEU A 591 28.36 -0.58 8.43
C LEU A 591 29.26 0.41 9.15
N MET A 592 30.42 -0.07 9.58
CA MET A 592 31.38 0.72 10.31
C MET A 592 31.79 1.99 9.56
N LEU A 593 32.15 1.82 8.29
CA LEU A 593 32.55 2.95 7.44
C LEU A 593 31.42 3.30 6.52
N PRO A 594 31.27 4.60 6.23
CA PRO A 594 30.27 5.02 5.22
C PRO A 594 30.81 4.65 3.85
N LYS A 595 29.94 4.41 2.85
CA LYS A 595 30.39 4.04 1.50
C LYS A 595 31.41 5.06 0.90
N GLY A 596 32.56 4.57 0.50
CA GLY A 596 33.60 5.40 -0.07
C GLY A 596 33.46 5.60 -1.57
N THR A 597 34.53 6.09 -2.19
CA THR A 597 34.52 6.41 -3.61
C THR A 597 35.84 5.89 -4.20
N TYR A 598 35.97 5.91 -5.51
CA TYR A 598 37.23 5.45 -6.09
C TYR A 598 38.36 6.47 -5.80
N ASP A 599 37.95 7.73 -5.69
CA ASP A 599 38.79 8.88 -5.31
C ASP A 599 39.52 8.56 -3.98
N GLY A 600 38.73 8.06 -3.01
CA GLY A 600 39.05 8.12 -1.60
C GLY A 600 38.18 9.26 -1.14
N PHE A 601 37.25 9.04 -0.21
CA PHE A 601 36.51 10.14 0.38
C PHE A 601 37.17 10.59 1.68
N PRO A 602 37.35 11.89 1.85
CA PRO A 602 38.12 12.31 3.01
C PRO A 602 37.30 12.43 4.29
N PHE A 603 37.78 11.84 5.39
CA PHE A 603 37.21 12.02 6.75
C PHE A 603 38.35 12.17 7.74
N GLN A 604 38.03 12.55 8.98
CA GLN A 604 39.04 12.59 10.04
C GLN A 604 38.83 11.46 11.00
N LEU A 605 39.94 10.79 11.32
CA LEU A 605 39.99 9.86 12.41
C LEU A 605 40.60 10.61 13.57
N PHE A 606 39.91 10.63 14.70
CA PHE A 606 40.39 11.36 15.83
C PHE A 606 40.81 10.35 16.89
N VAL A 607 42.07 10.43 17.36
CA VAL A 607 42.62 9.50 18.33
C VAL A 607 42.89 10.30 19.58
N PHE A 608 42.55 9.73 20.73
CA PHE A 608 42.59 10.44 22.01
C PHE A 608 43.01 9.45 23.08
N VAL A 609 44.02 9.85 23.86
CA VAL A 609 44.54 9.06 24.96
C VAL A 609 44.44 9.91 26.24
N TYR A 610 43.83 9.33 27.27
CA TYR A 610 43.73 9.96 28.58
C TYR A 610 43.93 8.96 29.72
N PRO A 611 44.22 9.48 30.91
CA PRO A 611 44.51 8.64 32.09
C PRO A 611 43.35 7.71 32.47
N TYR A 612 43.63 6.42 32.58
CA TYR A 612 42.61 5.49 33.11
C TYR A 612 42.44 5.58 34.63
N GLU A 613 41.23 5.98 35.07
CA GLU A 613 40.88 6.05 36.50
C GLU A 613 39.62 5.28 36.77
N PRO A 614 39.76 3.99 37.10
CA PRO A 614 38.61 3.07 37.22
C PRO A 614 37.55 3.46 38.26
N THR A 615 36.32 2.98 38.03
CA THR A 615 35.26 3.04 39.03
C THR A 615 34.60 1.68 39.08
N PRO A 616 33.92 1.38 40.19
CA PRO A 616 33.26 0.08 40.31
C PRO A 616 32.41 -0.20 39.09
N LYS A 617 32.66 -1.34 38.45
CA LYS A 617 31.95 -1.75 37.22
C LYS A 617 30.45 -1.46 37.28
N GLU A 618 29.95 -0.78 36.25
CA GLU A 618 28.52 -0.66 36.01
C GLU A 618 27.97 -2.04 35.62
N SER A 619 26.75 -2.35 36.07
CA SER A 619 25.97 -3.49 35.57
C SER A 619 25.05 -2.97 34.45
N GLU A 620 25.39 -3.37 33.23
CA GLU A 620 25.10 -2.58 32.04
C GLU A 620 23.94 -3.11 31.19
N PRO A 621 23.01 -2.20 30.83
CA PRO A 621 21.95 -2.63 29.93
C PRO A 621 22.50 -2.70 28.53
N PHE A 622 23.76 -2.27 28.38
CA PHE A 622 24.28 -1.90 27.09
C PHE A 622 25.74 -2.10 26.82
N LYS A 623 26.11 -1.57 25.66
CA LYS A 623 27.48 -1.46 25.22
C LYS A 623 28.32 -1.11 26.43
N ALA A 624 29.06 -2.11 26.91
CA ALA A 624 30.05 -1.92 27.94
C ALA A 624 30.84 -0.67 27.52
N VAL A 625 30.75 0.37 28.32
CA VAL A 625 31.47 1.60 28.05
C VAL A 625 32.61 1.74 29.05
N VAL A 626 33.53 2.67 28.79
CA VAL A 626 34.72 2.83 29.61
C VAL A 626 34.36 2.80 31.12
N PRO A 627 35.01 1.88 31.89
CA PRO A 627 34.81 1.77 33.34
C PRO A 627 35.27 3.05 34.04
N ASP A 628 34.64 4.16 33.66
CA ASP A 628 35.04 5.53 33.96
C ASP A 628 33.94 6.33 34.57
N ASN A 629 34.32 7.35 35.31
CA ASN A 629 33.37 8.36 35.71
C ASN A 629 33.12 9.34 34.55
N LYS A 630 33.82 9.14 33.44
CA LYS A 630 33.68 10.00 32.28
C LYS A 630 32.36 9.75 31.57
N PRO A 631 31.81 10.79 30.93
CA PRO A 631 30.58 10.67 30.15
C PRO A 631 30.66 9.66 28.99
N PHE A 632 29.50 9.33 28.43
CA PHE A 632 29.45 8.61 27.17
C PHE A 632 29.97 9.52 26.09
N GLY A 633 30.84 8.98 25.25
CA GLY A 633 31.27 9.73 24.08
C GLY A 633 32.20 10.87 24.39
N TYR A 634 32.72 10.89 25.62
CA TYR A 634 33.82 11.78 25.99
C TYR A 634 35.00 11.60 25.02
N PRO A 635 35.69 12.72 24.62
CA PRO A 635 35.45 14.11 25.05
C PRO A 635 34.52 14.87 24.13
N PHE A 636 33.72 14.15 23.34
CA PHE A 636 32.76 14.78 22.44
C PHE A 636 31.32 14.76 22.96
N ASP A 637 31.17 14.77 24.28
CA ASP A 637 29.86 14.69 24.89
C ASP A 637 29.18 16.06 25.01
N ARG A 638 29.87 17.13 24.61
CA ARG A 638 29.40 18.52 24.81
C ARG A 638 30.18 19.52 23.93
N PRO A 639 29.67 20.74 23.77
CA PRO A 639 30.42 21.72 23.01
C PRO A 639 31.86 21.94 23.49
N VAL A 640 32.73 22.21 22.52
CA VAL A 640 34.11 22.37 22.83
C VAL A 640 34.61 23.80 22.65
N LEU A 641 35.74 24.11 23.32
CA LEU A 641 36.57 25.27 22.89
C LEU A 641 37.79 24.76 22.12
N PRO A 642 37.81 25.00 20.80
CA PRO A 642 38.71 24.26 19.95
C PRO A 642 40.18 24.44 20.25
N GLN A 643 40.57 25.51 20.93
CA GLN A 643 41.97 25.69 21.39
C GLN A 643 42.40 24.55 22.26
N TYR A 644 41.47 24.14 23.11
CA TYR A 644 41.79 23.20 24.12
C TYR A 644 41.91 21.80 23.48
N PHE A 645 41.60 21.73 22.20
CA PHE A 645 41.75 20.49 21.48
C PHE A 645 43.01 20.36 20.62
N LYS A 646 44.07 21.09 20.96
CA LYS A 646 45.34 20.89 20.26
C LYS A 646 46.38 20.11 21.09
N GLN A 647 45.95 19.52 22.20
CA GLN A 647 46.79 18.73 23.13
C GLN A 647 47.66 17.64 22.52
N PRO A 648 48.81 17.35 23.13
CA PRO A 648 49.76 16.35 22.60
C PRO A 648 49.27 14.92 22.63
N ASN A 649 48.20 14.70 23.38
CA ASN A 649 47.63 13.37 23.51
C ASN A 649 46.37 13.26 22.67
N MET A 650 46.25 14.16 21.70
CA MET A 650 45.18 14.19 20.73
C MET A 650 45.77 14.10 19.37
N PHE A 651 45.09 13.49 18.44
CA PHE A 651 45.58 13.48 17.09
C PHE A 651 44.43 13.37 16.09
N PHE A 652 44.30 14.40 15.25
CA PHE A 652 43.38 14.39 14.11
C PHE A 652 44.09 13.97 12.84
N LYS A 653 43.64 12.90 12.20
CA LYS A 653 44.35 12.38 11.03
C LYS A 653 43.38 12.26 9.88
N LYS A 654 43.74 12.90 8.78
CA LYS A 654 42.90 12.87 7.63
C LYS A 654 43.08 11.50 6.99
N VAL A 655 41.95 10.91 6.60
CA VAL A 655 41.86 9.51 6.19
C VAL A 655 40.90 9.43 5.00
N LEU A 656 41.19 8.59 4.02
CA LEU A 656 40.36 8.51 2.81
C LEU A 656 39.74 7.16 2.72
N VAL A 657 38.43 7.09 2.55
CA VAL A 657 37.71 5.82 2.37
C VAL A 657 37.48 5.57 0.88
N TYR A 658 38.15 4.54 0.36
CA TYR A 658 37.96 4.06 -1.01
C TYR A 658 36.87 3.01 -1.05
N HIS A 659 36.41 2.71 -2.26
CA HIS A 659 35.44 1.66 -2.48
C HIS A 659 36.01 0.72 -3.52
N GLU A 660 35.59 -0.54 -3.53
CA GLU A 660 35.98 -1.43 -4.61
C GLU A 660 34.84 -2.28 -5.14
N GLY A 661 35.04 -2.86 -6.33
CA GLY A 661 33.95 -3.53 -7.06
C GLY A 661 32.84 -2.56 -7.41
N GLU A 662 31.67 -3.10 -7.74
CA GLU A 662 30.58 -2.25 -8.24
C GLU A 662 30.22 -1.11 -7.29
N LEU A 663 29.68 -0.03 -7.84
CA LEU A 663 29.34 1.13 -7.05
C LEU A 663 27.94 1.16 -6.50
N PHE A 664 27.08 0.29 -7.01
CA PHE A 664 25.67 0.27 -6.63
C PHE A 664 25.29 -1.14 -6.37
N PRO A 665 24.45 -1.38 -5.35
CA PRO A 665 24.02 -2.72 -5.01
C PRO A 665 23.31 -3.42 -6.18
N TYR A 666 22.47 -2.72 -6.95
CA TYR A 666 21.70 -3.43 -8.01
C TYR A 666 22.56 -4.27 -8.98
N LEU A 667 23.72 -3.77 -9.41
CA LEU A 667 24.62 -4.49 -10.32
C LEU A 667 24.95 -5.93 -9.91
N PHE A 668 24.61 -6.27 -8.67
CA PHE A 668 24.82 -7.61 -8.13
C PHE A 668 23.64 -8.57 -8.33
N ASN A 669 22.46 -8.04 -8.64
CA ASN A 669 21.26 -8.85 -8.70
C ASN A 669 20.72 -8.94 -10.12
N ILE A 670 21.61 -8.71 -11.07
CA ILE A 670 21.24 -8.84 -12.48
C ILE A 670 21.47 -10.30 -12.92
N PRO A 671 20.42 -10.95 -13.45
CA PRO A 671 20.61 -12.33 -13.92
C PRO A 671 21.52 -12.37 -15.15
N HIS A 672 22.53 -13.24 -15.08
CA HIS A 672 23.54 -13.42 -16.14
C HIS A 672 24.64 -12.39 -16.21
N TYR A 673 24.67 -11.43 -15.29
CA TYR A 673 25.80 -10.49 -15.19
C TYR A 673 26.69 -10.85 -14.01
N THR A 674 27.95 -11.10 -14.28
CA THR A 674 28.91 -11.35 -13.19
C THR A 674 29.58 -10.02 -12.79
N PRO A 675 29.33 -9.57 -11.55
CA PRO A 675 29.75 -8.26 -11.04
C PRO A 675 31.25 -8.13 -10.81
N ASP A 676 31.76 -6.91 -10.68
CA ASP A 676 33.14 -6.74 -10.17
C ASP A 676 33.11 -6.83 -8.63
N LYS A 677 33.65 -7.92 -8.12
CA LYS A 677 33.70 -8.18 -6.68
C LYS A 677 35.03 -7.66 -6.14
N ALA A 678 35.01 -7.12 -4.93
CA ALA A 678 36.25 -6.66 -4.32
C ALA A 678 37.10 -7.90 -4.04
N GLN A 679 38.42 -7.73 -4.05
CA GLN A 679 39.39 -8.80 -3.70
C GLN A 679 40.06 -8.55 -2.34
N ILE B 9 -30.72 -18.25 -16.33
CA ILE B 9 -32.21 -18.13 -16.46
C ILE B 9 -32.58 -17.79 -17.93
N LYS B 10 -32.43 -16.51 -18.35
CA LYS B 10 -32.75 -16.15 -19.75
C LYS B 10 -31.64 -16.58 -20.71
N THR B 11 -31.98 -17.51 -21.59
CA THR B 11 -30.98 -18.22 -22.35
C THR B 11 -31.22 -18.03 -23.84
N LYS B 12 -30.47 -18.76 -24.66
CA LYS B 12 -30.60 -18.74 -26.13
C LYS B 12 -29.85 -19.95 -26.68
N ASN B 13 -30.28 -20.47 -27.82
CA ASN B 13 -29.74 -21.73 -28.34
C ASN B 13 -28.68 -21.53 -29.40
N VAL B 14 -27.77 -22.48 -29.50
CA VAL B 14 -26.57 -22.32 -30.32
C VAL B 14 -26.03 -23.64 -30.83
N ASP B 15 -25.69 -23.64 -32.11
CA ASP B 15 -25.20 -24.83 -32.83
C ASP B 15 -23.83 -25.28 -32.32
N ALA B 16 -23.51 -26.56 -32.51
CA ALA B 16 -22.21 -27.13 -32.11
C ALA B 16 -21.00 -26.32 -32.63
N VAL B 17 -21.14 -25.65 -33.77
CA VAL B 17 -20.04 -24.85 -34.33
C VAL B 17 -19.69 -23.59 -33.49
N PHE B 18 -20.72 -22.85 -33.08
CA PHE B 18 -20.65 -21.77 -32.09
C PHE B 18 -20.08 -22.29 -30.75
N VAL B 19 -20.58 -23.42 -30.28
CA VAL B 19 -20.06 -24.02 -29.06
C VAL B 19 -18.53 -24.20 -29.11
N GLU B 20 -17.99 -24.85 -30.13
CA GLU B 20 -16.53 -25.05 -30.18
C GLU B 20 -15.78 -23.74 -30.14
N LYS B 21 -16.31 -22.73 -30.84
CA LYS B 21 -15.68 -21.41 -30.88
C LYS B 21 -15.77 -20.70 -29.53
N GLN B 22 -16.90 -20.87 -28.86
CA GLN B 22 -17.09 -20.14 -27.62
C GLN B 22 -16.14 -20.67 -26.56
N LYS B 23 -15.94 -22.00 -26.56
CA LYS B 23 -15.10 -22.61 -25.56
C LYS B 23 -13.65 -22.24 -25.81
N LYS B 24 -13.28 -22.17 -27.09
CA LYS B 24 -11.96 -21.68 -27.48
C LYS B 24 -11.73 -20.27 -26.94
N ILE B 25 -12.73 -19.40 -27.04
CA ILE B 25 -12.61 -18.06 -26.51
C ILE B 25 -12.36 -18.10 -25.01
N LEU B 26 -13.23 -18.80 -24.31
CA LEU B 26 -13.19 -18.78 -22.84
C LEU B 26 -11.92 -19.40 -22.32
N SER B 27 -11.25 -20.22 -23.11
CA SER B 27 -10.08 -20.87 -22.57
C SER B 27 -9.00 -19.83 -22.15
N PHE B 28 -9.04 -18.65 -22.75
CA PHE B 28 -8.11 -17.58 -22.45
C PHE B 28 -8.40 -16.79 -21.15
N PHE B 29 -9.59 -17.01 -20.59
CA PHE B 29 -10.00 -16.42 -19.34
C PHE B 29 -9.96 -17.41 -18.17
N GLN B 30 -9.29 -18.57 -18.37
CA GLN B 30 -9.35 -19.69 -17.39
C GLN B 30 -8.24 -19.74 -16.33
N ASP B 31 -6.99 -19.97 -16.69
CA ASP B 31 -5.93 -19.72 -15.69
C ASP B 31 -5.02 -18.65 -16.24
N VAL B 32 -5.19 -17.43 -15.81
CA VAL B 32 -4.65 -16.36 -16.63
C VAL B 32 -3.19 -15.99 -16.36
N SER B 33 -2.74 -16.34 -15.16
CA SER B 33 -1.46 -15.86 -14.65
C SER B 33 -0.36 -16.83 -15.02
N GLN B 34 -0.76 -18.06 -15.35
CA GLN B 34 0.17 -19.14 -15.57
C GLN B 34 0.00 -19.75 -16.94
N LEU B 35 0.96 -20.56 -17.35
CA LEU B 35 0.91 -21.22 -18.62
C LEU B 35 0.90 -22.74 -18.45
N ASN B 36 -0.12 -23.40 -19.00
CA ASN B 36 -0.08 -24.85 -19.13
C ASN B 36 0.58 -25.24 -20.43
N THR B 37 1.79 -25.77 -20.32
CA THR B 37 2.61 -26.13 -21.45
C THR B 37 2.08 -27.39 -22.18
N ASP B 38 1.24 -28.15 -21.50
CA ASP B 38 0.65 -29.34 -22.09
C ASP B 38 -0.55 -28.94 -22.94
N ASP B 39 -1.14 -27.79 -22.62
CA ASP B 39 -2.39 -27.33 -23.20
C ASP B 39 -2.29 -26.98 -24.67
N GLU B 40 -3.41 -27.06 -25.37
CA GLU B 40 -3.42 -26.89 -26.83
C GLU B 40 -2.97 -25.51 -27.25
N TYR B 41 -3.37 -24.50 -26.46
CA TYR B 41 -3.06 -23.12 -26.81
C TYR B 41 -1.55 -22.90 -26.84
N TYR B 42 -0.83 -23.61 -25.98
CA TYR B 42 0.59 -23.42 -25.84
C TYR B 42 1.34 -23.96 -27.06
N LYS B 43 0.98 -25.18 -27.47
CA LYS B 43 1.61 -25.80 -28.63
C LYS B 43 1.44 -24.87 -29.83
N ILE B 44 0.19 -24.50 -30.10
CA ILE B 44 -0.15 -23.53 -31.13
C ILE B 44 0.62 -22.21 -30.96
N GLY B 45 0.53 -21.62 -29.77
CA GLY B 45 1.14 -20.34 -29.45
C GLY B 45 2.62 -20.28 -29.75
N LYS B 46 3.38 -21.23 -29.21
CA LYS B 46 4.83 -21.16 -29.13
C LYS B 46 5.53 -20.99 -30.48
N ASP B 47 5.08 -21.72 -31.48
CA ASP B 47 5.78 -21.73 -32.75
C ASP B 47 5.08 -20.94 -33.86
N TYR B 48 3.88 -20.44 -33.60
CA TYR B 48 3.05 -19.82 -34.64
C TYR B 48 3.79 -18.64 -35.24
N ASP B 49 3.83 -18.56 -36.58
CA ASP B 49 4.59 -17.50 -37.24
C ASP B 49 3.65 -16.53 -37.90
N ILE B 50 3.65 -15.30 -37.41
CA ILE B 50 2.77 -14.26 -37.97
C ILE B 50 3.18 -13.88 -39.39
N GLU B 51 4.48 -13.63 -39.60
CA GLU B 51 5.00 -13.26 -40.91
C GLU B 51 4.50 -14.23 -41.97
N MET B 52 4.77 -15.52 -41.80
CA MET B 52 4.30 -16.50 -42.77
C MET B 52 2.79 -16.45 -43.02
N ASN B 53 2.02 -15.96 -42.05
CA ASN B 53 0.57 -15.88 -42.24
C ASN B 53 -0.01 -14.50 -42.58
N MET B 54 0.88 -13.60 -43.02
CA MET B 54 0.56 -12.22 -43.36
C MET B 54 -0.69 -12.08 -44.23
N ASP B 55 -0.85 -12.96 -45.21
CA ASP B 55 -1.99 -12.82 -46.12
C ASP B 55 -3.34 -13.23 -45.46
N ASN B 56 -3.28 -13.79 -44.25
CA ASN B 56 -4.50 -14.00 -43.44
C ASN B 56 -4.96 -12.83 -42.54
N TYR B 57 -4.51 -11.61 -42.84
CA TYR B 57 -5.02 -10.41 -42.17
C TYR B 57 -5.51 -9.35 -43.18
N THR B 58 -6.71 -8.84 -42.97
CA THR B 58 -7.31 -7.78 -43.78
C THR B 58 -6.36 -6.63 -44.10
N ASN B 59 -5.48 -6.30 -43.16
CA ASN B 59 -4.78 -5.03 -43.18
C ASN B 59 -3.28 -5.22 -42.98
N LYS B 60 -2.58 -5.31 -44.11
CA LYS B 60 -1.15 -5.56 -44.09
C LYS B 60 -0.43 -4.52 -43.21
N LYS B 61 -0.81 -3.24 -43.35
CA LYS B 61 -0.17 -2.15 -42.63
C LYS B 61 -0.18 -2.41 -41.11
N ALA B 62 -1.35 -2.79 -40.61
CA ALA B 62 -1.51 -3.16 -39.21
C ALA B 62 -0.53 -4.24 -38.77
N VAL B 63 -0.55 -5.40 -39.43
CA VAL B 63 0.34 -6.50 -39.08
C VAL B 63 1.84 -6.16 -39.12
N GLU B 64 2.23 -5.30 -40.07
CA GLU B 64 3.63 -4.91 -40.24
C GLU B 64 4.02 -4.13 -39.02
N GLU B 65 3.19 -3.13 -38.73
CA GLU B 65 3.34 -2.30 -37.56
C GLU B 65 3.45 -3.16 -36.29
N PHE B 66 2.61 -4.17 -36.18
CA PHE B 66 2.71 -5.06 -35.07
C PHE B 66 4.05 -5.76 -34.97
N LEU B 67 4.52 -6.32 -36.08
CA LEU B 67 5.77 -7.09 -36.07
C LEU B 67 6.95 -6.20 -35.74
N LYS B 68 6.92 -5.00 -36.30
CA LYS B 68 7.92 -3.98 -36.00
C LYS B 68 7.99 -3.74 -34.49
N MET B 69 6.86 -3.32 -33.92
CA MET B 69 6.73 -2.98 -32.52
C MET B 69 7.08 -4.15 -31.64
N TYR B 70 6.73 -5.36 -32.09
CA TYR B 70 6.93 -6.52 -31.26
C TYR B 70 8.41 -6.95 -31.20
N ARG B 71 9.10 -6.79 -32.31
CA ARG B 71 10.51 -7.14 -32.39
C ARG B 71 11.34 -6.11 -31.64
N THR B 72 10.82 -4.90 -31.58
CA THR B 72 11.35 -3.85 -30.73
C THR B 72 11.32 -4.29 -29.25
N GLY B 73 10.28 -5.02 -28.86
CA GLY B 73 10.06 -5.44 -27.47
C GLY B 73 8.77 -4.87 -26.89
N PHE B 74 7.99 -5.72 -26.23
CA PHE B 74 6.81 -5.25 -25.52
C PHE B 74 7.12 -5.12 -24.04
N MET B 75 6.11 -4.69 -23.29
CA MET B 75 6.16 -4.66 -21.85
C MET B 75 6.43 -6.07 -21.37
N PRO B 76 7.16 -6.24 -20.25
CA PRO B 76 7.50 -7.53 -19.59
C PRO B 76 6.33 -8.19 -18.86
N LYS B 77 6.42 -9.50 -18.63
CA LYS B 77 5.31 -10.28 -18.09
C LYS B 77 4.93 -10.00 -16.62
N ASN B 78 5.87 -9.46 -15.86
CA ASN B 78 5.64 -9.29 -14.42
C ASN B 78 5.06 -7.93 -13.99
N LEU B 79 4.96 -7.00 -14.93
CA LEU B 79 4.54 -5.69 -14.55
C LEU B 79 3.03 -5.56 -14.64
N GLU B 80 2.52 -4.38 -14.30
CA GLU B 80 1.08 -4.19 -14.29
C GLU B 80 0.71 -3.25 -15.44
N PHE B 81 -0.03 -3.77 -16.42
CA PHE B 81 -0.50 -3.00 -17.57
C PHE B 81 -1.58 -2.02 -17.20
N SER B 82 -1.46 -0.81 -17.73
CA SER B 82 -2.55 0.19 -17.69
C SER B 82 -2.65 0.89 -19.06
N VAL B 83 -3.86 1.19 -19.48
CA VAL B 83 -4.05 1.75 -20.80
C VAL B 83 -3.78 3.23 -20.81
N PHE B 84 -3.46 3.81 -19.66
CA PHE B 84 -3.44 5.27 -19.56
C PHE B 84 -2.07 5.85 -19.84
N TYR B 85 -1.12 4.95 -20.08
CA TYR B 85 0.29 5.27 -20.36
C TYR B 85 0.56 4.94 -21.82
N ASP B 86 1.19 5.90 -22.51
CA ASP B 86 1.47 5.86 -23.96
C ASP B 86 1.98 4.53 -24.50
N LYS B 87 3.21 4.16 -24.15
CA LYS B 87 3.86 3.03 -24.78
C LYS B 87 3.01 1.76 -24.58
N MET B 88 2.56 1.51 -23.36
CA MET B 88 1.74 0.33 -23.06
C MET B 88 0.48 0.35 -23.88
N ARG B 89 -0.16 1.49 -23.91
CA ARG B 89 -1.35 1.65 -24.69
C ARG B 89 -1.08 1.24 -26.15
N ASP B 90 -0.01 1.74 -26.75
CA ASP B 90 0.24 1.53 -28.17
C ASP B 90 0.47 0.06 -28.47
N GLU B 91 1.18 -0.59 -27.56
CA GLU B 91 1.41 -2.02 -27.69
C GLU B 91 0.07 -2.72 -27.73
N ALA B 92 -0.74 -2.48 -26.72
CA ALA B 92 -2.12 -2.95 -26.65
C ALA B 92 -2.88 -2.71 -27.95
N ILE B 93 -2.90 -1.46 -28.41
CA ILE B 93 -3.67 -1.13 -29.61
C ILE B 93 -3.20 -1.92 -30.82
N ALA B 94 -1.88 -2.05 -30.99
CA ALA B 94 -1.32 -2.85 -32.06
C ALA B 94 -1.74 -4.30 -31.92
N LEU B 95 -1.60 -4.87 -30.74
CA LEU B 95 -2.09 -6.23 -30.52
C LEU B 95 -3.56 -6.35 -30.91
N PHE B 96 -4.35 -5.36 -30.51
CA PHE B 96 -5.76 -5.38 -30.83
C PHE B 96 -6.00 -5.37 -32.33
N HIS B 97 -5.27 -4.52 -33.05
CA HIS B 97 -5.36 -4.46 -34.51
C HIS B 97 -5.12 -5.82 -35.10
N LEU B 98 -4.08 -6.49 -34.59
CA LEU B 98 -3.77 -7.83 -35.01
C LEU B 98 -4.98 -8.77 -34.85
N PHE B 99 -5.59 -8.80 -33.66
CA PHE B 99 -6.78 -9.62 -33.41
C PHE B 99 -7.95 -9.23 -34.31
N TYR B 100 -8.04 -7.94 -34.60
CA TYR B 100 -9.22 -7.40 -35.28
C TYR B 100 -9.22 -7.65 -36.81
N TYR B 101 -8.03 -7.58 -37.39
CA TYR B 101 -7.85 -7.69 -38.80
C TYR B 101 -7.52 -9.13 -39.21
N ALA B 102 -7.61 -10.06 -38.26
CA ALA B 102 -7.48 -11.45 -38.60
C ALA B 102 -8.56 -11.76 -39.62
N LYS B 103 -8.23 -12.56 -40.62
CA LYS B 103 -9.16 -13.00 -41.69
C LYS B 103 -10.41 -13.71 -41.16
N ASP B 104 -10.23 -14.64 -40.21
CA ASP B 104 -11.32 -15.53 -39.74
C ASP B 104 -11.12 -15.96 -38.28
N PHE B 105 -12.06 -16.74 -37.75
CA PHE B 105 -11.94 -17.17 -36.39
C PHE B 105 -10.64 -17.89 -36.11
N GLU B 106 -10.34 -18.89 -36.94
CA GLU B 106 -9.16 -19.70 -36.80
C GLU B 106 -7.91 -18.81 -36.58
N THR B 107 -7.66 -17.88 -37.49
CA THR B 107 -6.47 -17.01 -37.40
C THR B 107 -6.45 -16.15 -36.15
N PHE B 108 -7.59 -15.55 -35.83
CA PHE B 108 -7.81 -14.80 -34.59
C PHE B 108 -7.40 -15.70 -33.44
N TYR B 109 -8.00 -16.88 -33.36
CA TYR B 109 -7.64 -17.82 -32.32
C TYR B 109 -6.14 -18.06 -32.29
N LYS B 110 -5.52 -18.36 -33.43
CA LYS B 110 -4.06 -18.64 -33.45
C LYS B 110 -3.27 -17.45 -32.96
N THR B 111 -3.78 -16.26 -33.27
CA THR B 111 -3.19 -15.01 -32.83
C THR B 111 -3.26 -14.82 -31.31
N ALA B 112 -4.41 -15.16 -30.73
CA ALA B 112 -4.51 -15.11 -29.27
C ALA B 112 -3.51 -16.10 -28.62
N CYS B 113 -3.46 -17.32 -29.18
CA CYS B 113 -2.63 -18.37 -28.59
C CYS B 113 -1.23 -17.85 -28.48
N PHE B 114 -0.76 -17.22 -29.54
CA PHE B 114 0.55 -16.61 -29.58
C PHE B 114 0.71 -15.60 -28.45
N ALA B 115 -0.28 -14.72 -28.29
CA ALA B 115 -0.12 -13.55 -27.44
C ALA B 115 -0.17 -13.97 -26.00
N ARG B 116 -1.08 -14.89 -25.70
CA ARG B 116 -1.12 -15.49 -24.37
C ARG B 116 0.24 -16.07 -23.99
N VAL B 117 0.84 -16.81 -24.91
CA VAL B 117 2.14 -17.43 -24.71
C VAL B 117 3.26 -16.41 -24.59
N HIS B 118 3.29 -15.43 -25.49
CA HIS B 118 4.46 -14.53 -25.58
C HIS B 118 4.39 -13.20 -24.82
N LEU B 119 3.22 -12.82 -24.31
CA LEU B 119 3.02 -11.46 -23.78
C LEU B 119 2.48 -11.29 -22.32
N ASN B 120 2.69 -10.09 -21.79
CA ASN B 120 2.13 -9.71 -20.53
C ASN B 120 0.64 -10.02 -20.53
N GLN B 121 0.19 -10.79 -19.56
CA GLN B 121 -1.20 -11.25 -19.41
C GLN B 121 -2.23 -10.10 -19.29
N GLY B 122 -1.91 -9.05 -18.55
CA GLY B 122 -2.77 -7.88 -18.46
C GLY B 122 -3.04 -7.27 -19.83
N GLN B 123 -1.95 -7.01 -20.56
CA GLN B 123 -2.01 -6.48 -21.90
C GLN B 123 -2.85 -7.38 -22.82
N PHE B 124 -2.53 -8.66 -22.79
CA PHE B 124 -3.23 -9.63 -23.57
C PHE B 124 -4.74 -9.62 -23.30
N LEU B 125 -5.13 -9.65 -22.04
CA LEU B 125 -6.54 -9.74 -21.72
C LEU B 125 -7.29 -8.47 -22.10
N TYR B 126 -6.63 -7.33 -21.96
CA TYR B 126 -7.25 -6.07 -22.30
C TYR B 126 -7.60 -6.07 -23.78
N ALA B 127 -6.58 -6.43 -24.56
CA ALA B 127 -6.65 -6.56 -26.00
C ALA B 127 -7.69 -7.58 -26.50
N PHE B 128 -7.67 -8.73 -25.89
CA PHE B 128 -8.50 -9.82 -26.32
C PHE B 128 -9.97 -9.53 -26.03
N TYR B 129 -10.29 -9.17 -24.77
CA TYR B 129 -11.63 -8.82 -24.34
C TYR B 129 -12.21 -7.82 -25.32
N ILE B 130 -11.45 -6.81 -25.70
CA ILE B 130 -12.01 -5.82 -26.61
C ILE B 130 -12.20 -6.45 -28.00
N ALA B 131 -11.24 -7.28 -28.44
CA ALA B 131 -11.32 -7.83 -29.80
C ALA B 131 -12.57 -8.69 -29.94
N VAL B 132 -12.78 -9.57 -28.98
CA VAL B 132 -14.00 -10.37 -28.92
C VAL B 132 -15.24 -9.50 -29.03
N ILE B 133 -15.31 -8.43 -28.25
CA ILE B 133 -16.44 -7.51 -28.34
C ILE B 133 -16.61 -6.89 -29.73
N GLN B 134 -15.50 -6.49 -30.34
CA GLN B 134 -15.51 -5.59 -31.51
C GLN B 134 -15.54 -6.29 -32.86
N ARG B 135 -15.09 -7.55 -32.90
CA ARG B 135 -15.12 -8.36 -34.13
C ARG B 135 -16.56 -8.74 -34.53
N SER B 136 -16.85 -8.66 -35.81
CA SER B 136 -18.17 -8.98 -36.31
C SER B 136 -18.54 -10.48 -36.29
N ASP B 137 -17.58 -11.35 -36.60
CA ASP B 137 -17.81 -12.80 -36.51
C ASP B 137 -18.17 -13.20 -35.08
N CYS B 138 -17.68 -12.40 -34.12
CA CYS B 138 -17.79 -12.69 -32.67
C CYS B 138 -18.97 -12.04 -31.97
N HIS B 139 -19.69 -11.18 -32.69
CA HIS B 139 -21.01 -10.72 -32.26
C HIS B 139 -21.87 -11.97 -32.06
N GLY B 140 -22.60 -11.99 -30.95
CA GLY B 140 -23.29 -13.17 -30.50
C GLY B 140 -22.47 -13.94 -29.47
N PHE B 141 -21.16 -13.72 -29.45
CA PHE B 141 -20.34 -14.40 -28.43
C PHE B 141 -20.37 -13.77 -27.04
N VAL B 142 -19.79 -14.49 -26.08
CA VAL B 142 -19.93 -14.14 -24.69
C VAL B 142 -18.58 -14.05 -24.03
N VAL B 143 -18.36 -12.96 -23.33
CA VAL B 143 -17.20 -12.77 -22.45
C VAL B 143 -17.57 -12.88 -20.96
N PRO B 144 -16.71 -13.53 -20.13
CA PRO B 144 -16.98 -13.69 -18.68
C PRO B 144 -17.00 -12.36 -17.97
N ALA B 145 -17.73 -12.24 -16.87
CA ALA B 145 -17.74 -10.95 -16.20
C ALA B 145 -16.32 -10.56 -15.73
N PRO B 146 -15.98 -9.27 -15.83
CA PRO B 146 -14.63 -8.82 -15.51
C PRO B 146 -14.16 -9.21 -14.10
N TYR B 147 -15.06 -9.20 -13.12
CA TYR B 147 -14.64 -9.69 -11.81
C TYR B 147 -14.14 -11.16 -11.78
N GLU B 148 -14.49 -11.98 -12.77
CA GLU B 148 -13.87 -13.31 -12.82
C GLU B 148 -12.52 -13.27 -13.51
N VAL B 149 -12.38 -12.41 -14.48
CA VAL B 149 -11.15 -12.36 -15.27
C VAL B 149 -10.06 -11.65 -14.46
N TYR B 150 -10.41 -10.56 -13.79
CA TYR B 150 -9.46 -9.80 -12.99
C TYR B 150 -9.86 -9.71 -11.50
N PRO B 151 -9.91 -10.88 -10.79
CA PRO B 151 -10.56 -10.85 -9.46
C PRO B 151 -9.81 -9.99 -8.46
N LYS B 152 -8.49 -9.90 -8.64
CA LYS B 152 -7.59 -9.11 -7.78
C LYS B 152 -7.98 -7.62 -7.74
N MET B 153 -8.71 -7.17 -8.75
CA MET B 153 -9.13 -5.79 -8.82
C MET B 153 -10.54 -5.55 -8.37
N PHE B 154 -11.20 -6.61 -7.92
CA PHE B 154 -12.52 -6.51 -7.34
C PHE B 154 -12.58 -6.99 -5.89
N MET B 155 -11.49 -6.90 -5.15
CA MET B 155 -11.51 -7.27 -3.74
C MET B 155 -10.40 -6.55 -2.98
N ASN B 156 -10.62 -6.26 -1.68
CA ASN B 156 -9.57 -5.65 -0.84
C ASN B 156 -8.50 -6.64 -0.41
N MET B 157 -7.31 -6.11 -0.13
CA MET B 157 -6.12 -6.94 0.04
C MET B 157 -6.23 -7.89 1.20
N GLU B 158 -7.00 -7.52 2.23
CA GLU B 158 -7.30 -8.48 3.29
C GLU B 158 -7.71 -9.87 2.74
N VAL B 159 -8.75 -9.89 1.92
CA VAL B 159 -9.25 -11.09 1.31
C VAL B 159 -8.21 -11.76 0.42
N LEU B 160 -7.61 -10.97 -0.49
CA LEU B 160 -6.59 -11.52 -1.39
C LEU B 160 -5.52 -12.29 -0.60
N GLN B 161 -5.05 -11.70 0.49
CA GLN B 161 -4.02 -12.32 1.29
C GLN B 161 -4.49 -13.59 1.92
N LYS B 162 -5.75 -13.62 2.33
CA LYS B 162 -6.32 -14.81 2.95
C LYS B 162 -6.33 -15.95 1.95
N ILE B 163 -6.68 -15.61 0.71
CA ILE B 163 -6.62 -16.56 -0.35
C ILE B 163 -5.21 -17.14 -0.48
N TYR B 164 -4.20 -16.29 -0.62
CA TYR B 164 -2.83 -16.77 -0.70
C TYR B 164 -2.45 -17.60 0.51
N VAL B 165 -2.76 -17.15 1.71
CA VAL B 165 -2.44 -17.98 2.89
C VAL B 165 -2.98 -19.41 2.76
N THR B 166 -4.29 -19.53 2.51
CA THR B 166 -4.93 -20.83 2.39
C THR B 166 -4.28 -21.73 1.33
N LYS B 167 -3.90 -21.14 0.20
CA LYS B 167 -3.21 -21.88 -0.82
C LYS B 167 -1.79 -22.31 -0.39
N MET B 168 -1.01 -21.42 0.20
CA MET B 168 0.31 -21.82 0.67
C MET B 168 0.18 -23.00 1.63
N GLN B 169 -0.85 -22.98 2.46
CA GLN B 169 -1.07 -24.01 3.50
C GLN B 169 -1.69 -25.29 2.94
N ASP B 170 -1.94 -25.30 1.63
CA ASP B 170 -2.63 -26.40 0.94
C ASP B 170 -3.94 -26.78 1.65
N GLY B 171 -4.53 -25.85 2.40
CA GLY B 171 -5.88 -25.97 2.94
C GLY B 171 -6.03 -25.27 4.27
N LEU B 172 -7.14 -25.52 4.98
CA LEU B 172 -7.32 -24.90 6.29
C LEU B 172 -6.63 -25.70 7.35
N ILE B 173 -5.88 -25.04 8.22
CA ILE B 173 -5.19 -25.79 9.27
C ILE B 173 -6.07 -26.09 10.48
N ASN B 174 -6.94 -25.16 10.84
CA ASN B 174 -7.86 -25.38 11.93
C ASN B 174 -9.18 -24.80 11.50
N PRO B 175 -10.06 -25.63 10.90
CA PRO B 175 -11.33 -25.11 10.36
C PRO B 175 -12.08 -24.16 11.28
N GLU B 176 -12.14 -24.48 12.56
CA GLU B 176 -12.84 -23.63 13.52
C GLU B 176 -12.20 -22.25 13.65
N ALA B 177 -10.87 -22.23 13.72
CA ALA B 177 -10.15 -20.96 13.77
C ALA B 177 -10.41 -20.11 12.50
N ALA B 178 -10.30 -20.73 11.34
CA ALA B 178 -10.54 -20.06 10.08
C ALA B 178 -11.93 -19.44 9.99
N ALA B 179 -12.94 -20.09 10.59
CA ALA B 179 -14.32 -19.64 10.53
C ALA B 179 -14.49 -18.28 11.19
N LYS B 180 -13.68 -18.01 12.20
CA LYS B 180 -13.63 -16.68 12.83
C LYS B 180 -13.32 -15.57 11.82
N TYR B 181 -12.58 -15.92 10.76
CA TYR B 181 -12.13 -14.96 9.75
C TYR B 181 -12.96 -14.92 8.45
N GLY B 182 -14.11 -15.57 8.46
CA GLY B 182 -14.95 -15.64 7.27
C GLY B 182 -14.43 -16.57 6.18
N ILE B 183 -13.65 -17.57 6.59
CA ILE B 183 -13.11 -18.55 5.67
C ILE B 183 -13.67 -19.94 5.99
N HIS B 184 -14.27 -20.61 5.01
CA HIS B 184 -14.60 -22.03 5.21
C HIS B 184 -14.59 -22.81 3.91
N LYS B 185 -14.28 -24.11 3.96
CA LYS B 185 -14.34 -24.94 2.75
C LYS B 185 -15.74 -25.50 2.49
N GLU B 186 -16.21 -25.36 1.25
CA GLU B 186 -17.55 -25.77 0.89
C GLU B 186 -17.52 -26.60 -0.39
N ASN B 187 -17.66 -27.89 -0.20
CA ASN B 187 -17.28 -28.87 -1.16
C ASN B 187 -15.83 -28.63 -1.50
N ASP B 188 -15.56 -28.29 -2.76
CA ASP B 188 -14.19 -28.19 -3.23
C ASP B 188 -13.83 -26.74 -3.56
N TYR B 189 -14.70 -25.80 -3.20
CA TYR B 189 -14.40 -24.37 -3.10
C TYR B 189 -14.03 -23.91 -1.69
N PHE B 190 -13.02 -23.05 -1.59
CA PHE B 190 -12.73 -22.26 -0.39
C PHE B 190 -13.44 -20.93 -0.49
N VAL B 191 -14.26 -20.64 0.51
CA VAL B 191 -15.16 -19.47 0.47
C VAL B 191 -14.75 -18.36 1.47
N TYR B 192 -14.53 -17.16 0.93
CA TYR B 192 -14.11 -15.98 1.72
C TYR B 192 -15.21 -14.95 1.79
N LYS B 193 -15.57 -14.58 3.00
CA LYS B 193 -16.62 -13.57 3.18
C LYS B 193 -15.82 -12.32 3.11
N ALA B 194 -16.38 -11.31 2.45
CA ALA B 194 -15.65 -10.08 2.21
C ALA B 194 -16.46 -8.87 2.61
N ASN B 195 -15.85 -8.05 3.46
CA ASN B 195 -16.43 -6.83 3.97
C ASN B 195 -16.05 -5.61 3.09
N TYR B 196 -16.92 -4.59 2.93
CA TYR B 196 -16.48 -3.33 2.25
C TYR B 196 -15.48 -2.56 3.08
N SER B 197 -14.74 -1.69 2.41
CA SER B 197 -13.55 -1.07 2.98
C SER B 197 -13.87 -0.33 4.27
N ASN B 198 -15.06 0.23 4.39
CA ASN B 198 -15.36 1.01 5.59
C ASN B 198 -15.63 0.18 6.85
N ALA B 199 -15.71 -1.13 6.70
CA ALA B 199 -15.79 -2.03 7.86
C ALA B 199 -14.47 -2.00 8.58
N VAL B 200 -13.43 -1.58 7.88
CA VAL B 200 -12.11 -1.50 8.48
C VAL B 200 -11.51 -0.09 8.45
N LEU B 201 -12.17 0.84 7.78
CA LEU B 201 -11.64 2.18 7.73
C LEU B 201 -12.69 3.22 7.32
N TYR B 202 -12.91 4.20 8.19
CA TYR B 202 -13.88 5.24 7.93
C TYR B 202 -13.09 6.53 8.03
N ASN B 203 -12.35 6.88 6.96
CA ASN B 203 -11.50 8.07 7.00
C ASN B 203 -12.26 9.38 6.72
N ASN B 204 -13.33 9.31 5.90
CA ASN B 204 -14.20 10.44 5.69
C ASN B 204 -15.59 9.96 5.28
N GLU B 205 -16.55 10.89 5.23
CA GLU B 205 -17.96 10.53 5.01
C GLU B 205 -18.27 9.75 3.74
N GLU B 206 -17.42 9.91 2.72
CA GLU B 206 -17.59 9.14 1.47
C GLU B 206 -17.64 7.64 1.73
N GLN B 207 -17.03 7.18 2.83
CA GLN B 207 -17.03 5.77 3.11
C GLN B 207 -18.45 5.28 3.35
N ARG B 208 -19.35 6.20 3.72
CA ARG B 208 -20.74 5.85 3.81
C ARG B 208 -21.29 5.11 2.56
N LEU B 209 -20.71 5.32 1.38
CA LEU B 209 -21.24 4.82 0.11
C LEU B 209 -20.53 3.60 -0.42
N THR B 210 -19.67 2.98 0.36
CA THR B 210 -18.85 1.91 -0.24
C THR B 210 -19.61 0.78 -0.94
N TYR B 211 -20.77 0.38 -0.43
CA TYR B 211 -21.54 -0.75 -1.01
C TYR B 211 -21.93 -0.47 -2.45
N PHE B 212 -22.08 0.81 -2.78
CA PHE B 212 -22.19 1.24 -4.16
C PHE B 212 -20.83 1.31 -4.84
N THR B 213 -19.88 2.06 -4.28
CA THR B 213 -18.70 2.47 -5.09
C THR B 213 -17.75 1.34 -5.27
N GLU B 214 -17.89 0.33 -4.43
CA GLU B 214 -17.08 -0.86 -4.52
C GLU B 214 -17.83 -2.03 -5.16
N ASP B 215 -19.12 -1.87 -5.46
CA ASP B 215 -19.92 -2.99 -5.90
C ASP B 215 -19.34 -3.61 -7.16
N ILE B 216 -19.01 -4.88 -7.13
CA ILE B 216 -18.34 -5.47 -8.27
C ILE B 216 -19.08 -5.28 -9.62
N GLY B 217 -20.40 -5.16 -9.58
CA GLY B 217 -21.18 -4.90 -10.78
C GLY B 217 -20.94 -3.51 -11.34
N MET B 218 -21.13 -2.46 -10.52
CA MET B 218 -20.82 -1.06 -10.92
C MET B 218 -19.44 -0.88 -11.54
N ASN B 219 -18.43 -1.44 -10.91
CA ASN B 219 -17.13 -1.39 -11.47
C ASN B 219 -17.03 -2.16 -12.76
N ALA B 220 -17.59 -3.36 -12.83
CA ALA B 220 -17.50 -4.17 -14.06
C ALA B 220 -18.16 -3.39 -15.20
N TYR B 221 -19.24 -2.70 -14.83
CA TYR B 221 -20.08 -1.94 -15.73
C TYR B 221 -19.30 -0.88 -16.45
N TYR B 222 -18.56 -0.10 -15.69
CA TYR B 222 -17.66 0.87 -16.27
C TYR B 222 -16.64 0.20 -17.16
N TYR B 223 -16.13 -0.96 -16.73
CA TYR B 223 -15.16 -1.68 -17.56
C TYR B 223 -15.74 -2.08 -18.91
N TYR B 224 -17.00 -2.56 -18.94
CA TYR B 224 -17.72 -2.85 -20.20
C TYR B 224 -17.89 -1.58 -21.02
N PHE B 225 -18.41 -0.52 -20.39
CA PHE B 225 -18.56 0.73 -21.12
C PHE B 225 -17.29 1.07 -21.92
N HIS B 226 -16.13 1.05 -21.27
CA HIS B 226 -14.90 1.29 -21.97
C HIS B 226 -14.65 0.26 -23.06
N SER B 227 -14.66 -1.02 -22.71
CA SER B 227 -14.45 -2.09 -23.71
C SER B 227 -15.31 -2.01 -25.00
N HIS B 228 -16.60 -1.79 -24.85
CA HIS B 228 -17.46 -1.58 -25.98
C HIS B 228 -16.94 -0.41 -26.86
N LEU B 229 -16.43 0.64 -26.24
CA LEU B 229 -16.24 1.89 -26.98
C LEU B 229 -15.01 2.74 -26.52
N PRO B 230 -13.80 2.18 -26.66
CA PRO B 230 -12.56 2.72 -26.12
C PRO B 230 -12.25 4.07 -26.67
N PHE B 231 -11.69 4.96 -25.86
CA PHE B 231 -11.45 6.37 -26.25
C PHE B 231 -10.45 6.50 -27.37
N TRP B 232 -9.56 5.53 -27.49
CA TRP B 232 -8.53 5.54 -28.50
C TRP B 232 -8.93 5.05 -29.92
N TRP B 233 -10.13 4.46 -30.04
CA TRP B 233 -10.62 3.77 -31.25
C TRP B 233 -11.75 4.58 -31.77
N THR B 234 -11.88 4.57 -33.08
CA THR B 234 -12.94 5.29 -33.76
C THR B 234 -14.25 4.53 -33.64
N SER B 235 -15.35 5.26 -33.74
CA SER B 235 -16.65 4.60 -33.76
C SER B 235 -17.10 4.28 -35.18
N GLU B 236 -16.17 4.36 -36.14
CA GLU B 236 -16.39 3.93 -37.52
C GLU B 236 -17.30 2.74 -37.63
N LYS B 237 -16.91 1.63 -37.00
CA LYS B 237 -17.65 0.36 -37.06
C LYS B 237 -19.17 0.53 -36.96
N TYR B 238 -19.61 1.37 -36.02
CA TYR B 238 -21.02 1.59 -35.69
C TYR B 238 -21.78 2.55 -36.61
N GLY B 239 -21.15 2.90 -37.73
CA GLY B 239 -21.71 3.75 -38.78
C GLY B 239 -22.32 5.06 -38.33
N ALA B 240 -23.66 5.08 -38.33
CA ALA B 240 -24.47 6.24 -37.94
C ALA B 240 -24.24 6.66 -36.48
N LEU B 241 -24.08 5.68 -35.60
CA LEU B 241 -23.73 5.97 -34.21
C LEU B 241 -22.55 6.93 -34.10
N LYS B 242 -21.60 6.90 -35.03
CA LYS B 242 -20.44 7.76 -34.89
C LYS B 242 -20.82 9.24 -34.69
N GLU B 243 -21.82 9.70 -35.43
CA GLU B 243 -22.22 11.09 -35.37
C GLU B 243 -22.94 11.39 -34.05
N ARG B 244 -23.16 10.37 -33.25
CA ARG B 244 -23.80 10.54 -31.97
C ARG B 244 -22.81 10.28 -30.82
N ARG B 245 -21.53 10.10 -31.10
CA ARG B 245 -20.60 9.59 -30.06
C ARG B 245 -20.53 10.44 -28.80
N GLY B 246 -20.27 11.73 -29.01
CA GLY B 246 -20.26 12.71 -27.95
C GLY B 246 -21.51 12.59 -27.12
N GLU B 247 -22.65 12.40 -27.77
CA GLU B 247 -23.94 12.33 -27.08
C GLU B 247 -24.00 11.19 -26.08
N VAL B 248 -23.47 10.04 -26.48
CA VAL B 248 -23.40 8.84 -25.66
C VAL B 248 -22.47 9.03 -24.44
N TYR B 249 -21.36 9.73 -24.66
CA TYR B 249 -20.43 10.09 -23.59
C TYR B 249 -21.17 10.87 -22.51
N PHE B 250 -21.70 12.03 -22.87
CA PHE B 250 -22.36 12.86 -21.89
C PHE B 250 -23.44 12.04 -21.18
N TYR B 251 -24.23 11.31 -21.98
CA TYR B 251 -25.38 10.60 -21.42
C TYR B 251 -24.90 9.59 -20.36
N PHE B 252 -23.93 8.77 -20.74
CA PHE B 252 -23.39 7.80 -19.81
C PHE B 252 -22.96 8.37 -18.45
N TYR B 253 -22.22 9.46 -18.45
CA TYR B 253 -21.78 10.07 -17.20
C TYR B 253 -22.92 10.75 -16.50
N GLN B 254 -23.74 11.47 -17.27
CA GLN B 254 -24.79 12.27 -16.66
C GLN B 254 -25.76 11.31 -15.96
N GLN B 255 -25.93 10.12 -16.53
CA GLN B 255 -26.77 9.10 -15.93
C GLN B 255 -26.13 8.48 -14.69
N LEU B 256 -24.88 8.03 -14.86
CA LEU B 256 -24.17 7.42 -13.79
C LEU B 256 -24.15 8.38 -12.56
N LEU B 257 -23.82 9.64 -12.83
CA LEU B 257 -23.69 10.67 -11.81
C LEU B 257 -25.01 10.90 -11.07
N ALA B 258 -26.10 10.88 -11.84
CA ALA B 258 -27.43 11.01 -11.26
C ALA B 258 -27.68 9.83 -10.33
N ARG B 259 -27.36 8.62 -10.80
CA ARG B 259 -27.58 7.46 -9.97
C ARG B 259 -26.72 7.61 -8.71
N TYR B 260 -25.47 8.02 -8.90
CA TYR B 260 -24.58 8.23 -7.75
C TYR B 260 -25.22 9.25 -6.79
N TYR B 261 -25.72 10.35 -7.32
CA TYR B 261 -26.24 11.37 -6.45
C TYR B 261 -27.39 10.83 -5.57
N PHE B 262 -28.15 9.89 -6.13
CA PHE B 262 -29.24 9.28 -5.39
C PHE B 262 -28.68 8.60 -4.16
N GLU B 263 -27.56 7.90 -4.32
CA GLU B 263 -26.97 7.15 -3.22
C GLU B 263 -26.56 8.15 -2.19
N ARG B 264 -25.89 9.21 -2.64
CA ARG B 264 -25.52 10.31 -1.76
C ARG B 264 -26.70 10.78 -0.91
N LEU B 265 -27.82 11.07 -1.56
CA LEU B 265 -28.99 11.60 -0.85
C LEU B 265 -29.38 10.70 0.29
N THR B 266 -29.58 9.41 0.02
CA THR B 266 -30.06 8.48 1.04
C THR B 266 -29.06 8.18 2.15
N ASN B 267 -27.85 8.71 2.06
CA ASN B 267 -26.90 8.60 3.12
C ASN B 267 -26.63 9.97 3.73
N GLY B 268 -27.46 10.94 3.40
CA GLY B 268 -27.35 12.29 3.95
C GLY B 268 -26.11 13.06 3.53
N LEU B 269 -25.68 12.87 2.28
CA LEU B 269 -24.40 13.36 1.81
C LEU B 269 -24.40 14.49 0.77
N GLY B 270 -25.56 14.89 0.26
CA GLY B 270 -25.58 16.05 -0.68
C GLY B 270 -24.75 16.11 -2.00
N LYS B 271 -24.47 17.33 -2.45
CA LYS B 271 -23.94 17.51 -3.80
C LYS B 271 -22.45 17.20 -3.92
N ILE B 272 -22.06 16.80 -5.11
CA ILE B 272 -20.74 16.33 -5.35
C ILE B 272 -19.74 17.50 -5.25
N PRO B 273 -18.67 17.31 -4.49
CA PRO B 273 -17.70 18.40 -4.20
C PRO B 273 -16.93 18.90 -5.41
N GLU B 274 -16.71 20.20 -5.50
CA GLU B 274 -15.87 20.83 -6.51
C GLU B 274 -14.41 20.99 -6.02
N PHE B 275 -13.47 20.86 -6.94
CA PHE B 275 -12.08 21.09 -6.64
C PHE B 275 -11.43 22.12 -7.59
N SER B 276 -10.19 22.46 -7.27
CA SER B 276 -9.40 23.34 -8.09
C SER B 276 -8.03 22.72 -8.26
N TRP B 277 -7.50 22.71 -9.47
CA TRP B 277 -6.10 22.25 -9.62
C TRP B 277 -5.03 23.11 -8.91
N TYR B 278 -5.42 24.30 -8.46
CA TYR B 278 -4.46 25.20 -7.82
C TYR B 278 -4.57 25.12 -6.32
N SER B 279 -5.35 24.17 -5.82
CA SER B 279 -5.72 24.12 -4.44
C SER B 279 -5.68 22.68 -3.90
N PRO B 280 -5.62 22.52 -2.56
CA PRO B 280 -5.68 21.15 -2.13
C PRO B 280 -7.09 20.61 -2.30
N ILE B 281 -7.25 19.30 -2.32
CA ILE B 281 -8.54 18.68 -2.55
C ILE B 281 -8.88 18.00 -1.25
N LYS B 282 -10.09 18.26 -0.73
CA LYS B 282 -10.48 17.85 0.61
C LYS B 282 -10.71 16.35 0.74
N THR B 283 -11.06 15.67 -0.34
CA THR B 283 -11.48 14.29 -0.21
C THR B 283 -10.42 13.25 -0.57
N GLY B 284 -9.91 12.55 0.43
CA GLY B 284 -8.96 11.48 0.21
C GLY B 284 -9.57 10.13 -0.14
N TYR B 285 -8.69 9.22 -0.55
CA TYR B 285 -9.04 7.87 -0.94
C TYR B 285 -7.88 7.01 -0.51
N TYR B 286 -8.18 6.00 0.28
CA TYR B 286 -7.18 5.08 0.75
C TYR B 286 -7.45 3.68 0.17
N PRO B 287 -6.97 3.37 -1.05
CA PRO B 287 -7.17 2.05 -1.68
C PRO B 287 -6.56 0.89 -0.93
N LEU B 288 -7.36 -0.14 -0.63
CA LEU B 288 -6.83 -1.27 0.09
C LEU B 288 -6.65 -2.40 -0.88
N MET B 289 -5.71 -2.22 -1.80
CA MET B 289 -5.47 -3.14 -2.91
C MET B 289 -4.00 -3.06 -3.25
N LEU B 290 -3.47 -4.14 -3.84
CA LEU B 290 -2.04 -4.10 -4.27
C LEU B 290 -1.68 -4.90 -5.55
N THR B 291 -0.41 -4.77 -5.94
CA THR B 291 0.17 -5.49 -7.10
C THR B 291 1.53 -6.12 -6.76
N LYS B 292 1.82 -7.22 -7.44
CA LYS B 292 3.08 -7.94 -7.24
C LYS B 292 4.34 -7.07 -7.01
N PHE B 293 4.21 -5.76 -7.07
CA PHE B 293 5.39 -4.93 -6.92
C PHE B 293 5.14 -3.91 -5.85
N THR B 294 3.92 -3.39 -5.85
CA THR B 294 3.61 -2.17 -5.12
C THR B 294 2.17 -2.10 -4.69
N PRO B 295 1.93 -1.29 -3.66
CA PRO B 295 0.57 -0.95 -3.27
C PRO B 295 0.01 0.17 -4.16
N PHE B 296 -1.30 0.21 -4.32
CA PHE B 296 -1.93 1.37 -4.91
C PHE B 296 -1.62 2.61 -4.07
N ALA B 297 -1.48 3.76 -4.75
CA ALA B 297 -1.17 5.05 -4.13
C ALA B 297 -2.34 5.56 -3.33
N GLN B 298 -2.08 6.24 -2.21
CA GLN B 298 -3.13 6.86 -1.38
C GLN B 298 -3.16 8.38 -1.52
N ARG B 299 -4.36 8.97 -1.50
CA ARG B 299 -4.46 10.41 -1.50
C ARG B 299 -5.01 10.88 -0.14
N PRO B 300 -4.16 11.49 0.69
CA PRO B 300 -4.62 11.95 2.00
C PRO B 300 -5.64 13.03 1.86
N ASP B 301 -6.49 13.19 2.85
CA ASP B 301 -7.35 14.35 2.90
C ASP B 301 -6.57 15.65 2.71
N TYR B 302 -7.18 16.65 2.10
CA TYR B 302 -6.46 17.90 1.88
C TYR B 302 -5.11 17.70 1.20
N TYR B 303 -5.07 16.81 0.22
CA TYR B 303 -3.92 16.61 -0.63
C TYR B 303 -3.76 17.76 -1.56
N ASN B 304 -2.59 18.38 -1.53
CA ASN B 304 -2.33 19.48 -2.41
C ASN B 304 -1.99 19.13 -3.84
N LEU B 305 -2.90 19.45 -4.77
CA LEU B 305 -2.68 19.17 -6.20
C LEU B 305 -1.52 19.98 -6.78
N HIS B 306 -1.22 21.13 -6.17
CA HIS B 306 -0.29 22.09 -6.78
C HIS B 306 1.14 22.03 -6.22
N THR B 307 1.86 21.00 -6.59
CA THR B 307 3.26 20.83 -6.16
C THR B 307 4.19 20.73 -7.35
N GLU B 308 5.48 20.97 -7.13
CA GLU B 308 6.49 20.93 -8.22
C GLU B 308 6.20 19.88 -9.29
N GLU B 309 6.00 18.63 -8.86
CA GLU B 309 5.76 17.49 -9.76
C GLU B 309 4.59 17.72 -10.69
N ASN B 310 3.59 18.47 -10.24
CA ASN B 310 2.39 18.67 -11.05
C ASN B 310 2.30 19.98 -11.79
N TYR B 311 3.28 20.87 -11.58
CA TYR B 311 3.17 22.20 -12.15
C TYR B 311 2.81 22.15 -13.67
N GLU B 312 3.46 21.27 -14.43
CA GLU B 312 3.28 21.28 -15.84
C GLU B 312 1.93 20.67 -16.20
N ARG B 313 1.63 19.55 -15.56
CA ARG B 313 0.34 18.86 -15.68
CA ARG B 313 0.36 18.87 -15.73
C ARG B 313 -0.82 19.82 -15.45
N VAL B 314 -0.79 20.56 -14.34
CA VAL B 314 -1.79 21.56 -14.06
C VAL B 314 -1.90 22.59 -15.18
N ARG B 315 -0.77 23.09 -15.69
CA ARG B 315 -0.83 24.04 -16.81
C ARG B 315 -1.68 23.50 -17.97
N PHE B 316 -1.38 22.25 -18.33
CA PHE B 316 -2.00 21.61 -19.45
C PHE B 316 -3.48 21.53 -19.17
N LEU B 317 -3.83 21.01 -17.99
CA LEU B 317 -5.21 20.79 -17.61
C LEU B 317 -5.98 22.11 -17.54
N ASP B 318 -5.37 23.12 -16.91
CA ASP B 318 -6.00 24.41 -16.84
C ASP B 318 -6.33 24.94 -18.23
N THR B 319 -5.35 24.82 -19.14
CA THR B 319 -5.54 25.28 -20.50
C THR B 319 -6.65 24.54 -21.19
N TYR B 320 -6.67 23.21 -21.02
CA TYR B 320 -7.69 22.39 -21.68
C TYR B 320 -9.08 22.86 -21.32
N GLU B 321 -9.24 23.33 -20.09
CA GLU B 321 -10.52 23.78 -19.68
C GLU B 321 -10.76 25.19 -20.28
N LYS B 322 -9.78 26.09 -20.06
CA LYS B 322 -9.92 27.51 -20.46
C LYS B 322 -10.31 27.53 -21.95
N THR B 323 -9.70 26.63 -22.73
CA THR B 323 -10.00 26.49 -24.13
C THR B 323 -11.52 26.29 -24.37
N PHE B 324 -12.15 25.37 -23.64
CA PHE B 324 -13.59 25.15 -23.76
C PHE B 324 -14.33 26.40 -23.26
N VAL B 325 -13.81 27.03 -22.21
CA VAL B 325 -14.48 28.25 -21.74
C VAL B 325 -14.53 29.27 -22.92
N GLN B 326 -13.41 29.47 -23.60
CA GLN B 326 -13.42 30.28 -24.82
C GLN B 326 -14.45 29.83 -25.88
N PHE B 327 -14.62 28.53 -26.09
CA PHE B 327 -15.65 28.07 -27.04
C PHE B 327 -16.98 28.60 -26.61
N LEU B 328 -17.28 28.47 -25.32
CA LEU B 328 -18.52 29.00 -24.77
C LEU B 328 -18.62 30.51 -24.93
N GLN B 329 -17.51 31.22 -25.10
CA GLN B 329 -17.60 32.67 -25.15
C GLN B 329 -18.02 33.15 -26.53
N LYS B 330 -17.57 32.47 -27.58
CA LYS B 330 -18.14 32.56 -28.96
C LYS B 330 -19.32 31.59 -29.01
N ASP B 331 -20.19 31.64 -30.01
CA ASP B 331 -21.13 30.53 -29.97
C ASP B 331 -20.79 29.60 -31.09
N HIS B 332 -20.02 30.14 -32.03
CA HIS B 332 -19.69 29.53 -33.30
C HIS B 332 -18.19 29.80 -33.55
N PHE B 333 -17.44 28.75 -33.87
CA PHE B 333 -15.99 28.86 -33.89
C PHE B 333 -15.51 27.68 -34.75
N GLU B 334 -14.24 27.69 -35.11
CA GLU B 334 -13.70 26.55 -35.77
C GLU B 334 -12.68 25.85 -34.86
N ALA B 335 -12.87 24.57 -34.59
CA ALA B 335 -11.90 23.80 -33.83
C ALA B 335 -11.76 22.42 -34.43
N PHE B 336 -10.55 21.88 -34.43
CA PHE B 336 -10.22 20.54 -34.94
C PHE B 336 -10.79 20.29 -36.30
N GLY B 337 -10.58 21.23 -37.21
CA GLY B 337 -11.06 21.11 -38.57
C GLY B 337 -12.56 21.03 -38.73
N GLN B 338 -13.33 21.44 -37.73
CA GLN B 338 -14.77 21.54 -37.91
C GLN B 338 -15.27 22.94 -37.64
N LYS B 339 -16.46 23.23 -38.12
CA LYS B 339 -17.10 24.47 -37.80
C LYS B 339 -18.23 24.14 -36.85
N ILE B 340 -18.14 24.71 -35.64
CA ILE B 340 -19.09 24.40 -34.54
C ILE B 340 -19.98 25.59 -34.19
N ASP B 341 -21.26 25.30 -33.98
CA ASP B 341 -22.23 26.27 -33.51
C ASP B 341 -22.99 25.68 -32.34
N PHE B 342 -22.84 26.32 -31.19
CA PHE B 342 -23.42 25.82 -29.95
C PHE B 342 -24.94 25.96 -29.84
N HIS B 343 -25.57 26.62 -30.83
CA HIS B 343 -27.03 26.62 -30.85
C HIS B 343 -27.57 25.35 -31.43
N ASP B 344 -26.67 24.57 -32.00
CA ASP B 344 -27.06 23.34 -32.64
C ASP B 344 -26.82 22.23 -31.65
N PRO B 345 -27.92 21.55 -31.22
CA PRO B 345 -27.85 20.42 -30.27
C PRO B 345 -26.95 19.24 -30.71
N LYS B 346 -26.79 19.06 -32.02
CA LYS B 346 -25.91 18.06 -32.60
C LYS B 346 -24.45 18.33 -32.26
N ALA B 347 -24.16 19.56 -31.86
CA ALA B 347 -22.80 19.95 -31.42
C ALA B 347 -22.36 19.19 -30.15
N ILE B 348 -23.33 18.69 -29.37
CA ILE B 348 -23.06 17.70 -28.29
C ILE B 348 -22.01 16.66 -28.68
N ASN B 349 -22.10 16.16 -29.91
CA ASN B 349 -21.09 15.25 -30.41
C ASN B 349 -19.67 15.80 -30.26
N PHE B 350 -19.42 16.94 -30.89
CA PHE B 350 -18.15 17.62 -30.78
C PHE B 350 -17.77 17.84 -29.31
N VAL B 351 -18.72 18.36 -28.53
CA VAL B 351 -18.45 18.64 -27.14
C VAL B 351 -18.01 17.40 -26.39
N GLY B 352 -18.75 16.29 -26.50
CA GLY B 352 -18.40 15.01 -25.87
C GLY B 352 -17.05 14.53 -26.35
N ASN B 353 -16.85 14.55 -27.65
CA ASN B 353 -15.56 14.16 -28.15
C ASN B 353 -14.44 15.08 -27.71
N TYR B 354 -14.72 16.37 -27.49
CA TYR B 354 -13.67 17.27 -27.03
C TYR B 354 -13.15 16.84 -25.63
N TRP B 355 -14.09 16.60 -24.73
CA TRP B 355 -13.73 16.29 -23.38
C TRP B 355 -13.06 14.93 -23.27
N GLN B 356 -13.61 13.93 -23.94
CA GLN B 356 -12.94 12.64 -23.95
C GLN B 356 -11.62 12.62 -24.79
N ASP B 357 -11.38 13.63 -25.60
CA ASP B 357 -10.24 13.64 -26.53
C ASP B 357 -10.10 12.30 -27.28
N ASN B 358 -11.21 11.80 -27.84
CA ASN B 358 -11.21 10.49 -28.55
C ASN B 358 -10.77 10.60 -30.02
N ALA B 359 -10.57 9.44 -30.64
CA ALA B 359 -10.24 9.34 -32.05
C ALA B 359 -11.18 10.17 -32.93
N ASP B 360 -12.49 10.07 -32.70
CA ASP B 360 -13.44 10.83 -33.51
C ASP B 360 -13.36 12.33 -33.33
N LEU B 361 -12.53 12.83 -32.42
CA LEU B 361 -12.44 14.26 -32.30
C LEU B 361 -11.64 14.78 -33.51
N TYR B 362 -10.57 14.07 -33.80
CA TYR B 362 -9.82 14.24 -35.03
C TYR B 362 -10.51 13.30 -36.00
N GLY B 363 -10.09 13.22 -37.24
CA GLY B 363 -10.84 12.30 -38.10
C GLY B 363 -10.36 10.85 -38.07
N GLU B 364 -9.61 10.48 -37.03
CA GLU B 364 -8.69 9.34 -37.12
C GLU B 364 -9.24 8.00 -36.64
N GLU B 365 -8.50 6.91 -36.90
CA GLU B 365 -8.90 5.57 -36.47
C GLU B 365 -8.39 5.28 -35.05
N VAL B 366 -7.16 5.68 -34.77
CA VAL B 366 -6.68 5.62 -33.39
C VAL B 366 -6.04 6.95 -32.94
N THR B 367 -6.05 7.21 -31.62
CA THR B 367 -5.40 8.43 -31.09
C THR B 367 -3.90 8.33 -31.15
N LYS B 368 -3.24 9.46 -31.08
CA LYS B 368 -1.79 9.49 -31.17
C LYS B 368 -1.26 10.07 -29.88
N ASP B 369 -0.03 9.71 -29.53
CA ASP B 369 0.61 10.24 -28.31
C ASP B 369 0.56 11.78 -28.19
N TYR B 370 0.78 12.50 -29.29
CA TYR B 370 0.81 13.97 -29.25
C TYR B 370 -0.57 14.58 -29.03
N GLN B 371 -1.59 13.74 -29.13
CA GLN B 371 -2.93 14.20 -28.85
C GLN B 371 -3.27 13.87 -27.39
N ARG B 372 -2.82 14.78 -26.54
CA ARG B 372 -2.74 14.58 -25.13
C ARG B 372 -4.13 14.63 -24.46
N SER B 373 -4.38 13.62 -23.65
CA SER B 373 -5.67 13.43 -23.04
C SER B 373 -5.87 14.23 -21.75
N TYR B 374 -6.91 15.07 -21.75
CA TYR B 374 -7.33 15.71 -20.51
C TYR B 374 -7.66 14.66 -19.43
N GLU B 375 -8.39 13.61 -19.78
CA GLU B 375 -8.84 12.64 -18.78
C GLU B 375 -7.66 11.86 -18.27
N VAL B 376 -6.68 11.63 -19.12
CA VAL B 376 -5.57 10.85 -18.67
C VAL B 376 -4.85 11.62 -17.59
N PHE B 377 -4.53 12.88 -17.87
CA PHE B 377 -3.75 13.61 -16.92
C PHE B 377 -4.54 14.06 -15.68
N ALA B 378 -5.84 14.35 -15.83
CA ALA B 378 -6.69 14.56 -14.67
C ALA B 378 -6.57 13.36 -13.73
N ARG B 379 -6.71 12.16 -14.29
CA ARG B 379 -6.67 10.93 -13.55
C ARG B 379 -5.33 10.85 -12.87
N ARG B 380 -4.27 10.99 -13.66
CA ARG B 380 -2.91 10.93 -13.16
C ARG B 380 -2.69 11.86 -11.95
N VAL B 381 -3.09 13.15 -12.04
CA VAL B 381 -2.84 14.07 -10.91
C VAL B 381 -3.77 13.77 -9.77
N LEU B 382 -5.05 13.54 -10.05
CA LEU B 382 -5.96 13.18 -8.94
C LEU B 382 -5.53 11.91 -8.17
N GLY B 383 -5.00 10.95 -8.92
CA GLY B 383 -4.46 9.67 -8.39
C GLY B 383 -3.39 9.80 -7.35
N ALA B 384 -2.77 10.96 -7.26
CA ALA B 384 -1.75 11.25 -6.21
C ALA B 384 -0.49 10.37 -6.18
N ALA B 385 -0.35 9.40 -7.09
CA ALA B 385 0.86 8.58 -7.12
C ALA B 385 2.09 9.45 -7.35
N PRO B 386 3.26 8.97 -6.92
CA PRO B 386 4.51 9.62 -7.29
C PRO B 386 4.77 9.34 -8.77
N MET B 387 5.68 10.11 -9.41
CA MET B 387 5.98 9.99 -10.85
C MET B 387 6.46 8.60 -11.21
N PRO B 388 5.97 8.07 -12.32
CA PRO B 388 6.35 6.72 -12.69
C PRO B 388 7.87 6.62 -12.81
N PHE B 389 8.41 5.46 -12.41
CA PHE B 389 9.83 5.15 -12.50
C PHE B 389 10.28 5.20 -13.95
N ASP B 390 9.80 4.26 -14.78
CA ASP B 390 9.91 4.26 -16.24
C ASP B 390 8.53 3.99 -16.83
N LYS B 391 8.47 3.88 -18.15
CA LYS B 391 7.20 3.73 -18.91
C LYS B 391 6.37 2.50 -18.49
N TYR B 392 7.01 1.41 -18.10
CA TYR B 392 6.29 0.25 -17.67
C TYR B 392 6.14 0.18 -16.12
N THR B 393 6.73 1.16 -15.42
CA THR B 393 6.79 1.05 -13.98
C THR B 393 6.24 2.30 -13.33
N PHE B 394 5.04 2.15 -12.77
CA PHE B 394 4.33 3.25 -12.15
C PHE B 394 3.64 2.76 -10.85
N MET B 395 3.30 3.68 -9.95
CA MET B 395 2.50 3.28 -8.84
C MET B 395 1.03 3.40 -9.19
N PRO B 396 0.30 2.26 -9.23
CA PRO B 396 -1.08 2.27 -9.70
C PRO B 396 -1.93 3.07 -8.75
N SER B 397 -2.95 3.74 -9.27
CA SER B 397 -4.00 4.25 -8.42
C SER B 397 -5.34 3.72 -9.03
N ALA B 398 -6.44 3.86 -8.31
CA ALA B 398 -7.71 3.34 -8.79
C ALA B 398 -8.09 3.94 -10.14
N MET B 399 -7.42 5.00 -10.56
CA MET B 399 -7.83 5.63 -11.81
C MET B 399 -6.93 5.28 -12.98
N ASP B 400 -6.14 4.23 -12.76
CA ASP B 400 -5.29 3.65 -13.78
C ASP B 400 -6.00 2.49 -14.44
N PHE B 401 -7.23 2.22 -14.00
CA PHE B 401 -7.97 1.05 -14.44
C PHE B 401 -9.45 1.33 -14.43
N TYR B 402 -10.18 0.76 -15.40
CA TYR B 402 -11.62 0.98 -15.43
C TYR B 402 -12.34 0.11 -14.45
N GLN B 403 -11.67 -0.97 -14.04
CA GLN B 403 -12.19 -1.90 -13.05
C GLN B 403 -12.31 -1.25 -11.69
N THR B 404 -11.52 -0.19 -11.46
CA THR B 404 -11.34 0.31 -10.12
C THR B 404 -11.73 1.74 -10.03
N SER B 405 -12.08 2.33 -11.16
CA SER B 405 -12.20 3.79 -11.16
C SER B 405 -13.29 4.29 -10.24
N LEU B 406 -14.43 3.58 -10.20
CA LEU B 406 -15.61 3.97 -9.42
C LEU B 406 -15.36 3.95 -7.93
N ARG B 407 -14.25 3.35 -7.51
CA ARG B 407 -13.97 3.22 -6.08
C ARG B 407 -13.53 4.54 -5.42
N ASP B 408 -13.13 5.52 -6.21
CA ASP B 408 -12.52 6.74 -5.70
C ASP B 408 -13.48 7.91 -5.83
N PRO B 409 -13.78 8.55 -4.71
CA PRO B 409 -14.63 9.73 -4.74
C PRO B 409 -14.17 10.71 -5.80
N ALA B 410 -12.86 10.86 -5.95
CA ALA B 410 -12.32 11.77 -6.94
C ALA B 410 -12.86 11.52 -8.39
N PHE B 411 -13.21 10.26 -8.70
CA PHE B 411 -13.70 9.89 -10.04
C PHE B 411 -14.98 10.66 -10.32
N TYR B 412 -15.92 10.59 -9.38
CA TYR B 412 -17.17 11.29 -9.55
C TYR B 412 -16.88 12.77 -9.55
N GLN B 413 -15.88 13.23 -8.81
CA GLN B 413 -15.66 14.66 -8.73
C GLN B 413 -15.15 15.20 -10.05
N LEU B 414 -14.27 14.41 -10.70
CA LEU B 414 -13.77 14.69 -12.06
C LEU B 414 -14.86 14.71 -13.11
N TYR B 415 -15.59 13.61 -13.23
CA TYR B 415 -16.59 13.58 -14.29
C TYR B 415 -17.70 14.55 -13.98
N ASN B 416 -17.92 14.88 -12.72
CA ASN B 416 -18.89 15.92 -12.40
C ASN B 416 -18.51 17.23 -13.03
N ARG B 417 -17.22 17.57 -12.88
CA ARG B 417 -16.64 18.79 -13.40
C ARG B 417 -16.86 18.86 -14.91
N ILE B 418 -16.51 17.76 -15.60
CA ILE B 418 -16.64 17.69 -17.05
C ILE B 418 -18.08 17.85 -17.45
N VAL B 419 -18.95 17.03 -16.87
CA VAL B 419 -20.39 17.09 -17.20
C VAL B 419 -20.95 18.50 -17.01
N GLU B 420 -20.65 19.11 -15.88
CA GLU B 420 -21.08 20.47 -15.67
C GLU B 420 -20.70 21.44 -16.81
N TYR B 421 -19.49 21.28 -17.35
CA TYR B 421 -19.02 22.16 -18.43
C TYR B 421 -19.86 21.90 -19.66
N ILE B 422 -20.12 20.62 -19.90
CA ILE B 422 -21.02 20.25 -20.96
C ILE B 422 -22.46 20.85 -20.80
N VAL B 423 -22.99 20.95 -19.57
CA VAL B 423 -24.30 21.59 -19.43
C VAL B 423 -24.23 23.10 -19.56
N GLU B 424 -23.05 23.64 -19.28
CA GLU B 424 -22.84 25.05 -19.57
C GLU B 424 -23.08 25.22 -21.09
N PHE B 425 -22.72 24.22 -21.91
CA PHE B 425 -23.07 24.29 -23.33
C PHE B 425 -24.55 24.09 -23.52
N LYS B 426 -25.12 23.14 -22.80
CA LYS B 426 -26.54 22.84 -23.01
C LYS B 426 -27.42 24.08 -22.86
N GLN B 427 -26.92 25.10 -22.15
CA GLN B 427 -27.70 26.35 -21.96
C GLN B 427 -27.95 27.09 -23.25
N TYR B 428 -27.09 26.93 -24.24
CA TYR B 428 -27.31 27.48 -25.55
C TYR B 428 -28.54 26.95 -26.27
N LEU B 429 -28.99 25.75 -25.93
CA LEU B 429 -30.06 25.15 -26.68
C LEU B 429 -31.44 25.68 -26.29
N LYS B 430 -32.29 25.88 -27.30
CA LYS B 430 -33.64 26.42 -27.12
C LYS B 430 -34.48 25.38 -26.37
N PRO B 431 -35.13 25.81 -25.28
CA PRO B 431 -35.94 24.88 -24.45
C PRO B 431 -37.12 24.30 -25.24
N TYR B 432 -37.39 23.01 -25.09
CA TYR B 432 -38.53 22.42 -25.79
C TYR B 432 -39.78 23.21 -25.46
N THR B 433 -40.53 23.51 -26.51
CA THR B 433 -41.74 24.30 -26.43
C THR B 433 -42.94 23.42 -26.19
N GLN B 434 -43.95 24.00 -25.53
CA GLN B 434 -45.29 23.41 -25.38
C GLN B 434 -45.76 22.44 -26.48
N ASP B 435 -45.60 22.87 -27.73
CA ASP B 435 -46.12 22.19 -28.91
C ASP B 435 -45.09 21.27 -29.54
N LYS B 436 -43.92 21.18 -28.91
CA LYS B 436 -42.97 20.15 -29.29
C LYS B 436 -43.28 18.92 -28.45
N LEU B 437 -43.80 19.15 -27.25
CA LEU B 437 -43.93 18.11 -26.27
C LEU B 437 -45.34 17.59 -26.11
N TYR B 438 -46.34 18.37 -26.54
CA TYR B 438 -47.74 17.96 -26.39
C TYR B 438 -48.00 16.65 -27.12
N PHE B 439 -48.84 15.78 -26.54
CA PHE B 439 -49.38 14.64 -27.28
C PHE B 439 -50.85 14.86 -27.32
N ASP B 440 -51.31 15.37 -28.47
CA ASP B 440 -52.66 15.87 -28.59
C ASP B 440 -53.71 14.80 -28.37
N GLY B 441 -54.65 15.10 -27.45
CA GLY B 441 -55.72 14.22 -27.08
C GLY B 441 -55.33 12.99 -26.26
N VAL B 442 -54.09 12.92 -25.77
CA VAL B 442 -53.71 11.89 -24.78
C VAL B 442 -53.32 12.47 -23.44
N LYS B 443 -53.69 11.78 -22.38
CA LYS B 443 -53.56 12.31 -21.04
C LYS B 443 -53.28 11.19 -20.07
N ILE B 444 -52.23 11.35 -19.28
CA ILE B 444 -51.90 10.38 -18.24
C ILE B 444 -52.74 10.74 -17.01
N THR B 445 -53.78 9.97 -16.73
CA THR B 445 -54.70 10.37 -15.69
C THR B 445 -54.29 9.82 -14.33
N ASP B 446 -53.46 8.79 -14.36
CA ASP B 446 -52.95 8.22 -13.13
C ASP B 446 -51.70 7.37 -13.34
N VAL B 447 -50.82 7.40 -12.32
CA VAL B 447 -49.68 6.48 -12.24
C VAL B 447 -49.73 5.85 -10.86
N LYS B 448 -49.63 4.52 -10.78
CA LYS B 448 -49.60 3.83 -9.50
C LYS B 448 -48.44 2.86 -9.53
N VAL B 449 -47.63 2.86 -8.46
CA VAL B 449 -46.42 2.04 -8.42
C VAL B 449 -46.48 1.08 -7.25
N ASP B 450 -45.96 -0.13 -7.46
CA ASP B 450 -45.93 -1.13 -6.40
C ASP B 450 -45.04 -0.71 -5.24
N LYS B 451 -44.75 -1.66 -4.36
CA LYS B 451 -43.85 -1.42 -3.26
C LYS B 451 -42.46 -1.32 -3.83
N LEU B 452 -41.76 -0.23 -3.48
CA LEU B 452 -40.35 -0.04 -3.83
C LEU B 452 -39.50 -0.38 -2.59
N THR B 453 -38.78 -1.49 -2.68
CA THR B 453 -38.05 -2.02 -1.52
C THR B 453 -36.70 -2.57 -1.87
N THR B 454 -35.66 -1.99 -1.26
CA THR B 454 -34.31 -2.52 -1.44
C THR B 454 -33.92 -3.51 -0.30
N PHE B 455 -32.83 -4.24 -0.50
CA PHE B 455 -32.31 -5.13 0.52
C PHE B 455 -30.93 -5.56 0.07
N PHE B 456 -30.19 -6.19 0.97
CA PHE B 456 -28.92 -6.77 0.62
C PHE B 456 -29.06 -8.27 0.52
N GLU B 457 -28.29 -8.89 -0.35
CA GLU B 457 -28.18 -10.33 -0.34
C GLU B 457 -26.77 -10.75 -0.70
N ASN B 458 -26.25 -11.72 0.05
CA ASN B 458 -24.99 -12.39 -0.33
C ASN B 458 -24.87 -12.80 -1.80
N PHE B 459 -23.73 -12.53 -2.40
CA PHE B 459 -23.47 -12.86 -3.77
C PHE B 459 -22.10 -13.50 -3.82
N GLU B 460 -21.94 -14.56 -4.61
CA GLU B 460 -20.64 -15.21 -4.73
C GLU B 460 -20.07 -15.00 -6.12
N PHE B 461 -18.75 -14.86 -6.22
CA PHE B 461 -18.12 -14.86 -7.53
C PHE B 461 -16.86 -15.71 -7.52
N ASP B 462 -16.52 -16.33 -8.65
CA ASP B 462 -15.41 -17.26 -8.70
C ASP B 462 -14.17 -16.43 -8.85
N ALA B 463 -13.27 -16.55 -7.89
CA ALA B 463 -12.16 -15.67 -7.79
C ALA B 463 -10.94 -16.48 -8.04
N SER B 464 -11.12 -17.67 -8.61
CA SER B 464 -9.98 -18.60 -8.78
C SER B 464 -8.83 -18.06 -9.58
N ASN B 465 -9.10 -17.20 -10.54
CA ASN B 465 -8.03 -16.69 -11.39
C ASN B 465 -6.91 -16.06 -10.61
N SER B 466 -7.09 -15.86 -9.30
CA SER B 466 -6.10 -15.20 -8.46
C SER B 466 -5.11 -16.16 -7.79
N VAL B 467 -5.33 -17.44 -7.98
CA VAL B 467 -4.58 -18.51 -7.33
C VAL B 467 -3.48 -19.10 -8.23
N TYR B 468 -2.25 -19.16 -7.74
CA TYR B 468 -1.15 -19.79 -8.47
C TYR B 468 -1.00 -21.26 -8.08
N PHE B 469 -0.78 -22.12 -9.10
CA PHE B 469 -0.72 -23.58 -8.98
C PHE B 469 0.65 -24.15 -9.33
N SER B 470 0.81 -25.46 -9.16
CA SER B 470 2.12 -26.08 -9.37
C SER B 470 2.20 -26.84 -10.69
N LYS B 471 3.42 -26.96 -11.24
CA LYS B 471 3.68 -27.79 -12.42
C LYS B 471 2.92 -29.11 -12.26
N GLU B 472 3.28 -29.83 -11.21
CA GLU B 472 2.60 -31.04 -10.81
C GLU B 472 1.06 -30.86 -10.63
N GLU B 473 0.61 -29.77 -10.03
CA GLU B 473 -0.83 -29.62 -9.81
C GLU B 473 -1.61 -29.30 -11.09
N ILE B 474 -0.93 -28.79 -12.11
CA ILE B 474 -1.61 -28.30 -13.32
C ILE B 474 -1.94 -29.47 -14.24
N LYS B 475 -0.96 -30.36 -14.41
CA LYS B 475 -1.16 -31.60 -15.17
C LYS B 475 -2.13 -32.54 -14.46
N ASN B 476 -2.16 -32.48 -13.13
CA ASN B 476 -3.10 -33.28 -12.32
C ASN B 476 -4.50 -32.71 -12.27
N ASN B 477 -4.72 -31.57 -12.93
CA ASN B 477 -5.98 -30.81 -12.83
C ASN B 477 -6.63 -30.90 -11.45
N HIS B 478 -5.75 -30.92 -10.45
CA HIS B 478 -6.01 -30.66 -9.03
C HIS B 478 -6.86 -29.38 -8.92
N VAL B 479 -7.79 -29.38 -7.98
CA VAL B 479 -8.72 -28.27 -7.84
C VAL B 479 -8.45 -27.49 -6.54
N HIS B 480 -8.19 -26.20 -6.69
CA HIS B 480 -8.21 -25.26 -5.57
C HIS B 480 -9.04 -24.06 -6.03
N ASP B 481 -10.36 -24.14 -5.86
CA ASP B 481 -11.22 -23.06 -6.36
C ASP B 481 -11.73 -22.14 -5.26
N VAL B 482 -11.88 -20.88 -5.61
CA VAL B 482 -12.01 -19.86 -4.63
C VAL B 482 -13.26 -19.04 -4.94
N LYS B 483 -14.10 -18.87 -3.95
CA LYS B 483 -15.25 -18.01 -4.13
C LYS B 483 -15.14 -16.89 -3.10
N VAL B 484 -15.53 -15.68 -3.52
CA VAL B 484 -15.64 -14.55 -2.62
C VAL B 484 -17.13 -14.20 -2.52
N ARG B 485 -17.65 -14.10 -1.30
CA ARG B 485 -19.04 -13.70 -1.18
C ARG B 485 -19.21 -12.45 -0.37
N GLN B 486 -20.11 -11.56 -0.81
CA GLN B 486 -20.36 -10.35 -0.05
C GLN B 486 -21.75 -9.85 -0.28
N PRO B 487 -22.29 -9.10 0.67
CA PRO B 487 -23.63 -8.62 0.47
C PRO B 487 -23.59 -7.60 -0.66
N ARG B 488 -24.51 -7.73 -1.61
CA ARG B 488 -24.69 -6.73 -2.62
C ARG B 488 -26.15 -6.25 -2.61
N LEU B 489 -26.34 -4.95 -2.86
CA LEU B 489 -27.67 -4.38 -2.95
C LEU B 489 -28.55 -5.01 -4.05
N ASN B 490 -29.86 -5.09 -3.79
CA ASN B 490 -30.84 -5.62 -4.73
C ASN B 490 -32.12 -4.96 -4.37
N HIS B 491 -33.15 -5.20 -5.17
CA HIS B 491 -34.47 -4.72 -4.82
C HIS B 491 -35.54 -5.70 -5.31
N SER B 492 -36.76 -5.55 -4.79
CA SER B 492 -37.87 -6.40 -5.16
C SER B 492 -38.39 -5.87 -6.45
N PRO B 493 -38.96 -6.77 -7.28
CA PRO B 493 -39.48 -6.31 -8.58
C PRO B 493 -40.73 -5.55 -8.31
N PHE B 494 -41.12 -4.67 -9.22
CA PHE B 494 -42.32 -3.87 -9.02
C PHE B 494 -42.98 -3.46 -10.34
N ASN B 495 -44.28 -3.17 -10.27
CA ASN B 495 -45.02 -2.70 -11.44
C ASN B 495 -45.28 -1.23 -11.44
N VAL B 496 -45.14 -0.61 -12.60
CA VAL B 496 -45.67 0.72 -12.80
C VAL B 496 -46.93 0.60 -13.65
N ASN B 497 -48.06 1.02 -13.09
CA ASN B 497 -49.31 1.01 -13.84
C ASN B 497 -49.60 2.43 -14.22
N ILE B 498 -49.69 2.64 -15.52
CA ILE B 498 -49.92 3.94 -16.10
C ILE B 498 -51.30 3.96 -16.71
N GLU B 499 -52.14 4.89 -16.25
CA GLU B 499 -53.49 5.07 -16.82
C GLU B 499 -53.57 6.29 -17.72
N VAL B 500 -53.78 6.04 -19.00
CA VAL B 500 -53.86 7.11 -19.99
C VAL B 500 -55.17 7.14 -20.82
N ASP B 501 -55.68 8.35 -21.08
CA ASP B 501 -56.88 8.56 -21.89
C ASP B 501 -56.54 8.99 -23.27
N SER B 502 -56.37 8.05 -24.19
CA SER B 502 -56.16 8.42 -25.58
C SER B 502 -57.49 8.68 -26.24
N ASN B 503 -57.58 9.85 -26.86
CA ASN B 503 -58.71 10.21 -27.69
C ASN B 503 -58.91 9.27 -28.87
N VAL B 504 -57.82 8.66 -29.33
CA VAL B 504 -57.79 8.06 -30.64
C VAL B 504 -56.73 6.95 -30.69
N ALA B 505 -56.97 5.92 -31.48
CA ALA B 505 -55.93 4.92 -31.73
C ALA B 505 -54.67 5.64 -32.20
N SER B 506 -53.59 5.44 -31.45
CA SER B 506 -52.25 5.98 -31.78
C SER B 506 -51.17 5.05 -31.25
N ASP B 507 -49.98 5.15 -31.83
CA ASP B 507 -48.81 4.44 -31.32
C ASP B 507 -48.00 5.43 -30.51
N ALA B 508 -47.59 5.00 -29.32
CA ALA B 508 -46.89 5.89 -28.42
C ALA B 508 -45.53 5.36 -27.95
N VAL B 509 -44.69 6.27 -27.47
CA VAL B 509 -43.55 5.87 -26.68
C VAL B 509 -43.81 6.27 -25.24
N VAL B 510 -43.54 5.36 -24.32
CA VAL B 510 -43.58 5.67 -22.92
C VAL B 510 -42.14 5.68 -22.44
N LYS B 511 -41.85 6.69 -21.60
CA LYS B 511 -40.55 6.81 -20.94
C LYS B 511 -40.74 7.02 -19.47
N ILE B 512 -39.86 6.35 -18.73
CA ILE B 512 -39.84 6.42 -17.25
C ILE B 512 -38.52 6.89 -16.64
N PHE B 513 -38.63 7.98 -15.89
CA PHE B 513 -37.48 8.53 -15.19
C PHE B 513 -37.65 8.45 -13.67
N LEU B 514 -36.53 8.22 -12.99
CA LEU B 514 -36.50 8.34 -11.53
C LEU B 514 -35.73 9.58 -11.12
N ALA B 515 -36.26 10.32 -10.16
CA ALA B 515 -35.64 11.58 -9.77
C ALA B 515 -35.79 11.89 -8.29
N PRO B 516 -34.94 12.82 -7.77
CA PRO B 516 -35.09 13.16 -6.35
C PRO B 516 -36.39 13.93 -6.13
N LYS B 517 -36.89 13.91 -4.89
CA LYS B 517 -38.07 14.69 -4.46
C LYS B 517 -37.69 16.07 -3.93
N TYR B 518 -36.85 16.09 -2.89
CA TYR B 518 -36.28 17.30 -2.28
C TYR B 518 -34.77 17.29 -2.44
N ASP B 519 -34.11 18.44 -2.22
CA ASP B 519 -32.67 18.38 -1.90
C ASP B 519 -32.51 18.02 -0.43
N ASP B 520 -31.28 18.04 0.06
CA ASP B 520 -30.99 17.65 1.46
C ASP B 520 -31.46 18.66 2.53
N ASN B 521 -32.11 19.73 2.11
CA ASN B 521 -32.77 20.57 3.10
C ASN B 521 -34.32 20.51 3.09
N GLY B 522 -34.91 19.81 2.13
CA GLY B 522 -36.37 19.73 2.05
C GLY B 522 -36.94 20.76 1.09
N ILE B 523 -36.05 21.43 0.36
CA ILE B 523 -36.49 22.30 -0.71
C ILE B 523 -36.96 21.31 -1.78
N PRO B 524 -38.23 21.40 -2.22
CA PRO B 524 -38.73 20.50 -3.28
C PRO B 524 -38.03 20.79 -4.59
N LEU B 525 -37.81 19.76 -5.42
CA LEU B 525 -36.94 19.93 -6.61
C LEU B 525 -37.64 20.36 -7.88
N THR B 526 -37.21 21.51 -8.38
CA THR B 526 -37.74 22.14 -9.60
C THR B 526 -36.91 21.71 -10.83
N LEU B 527 -37.63 21.19 -11.82
CA LEU B 527 -37.07 20.81 -13.12
C LEU B 527 -36.11 21.84 -13.71
N GLU B 528 -36.40 23.11 -13.52
CA GLU B 528 -35.60 24.16 -14.12
C GLU B 528 -34.14 23.96 -13.83
N ASP B 529 -33.84 23.54 -12.61
CA ASP B 529 -32.45 23.38 -12.25
C ASP B 529 -32.14 21.96 -11.83
N ASN B 530 -33.12 21.08 -11.93
CA ASN B 530 -32.84 19.69 -11.58
C ASN B 530 -33.07 18.66 -12.65
N TRP B 531 -33.14 19.13 -13.88
CA TRP B 531 -33.41 18.24 -14.95
C TRP B 531 -32.31 17.21 -15.14
N MET B 532 -31.08 17.55 -14.77
CA MET B 532 -29.96 16.64 -15.02
C MET B 532 -29.79 15.64 -13.89
N LYS B 533 -30.69 15.69 -12.92
CA LYS B 533 -30.67 14.69 -11.83
C LYS B 533 -31.74 13.62 -12.11
N PHE B 534 -32.23 13.59 -13.34
CA PHE B 534 -33.22 12.63 -13.76
C PHE B 534 -32.56 11.44 -14.39
N PHE B 535 -32.89 10.26 -13.86
CA PHE B 535 -32.26 9.02 -14.24
C PHE B 535 -33.29 8.21 -15.05
N GLU B 536 -32.92 7.87 -16.27
CA GLU B 536 -33.85 7.16 -17.15
C GLU B 536 -33.92 5.63 -16.89
N LEU B 537 -35.10 5.14 -16.50
CA LEU B 537 -35.31 3.69 -16.26
C LEU B 537 -35.80 2.91 -17.47
N ASP B 538 -36.71 3.47 -18.26
CA ASP B 538 -37.31 2.69 -19.34
C ASP B 538 -37.70 3.50 -20.54
N TRP B 539 -37.68 2.82 -21.68
CA TRP B 539 -38.04 3.34 -22.97
C TRP B 539 -38.84 2.23 -23.64
N PHE B 540 -40.13 2.42 -23.86
CA PHE B 540 -40.84 1.41 -24.68
C PHE B 540 -42.00 1.97 -25.50
N THR B 541 -42.62 1.08 -26.28
CA THR B 541 -43.66 1.47 -27.24
C THR B 541 -44.96 0.79 -26.95
N THR B 542 -46.06 1.45 -27.23
CA THR B 542 -47.33 0.83 -26.96
C THR B 542 -48.44 1.30 -27.92
N LYS B 543 -49.31 0.36 -28.27
CA LYS B 543 -50.55 0.67 -29.01
C LYS B 543 -51.46 1.32 -27.99
N LEU B 544 -52.07 2.44 -28.36
CA LEU B 544 -52.94 3.17 -27.47
C LEU B 544 -54.30 3.26 -28.14
N THR B 545 -55.29 2.63 -27.52
CA THR B 545 -56.64 2.61 -28.12
C THR B 545 -57.44 3.81 -27.64
N ALA B 546 -58.57 4.08 -28.30
CA ALA B 546 -59.43 5.20 -27.94
C ALA B 546 -60.13 4.94 -26.61
N GLY B 547 -60.40 5.99 -25.84
CA GLY B 547 -60.99 5.85 -24.50
C GLY B 547 -59.96 5.69 -23.38
N GLN B 548 -60.13 4.70 -22.53
CA GLN B 548 -59.22 4.51 -21.40
C GLN B 548 -58.26 3.35 -21.62
N ASN B 549 -56.98 3.56 -21.32
CA ASN B 549 -55.95 2.53 -21.49
C ASN B 549 -55.26 2.33 -20.17
N LYS B 550 -54.61 1.17 -19.99
CA LYS B 550 -53.61 1.03 -18.94
C LYS B 550 -52.47 0.11 -19.24
N ILE B 551 -51.29 0.71 -19.32
CA ILE B 551 -50.03 0.04 -19.43
C ILE B 551 -49.56 -0.45 -18.07
N ILE B 552 -49.15 -1.72 -18.01
CA ILE B 552 -48.48 -2.26 -16.83
C ILE B 552 -47.05 -2.63 -17.22
N ARG B 553 -46.09 -1.97 -16.59
CA ARG B 553 -44.71 -2.24 -16.89
C ARG B 553 -43.96 -2.75 -15.65
N ASN B 554 -43.32 -3.90 -15.80
CA ASN B 554 -42.59 -4.47 -14.72
C ASN B 554 -41.13 -4.12 -14.82
N SER B 555 -40.54 -3.80 -13.67
CA SER B 555 -39.12 -3.51 -13.57
C SER B 555 -38.20 -4.58 -14.22
N ASN B 556 -38.64 -5.83 -14.33
CA ASN B 556 -37.80 -6.79 -15.07
C ASN B 556 -37.74 -6.49 -16.54
N GLU B 557 -38.77 -5.85 -17.07
CA GLU B 557 -38.81 -5.62 -18.49
C GLU B 557 -38.12 -4.34 -18.81
N PHE B 558 -37.80 -3.53 -17.79
CA PHE B 558 -37.15 -2.23 -18.03
C PHE B 558 -35.98 -2.48 -18.93
N VAL B 559 -35.84 -1.69 -19.98
CA VAL B 559 -34.89 -2.01 -21.03
C VAL B 559 -33.42 -1.62 -20.70
N ILE B 560 -33.28 -0.66 -19.80
CA ILE B 560 -31.99 -0.06 -19.54
C ILE B 560 -31.06 -0.92 -18.66
N PHE B 561 -31.59 -1.97 -18.01
CA PHE B 561 -30.76 -2.76 -17.07
C PHE B 561 -30.56 -4.25 -17.43
N LYS B 562 -29.56 -4.90 -16.80
CA LYS B 562 -29.31 -6.31 -17.06
C LYS B 562 -29.23 -7.22 -15.84
N GLU B 563 -29.42 -8.52 -16.09
CA GLU B 563 -29.25 -9.53 -15.05
C GLU B 563 -27.77 -9.76 -14.80
N ASP B 564 -27.48 -10.40 -13.67
CA ASP B 564 -26.11 -10.64 -13.26
C ASP B 564 -25.49 -11.59 -14.25
N SER B 565 -24.21 -11.37 -14.55
CA SER B 565 -23.45 -12.31 -15.34
C SER B 565 -23.49 -13.70 -14.72
N VAL B 566 -23.64 -14.69 -15.58
CA VAL B 566 -23.41 -16.07 -15.14
C VAL B 566 -21.91 -16.39 -15.04
N PRO B 567 -21.52 -17.15 -13.98
CA PRO B 567 -20.09 -17.60 -13.89
C PRO B 567 -19.62 -18.50 -15.05
N MET B 568 -18.34 -18.46 -15.35
CA MET B 568 -17.81 -19.26 -16.41
C MET B 568 -18.17 -20.73 -16.31
N THR B 569 -18.11 -21.31 -15.12
CA THR B 569 -18.39 -22.74 -14.98
C THR B 569 -19.84 -23.04 -15.34
N GLU B 570 -20.73 -22.11 -15.02
CA GLU B 570 -22.11 -22.25 -15.33
C GLU B 570 -22.33 -22.07 -16.83
N ILE B 571 -21.69 -21.04 -17.41
CA ILE B 571 -21.73 -20.87 -18.86
C ILE B 571 -21.20 -22.14 -19.54
N MET B 572 -20.12 -22.68 -18.98
CA MET B 572 -19.46 -23.85 -19.51
C MET B 572 -20.44 -25.05 -19.54
N LYS B 573 -21.28 -25.16 -18.50
CA LYS B 573 -22.29 -26.22 -18.41
C LYS B 573 -23.36 -26.01 -19.47
N MET B 574 -23.85 -24.78 -19.60
CA MET B 574 -24.85 -24.42 -20.62
C MET B 574 -24.41 -24.73 -22.05
N LEU B 575 -23.10 -24.71 -22.31
CA LEU B 575 -22.65 -24.93 -23.66
C LEU B 575 -22.81 -26.40 -24.03
N ASP B 576 -22.71 -27.26 -23.04
CA ASP B 576 -22.88 -28.70 -23.27
C ASP B 576 -24.35 -29.01 -23.56
N GLU B 577 -25.20 -28.04 -23.25
CA GLU B 577 -26.62 -28.13 -23.52
C GLU B 577 -27.06 -27.20 -24.64
N GLY B 578 -26.17 -26.94 -25.60
CA GLY B 578 -26.45 -26.03 -26.72
C GLY B 578 -27.14 -24.74 -26.29
N LYS B 579 -26.79 -24.27 -25.09
CA LYS B 579 -27.39 -23.09 -24.50
C LYS B 579 -26.31 -22.03 -24.24
N VAL B 580 -26.74 -20.77 -24.19
CA VAL B 580 -25.88 -19.65 -23.81
C VAL B 580 -26.79 -18.61 -23.11
N PRO B 581 -26.25 -17.81 -22.16
CA PRO B 581 -27.08 -16.78 -21.51
C PRO B 581 -27.44 -15.66 -22.45
N PHE B 582 -28.68 -15.18 -22.35
CA PHE B 582 -29.16 -14.16 -23.25
C PHE B 582 -28.53 -12.84 -22.90
N ASP B 583 -28.81 -12.35 -21.69
CA ASP B 583 -28.29 -11.08 -21.20
C ASP B 583 -26.78 -10.85 -21.43
N MET B 584 -25.99 -11.92 -21.33
CA MET B 584 -24.54 -11.80 -21.49
C MET B 584 -24.15 -11.77 -22.96
N SER B 585 -25.02 -12.33 -23.80
CA SER B 585 -24.73 -12.40 -25.21
C SER B 585 -24.93 -11.08 -25.94
N GLU B 586 -25.93 -10.30 -25.51
CA GLU B 586 -26.32 -9.04 -26.16
C GLU B 586 -26.20 -7.81 -25.23
N GLU B 587 -26.76 -7.94 -24.03
CA GLU B 587 -27.06 -6.81 -23.14
C GLU B 587 -26.00 -6.50 -22.07
N PHE B 588 -24.78 -7.02 -22.24
CA PHE B 588 -23.68 -6.87 -21.26
C PHE B 588 -23.30 -5.43 -20.80
N CYS B 589 -23.34 -4.45 -21.71
CA CYS B 589 -22.82 -3.09 -21.41
C CYS B 589 -23.82 -2.20 -20.66
N TYR B 590 -24.92 -2.79 -20.19
CA TYR B 590 -25.94 -2.09 -19.41
C TYR B 590 -25.70 -2.20 -17.90
N MET B 591 -26.28 -1.26 -17.16
CA MET B 591 -26.24 -1.28 -15.68
C MET B 591 -26.93 -2.51 -15.07
N PRO B 592 -26.35 -3.08 -14.00
CA PRO B 592 -27.01 -4.30 -13.50
C PRO B 592 -28.31 -3.96 -12.82
N LYS B 593 -29.28 -4.84 -12.97
CA LYS B 593 -30.62 -4.53 -12.55
C LYS B 593 -30.70 -4.25 -11.05
N ARG B 594 -29.99 -5.02 -10.25
CA ARG B 594 -30.11 -4.91 -8.80
C ARG B 594 -29.82 -3.49 -8.24
N LEU B 595 -28.99 -2.76 -8.96
CA LEU B 595 -28.60 -1.44 -8.54
C LEU B 595 -29.52 -0.32 -8.98
N MET B 596 -30.59 -0.65 -9.70
CA MET B 596 -31.41 0.44 -10.21
C MET B 596 -31.92 1.37 -9.14
N LEU B 597 -32.31 0.84 -7.99
CA LEU B 597 -32.74 1.72 -6.90
C LEU B 597 -31.60 2.05 -5.89
N PRO B 598 -31.48 3.32 -5.47
CA PRO B 598 -30.57 3.61 -4.35
C PRO B 598 -31.01 2.87 -3.09
N ARG B 599 -30.13 2.71 -2.10
CA ARG B 599 -30.56 2.11 -0.84
C ARG B 599 -31.61 2.95 -0.10
N GLY B 600 -32.84 2.47 -0.02
CA GLY B 600 -33.89 3.15 0.73
C GLY B 600 -33.68 3.08 2.23
N THR B 601 -34.66 3.55 3.00
CA THR B 601 -34.56 3.63 4.43
C THR B 601 -35.72 2.79 4.95
N GLU B 602 -35.67 2.35 6.20
CA GLU B 602 -36.75 1.53 6.74
C GLU B 602 -38.09 2.22 6.72
N GLY B 603 -38.11 3.55 6.75
CA GLY B 603 -39.36 4.32 6.80
C GLY B 603 -39.79 4.98 5.49
N GLY B 604 -38.99 4.81 4.43
CA GLY B 604 -39.39 5.23 3.07
C GLY B 604 -38.85 6.56 2.61
N PHE B 605 -37.64 6.54 2.06
CA PHE B 605 -37.02 7.73 1.53
C PHE B 605 -37.74 8.22 0.30
N PRO B 606 -38.01 9.54 0.22
CA PRO B 606 -38.83 10.08 -0.88
C PRO B 606 -38.07 10.40 -2.17
N PHE B 607 -38.51 9.74 -3.25
CA PHE B 607 -38.20 10.18 -4.58
C PHE B 607 -39.50 10.47 -5.37
N GLN B 608 -39.32 10.66 -6.69
CA GLN B 608 -40.47 10.85 -7.55
C GLN B 608 -40.22 10.15 -8.89
N LEU B 609 -41.28 9.72 -9.58
CA LEU B 609 -41.19 9.05 -10.89
C LEU B 609 -41.79 9.96 -11.96
N PHE B 610 -41.11 10.11 -13.09
CA PHE B 610 -41.65 10.99 -14.12
C PHE B 610 -42.03 10.11 -15.32
N VAL B 611 -43.32 9.98 -15.59
CA VAL B 611 -43.74 9.20 -16.76
C VAL B 611 -44.08 10.21 -17.85
N PHE B 612 -43.66 9.87 -19.08
CA PHE B 612 -43.89 10.74 -20.22
C PHE B 612 -44.25 9.93 -21.46
N VAL B 613 -45.43 10.25 -22.01
CA VAL B 613 -45.93 9.53 -23.19
C VAL B 613 -45.98 10.46 -24.39
N TYR B 614 -45.41 9.98 -25.49
CA TYR B 614 -45.31 10.81 -26.67
C TYR B 614 -45.45 9.99 -27.97
N PRO B 615 -45.78 10.68 -29.07
CA PRO B 615 -46.15 10.06 -30.33
C PRO B 615 -45.04 9.27 -30.97
N PHE B 616 -45.33 8.03 -31.34
CA PHE B 616 -44.39 7.22 -32.07
C PHE B 616 -44.69 7.19 -33.56
N ASP B 617 -43.63 7.32 -34.35
CA ASP B 617 -43.68 7.08 -35.80
C ASP B 617 -44.19 5.68 -36.13
N ASN B 618 -45.45 5.62 -36.56
CA ASN B 618 -46.16 4.37 -36.82
C ASN B 618 -45.23 3.18 -37.16
N LYS B 619 -44.50 3.32 -38.26
CA LYS B 619 -43.75 2.25 -38.89
C LYS B 619 -44.57 1.64 -40.04
N GLY B 620 -45.90 1.76 -39.96
CA GLY B 620 -46.83 1.13 -40.91
C GLY B 620 -46.70 -0.39 -40.91
N LYS B 621 -45.73 -0.87 -40.13
CA LYS B 621 -45.27 -2.28 -40.10
C LYS B 621 -45.06 -2.69 -38.63
N ASP B 622 -44.75 -3.98 -38.40
CA ASP B 622 -44.45 -4.45 -37.04
C ASP B 622 -43.09 -3.96 -36.53
N LEU B 623 -42.90 -3.99 -35.22
CA LEU B 623 -41.78 -3.30 -34.59
C LEU B 623 -40.88 -4.20 -33.74
N ALA B 624 -39.56 -3.99 -33.85
CA ALA B 624 -38.56 -4.65 -33.00
C ALA B 624 -37.76 -3.57 -32.23
N PRO B 625 -37.32 -3.88 -30.99
CA PRO B 625 -36.71 -2.89 -30.07
C PRO B 625 -35.56 -2.00 -30.59
N PHE B 626 -34.44 -2.60 -31.01
CA PHE B 626 -33.18 -1.88 -31.34
C PHE B 626 -33.24 -0.81 -32.45
N GLU B 627 -33.96 -1.12 -33.54
CA GLU B 627 -34.14 -0.20 -34.67
C GLU B 627 -35.32 0.75 -34.43
N SER B 628 -36.19 0.40 -33.48
CA SER B 628 -37.37 1.20 -33.14
C SER B 628 -36.96 2.50 -32.46
N PHE B 629 -35.85 2.43 -31.72
CA PHE B 629 -35.21 3.61 -31.16
C PHE B 629 -34.57 4.49 -32.25
N VAL B 630 -33.98 3.86 -33.27
CA VAL B 630 -33.27 4.59 -34.33
C VAL B 630 -34.21 5.24 -35.36
N LEU B 631 -35.45 4.72 -35.47
CA LEU B 631 -36.49 5.26 -36.38
C LEU B 631 -37.02 6.62 -35.89
N ASP B 632 -37.20 6.79 -34.57
CA ASP B 632 -37.47 8.12 -33.98
C ASP B 632 -36.17 8.74 -33.46
N ASN B 633 -35.83 9.91 -33.98
CA ASN B 633 -34.50 10.40 -33.76
C ASN B 633 -34.33 11.32 -32.59
N LYS B 634 -35.26 11.21 -31.65
CA LYS B 634 -35.16 11.95 -30.42
C LYS B 634 -33.80 11.73 -29.79
N PRO B 635 -33.14 12.82 -29.37
CA PRO B 635 -31.88 12.82 -28.60
C PRO B 635 -31.95 11.92 -27.37
N LEU B 636 -30.82 11.36 -26.97
CA LEU B 636 -30.80 10.53 -25.77
C LEU B 636 -31.31 11.28 -24.53
N GLY B 637 -32.21 10.67 -23.80
CA GLY B 637 -32.66 11.27 -22.56
C GLY B 637 -33.84 12.19 -22.76
N PHE B 638 -34.34 12.28 -24.00
CA PHE B 638 -35.54 13.03 -24.34
C PHE B 638 -36.67 12.71 -23.37
N PRO B 639 -37.41 13.72 -22.88
CA PRO B 639 -37.32 15.16 -23.13
C PRO B 639 -36.44 15.91 -22.15
N LEU B 640 -35.51 15.23 -21.50
CA LEU B 640 -34.70 15.87 -20.46
C LEU B 640 -33.22 15.95 -20.83
N ASP B 641 -32.96 16.18 -22.12
CA ASP B 641 -31.60 16.27 -22.63
C ASP B 641 -31.08 17.71 -22.60
N ARG B 642 -31.97 18.68 -22.34
CA ARG B 642 -31.59 20.11 -22.27
C ARG B 642 -32.36 20.80 -21.15
N PRO B 643 -31.96 22.01 -20.75
CA PRO B 643 -32.71 22.78 -19.73
C PRO B 643 -34.20 22.88 -20.00
N VAL B 644 -35.00 22.73 -18.96
CA VAL B 644 -36.45 22.86 -19.10
C VAL B 644 -36.88 24.18 -18.42
N VAL B 645 -37.96 24.78 -18.89
CA VAL B 645 -38.63 25.83 -18.13
C VAL B 645 -39.96 25.24 -17.61
N ASP B 646 -40.11 25.12 -16.29
CA ASP B 646 -41.23 24.38 -15.67
C ASP B 646 -42.58 24.69 -16.36
N ALA B 647 -42.90 25.98 -16.40
CA ALA B 647 -44.17 26.45 -16.94
C ALA B 647 -44.35 26.17 -18.44
N LEU B 648 -43.26 26.19 -19.20
CA LEU B 648 -43.37 25.93 -20.62
C LEU B 648 -43.45 24.42 -20.90
N PHE B 649 -43.18 23.63 -19.85
CA PHE B 649 -42.84 22.22 -20.02
C PHE B 649 -44.00 21.29 -19.77
N LYS B 650 -44.54 21.35 -18.55
CA LYS B 650 -45.60 20.45 -18.10
C LYS B 650 -46.78 20.41 -19.07
N VAL B 651 -47.42 19.24 -19.18
CA VAL B 651 -48.28 18.94 -20.31
C VAL B 651 -49.11 17.70 -19.90
N PRO B 652 -50.24 17.44 -20.58
CA PRO B 652 -51.10 16.34 -20.09
C PRO B 652 -50.54 14.92 -20.26
N ASN B 653 -49.65 14.75 -21.24
CA ASN B 653 -48.95 13.48 -21.42
C ASN B 653 -47.71 13.27 -20.54
N MET B 654 -47.53 14.13 -19.54
CA MET B 654 -46.53 13.96 -18.47
C MET B 654 -47.21 13.61 -17.16
N TYR B 655 -46.50 12.90 -16.27
CA TYR B 655 -46.99 12.66 -14.93
C TYR B 655 -45.84 12.50 -13.95
N PHE B 656 -46.04 13.05 -12.76
CA PHE B 656 -45.05 13.03 -11.68
C PHE B 656 -45.67 12.41 -10.46
N LYS B 657 -45.15 11.29 -10.03
CA LYS B 657 -45.69 10.59 -8.90
C LYS B 657 -44.67 10.64 -7.79
N ASP B 658 -45.06 11.22 -6.66
CA ASP B 658 -44.28 11.00 -5.43
C ASP B 658 -44.25 9.55 -5.08
N ILE B 659 -43.03 9.04 -4.84
CA ILE B 659 -42.80 7.63 -4.46
C ILE B 659 -41.84 7.54 -3.27
N PHE B 660 -41.82 6.36 -2.61
CA PHE B 660 -40.98 6.11 -1.44
C PHE B 660 -40.16 4.81 -1.48
N ILE B 661 -38.84 4.95 -1.36
CA ILE B 661 -37.96 3.78 -1.36
C ILE B 661 -37.67 3.25 0.04
N TYR B 662 -38.31 2.12 0.33
CA TYR B 662 -38.12 1.43 1.57
C TYR B 662 -36.89 0.50 1.47
N HIS B 663 -36.34 0.14 2.63
CA HIS B 663 -35.34 -0.90 2.73
C HIS B 663 -35.79 -1.91 3.75
N GLU B 664 -35.58 -3.18 3.42
CA GLU B 664 -35.98 -4.27 4.30
C GLU B 664 -34.78 -5.11 4.70
N GLY B 665 -34.88 -5.68 5.88
CA GLY B 665 -33.85 -6.54 6.42
C GLY B 665 -32.72 -5.76 7.00
N GLU B 666 -31.64 -6.48 7.23
CA GLU B 666 -30.40 -5.92 7.69
C GLU B 666 -29.92 -4.72 6.85
N ARG B 667 -29.72 -3.60 7.55
CA ARG B 667 -29.33 -2.35 6.96
C ARG B 667 -27.81 -2.21 6.65
N PHE B 668 -26.95 -2.84 7.45
CA PHE B 668 -25.52 -2.69 7.21
C PHE B 668 -24.94 -3.99 6.70
N PRO B 669 -24.26 -3.92 5.55
CA PRO B 669 -23.69 -5.11 4.90
C PRO B 669 -22.77 -5.97 5.79
N TYR B 670 -22.07 -5.38 6.77
CA TYR B 670 -21.13 -6.13 7.61
C TYR B 670 -21.85 -7.16 8.48
N LYS B 671 -23.15 -7.01 8.64
CA LYS B 671 -23.86 -7.88 9.53
C LYS B 671 -24.04 -9.25 8.93
N PHE B 672 -24.05 -9.30 7.60
CA PHE B 672 -23.95 -10.57 6.86
C PHE B 672 -22.65 -11.31 7.06
N ASN B 673 -21.58 -10.58 7.34
CA ASN B 673 -20.23 -11.10 7.35
C ASN B 673 -19.72 -11.44 8.74
N ILE B 674 -20.66 -11.39 9.67
CA ILE B 674 -20.37 -11.64 11.07
C ILE B 674 -20.07 -13.13 11.30
N PRO B 675 -19.03 -13.44 12.09
CA PRO B 675 -18.79 -14.86 12.37
C PRO B 675 -19.85 -15.43 13.31
#